data_7N15
#
_entry.id   7N15
#
_cell.length_a   1.00
_cell.length_b   1.00
_cell.length_c   1.00
_cell.angle_alpha   90.00
_cell.angle_beta   90.00
_cell.angle_gamma   90.00
#
_symmetry.space_group_name_H-M   'P 1'
#
loop_
_entity.id
_entity.type
_entity.pdbx_description
1 polymer 'Cyclic nucleotide-gated cation channel'
2 non-polymer 'CYCLIC GUANOSINE MONOPHOSPHATE'
3 non-polymer 1-PALMITOYL-2-LINOLEOYL-SN-GLYCERO-3-PHOSPHOCHOLINE
4 non-polymer 1,2-DILAUROYL-SN-GLYCERO-3-PHOSPHATE
#
_entity_poly.entity_id   1
_entity_poly.type   'polypeptide(L)'
_entity_poly.pdbx_seq_one_letter_code
;GGGGSMSTAEPAPDPTNPSTSGLAPTTNGIGSPPPTASAATKFSILTKFLRRKNQVHTTTAQQNEFMQKYMPNGNSNAVQ
PAATGGQPASSDGGSAIEVPPPKESYAVRIRKYLANYTQDPSTDNFYYWTCVVTVAYIYNLLFVIARQVFNDLIGPSSQS
LCRFYNGTLNSTTQVECTYNMLTNMKEMPTYSQYPDLGWSKYWHFRMLWVFFDLLMDCVYLIDTFLNYRMGYMDQGLVVR
EAEKVTKAYWQSKQYRIDGISLIPLDYILGWPIPYINWRGLPILRLNRLIRYKRVRNCLERTETRSSMPNAFRVVVVVWY
IVIIIHWNACLYFWISEWIGLGTDAWVYGHLNKQSLPDDITDTLLRRYVYSFYWSTLILTTIGEVPSPVRNIEYAFVTLD
LMCGVLIFATIVGNVGSMISNMSAAWTEFQNKMDGIKQYMELRKVSKQLEIRVIKWFDYLWTNKQSLSDQQVLKVLPDKL
QAEIAMQVHFETLRKVRIFQDCEAGLLAELVLKLQLQVFSPGDFICKKGDIGREMYIVKRGRLQVVDDDGKKVFVTLQEG
SVFGELSILNIAGSKNGNRRTANVRSVGYTDLFVLSKTDLWNALREYPDARKLLLAKGREILKKDNLLDENAPEEQKTVE
EIAEHLNNAVKVLQTRMARLIVEHSSTEGKLMKRIEMLEKHLSRYKALARRQKTMHGVSIDGGDISTDGVDERVRPPRLR
QTKTIDLPTGTESESLLK
;
_entity_poly.pdbx_strand_id   A,B,C,D
#
# COMPACT_ATOMS: atom_id res chain seq x y z
N TYR A 106 -60.22 15.85 12.44
CA TYR A 106 -58.86 16.06 11.94
C TYR A 106 -58.52 15.03 10.88
N ALA A 107 -59.51 14.21 10.54
CA ALA A 107 -59.33 13.18 9.51
C ALA A 107 -59.13 13.80 8.14
N VAL A 108 -59.84 14.90 7.85
CA VAL A 108 -59.64 15.60 6.58
C VAL A 108 -58.31 16.36 6.58
N ARG A 109 -57.84 16.78 7.76
CA ARG A 109 -56.53 17.42 7.88
C ARG A 109 -55.41 16.44 7.55
N ILE A 110 -55.45 15.25 8.15
CA ILE A 110 -54.45 14.20 7.88
C ILE A 110 -54.57 13.70 6.44
N ARG A 111 -55.81 13.59 5.93
CA ARG A 111 -56.05 13.06 4.60
C ARG A 111 -55.56 14.00 3.51
N LYS A 112 -55.87 15.30 3.62
CA LYS A 112 -55.39 16.23 2.61
C LYS A 112 -53.92 16.57 2.78
N TYR A 113 -53.38 16.49 4.01
CA TYR A 113 -51.94 16.69 4.18
C TYR A 113 -51.15 15.54 3.57
N LEU A 114 -51.64 14.31 3.68
CA LEU A 114 -50.96 13.21 2.99
C LEU A 114 -51.34 13.15 1.52
N ALA A 115 -52.41 13.84 1.11
CA ALA A 115 -52.74 13.89 -0.30
C ALA A 115 -51.87 14.71 -1.23
N ASN A 116 -51.35 15.84 -0.77
CA ASN A 116 -50.34 16.60 -1.52
C ASN A 116 -49.04 16.89 -0.64
N TYR A 117 -48.55 15.77 -0.11
CA TYR A 117 -47.32 15.76 0.65
C TYR A 117 -46.36 15.34 -0.46
N THR A 118 -45.15 15.89 -0.42
CA THR A 118 -44.08 15.48 -1.32
C THR A 118 -42.76 15.66 -0.56
N GLN A 119 -41.96 14.60 -0.53
CA GLN A 119 -40.74 14.60 0.28
C GLN A 119 -39.58 15.28 -0.47
N ASP A 120 -38.86 16.14 0.25
CA ASP A 120 -37.58 16.66 -0.22
C ASP A 120 -36.48 15.74 0.24
N PRO A 121 -35.69 15.14 -0.65
CA PRO A 121 -34.66 14.20 -0.20
C PRO A 121 -33.43 14.86 0.40
N SER A 122 -33.28 16.17 0.24
CA SER A 122 -32.09 16.87 0.70
C SER A 122 -32.20 17.40 2.12
N THR A 123 -33.34 17.18 2.79
CA THR A 123 -33.56 17.72 4.13
C THR A 123 -32.78 16.93 5.16
N ASP A 124 -32.63 17.50 6.37
CA ASP A 124 -32.03 16.76 7.48
C ASP A 124 -33.02 15.76 8.06
N ASN A 125 -34.32 16.07 8.03
CA ASN A 125 -35.33 15.17 8.55
C ASN A 125 -35.44 13.90 7.72
N PHE A 126 -35.23 14.01 6.41
CA PHE A 126 -35.16 12.82 5.58
C PHE A 126 -33.91 11.99 5.89
N TYR A 127 -32.80 12.64 6.25
CA TYR A 127 -31.59 11.91 6.64
C TYR A 127 -31.80 11.15 7.95
N TYR A 128 -32.53 11.76 8.89
CA TYR A 128 -32.89 11.05 10.11
C TYR A 128 -33.86 9.90 9.83
N TRP A 129 -34.71 10.06 8.81
CA TRP A 129 -35.55 8.94 8.41
C TRP A 129 -34.75 7.81 7.78
N THR A 130 -33.71 8.13 7.02
CA THR A 130 -32.82 7.10 6.49
C THR A 130 -32.06 6.38 7.60
N CYS A 131 -31.75 7.08 8.69
CA CYS A 131 -31.19 6.42 9.87
C CYS A 131 -32.20 5.48 10.53
N VAL A 132 -33.48 5.85 10.54
CA VAL A 132 -34.53 4.97 11.08
C VAL A 132 -34.68 3.70 10.23
N VAL A 133 -34.64 3.86 8.90
CA VAL A 133 -34.68 2.72 7.99
C VAL A 133 -33.43 1.83 8.12
N THR A 134 -32.28 2.44 8.44
CA THR A 134 -31.06 1.68 8.73
C THR A 134 -31.20 0.84 9.99
N VAL A 135 -31.86 1.39 11.02
CA VAL A 135 -32.11 0.65 12.26
C VAL A 135 -33.05 -0.53 12.00
N ALA A 136 -34.10 -0.32 11.20
CA ALA A 136 -35.03 -1.39 10.84
C ALA A 136 -34.35 -2.48 10.01
N TYR A 137 -33.44 -2.09 9.12
CA TYR A 137 -32.72 -3.05 8.30
C TYR A 137 -31.74 -3.89 9.13
N ILE A 138 -31.09 -3.27 10.12
CA ILE A 138 -30.17 -3.99 10.99
C ILE A 138 -30.92 -4.99 11.85
N TYR A 139 -32.13 -4.60 12.31
CA TYR A 139 -33.05 -5.53 12.99
C TYR A 139 -33.37 -6.74 12.13
N ASN A 140 -33.76 -6.49 10.87
CA ASN A 140 -34.15 -7.56 9.95
C ASN A 140 -33.00 -8.53 9.68
N LEU A 141 -31.79 -7.98 9.48
CA LEU A 141 -30.57 -8.76 9.25
C LEU A 141 -30.30 -9.73 10.39
N LEU A 142 -29.99 -9.16 11.57
CA LEU A 142 -29.57 -9.95 12.73
C LEU A 142 -30.66 -10.90 13.21
N PHE A 143 -31.85 -10.37 13.46
CA PHE A 143 -32.82 -11.19 14.15
C PHE A 143 -33.60 -12.09 13.23
N VAL A 144 -33.57 -11.88 11.90
CA VAL A 144 -34.23 -12.84 11.04
C VAL A 144 -33.36 -14.06 10.81
N ILE A 145 -32.03 -13.87 10.64
CA ILE A 145 -31.21 -15.09 10.53
C ILE A 145 -31.09 -15.79 11.89
N ALA A 146 -31.15 -15.04 13.00
CA ALA A 146 -31.08 -15.65 14.32
C ALA A 146 -32.37 -16.38 14.67
N ARG A 147 -33.52 -15.86 14.24
CA ARG A 147 -34.78 -16.53 14.55
C ARG A 147 -35.02 -17.72 13.65
N GLN A 148 -34.44 -17.73 12.44
CA GLN A 148 -34.52 -18.94 11.62
C GLN A 148 -33.66 -20.05 12.21
N VAL A 149 -32.40 -19.76 12.53
CA VAL A 149 -31.50 -20.81 12.97
C VAL A 149 -31.73 -21.18 14.43
N PHE A 150 -31.61 -20.21 15.34
CA PHE A 150 -31.80 -20.44 16.76
C PHE A 150 -33.27 -20.24 17.07
N ASN A 151 -34.07 -21.29 16.86
CA ASN A 151 -35.52 -21.17 16.90
C ASN A 151 -36.11 -21.16 18.31
N ASP A 152 -35.27 -21.18 19.35
CA ASP A 152 -35.74 -20.93 20.70
C ASP A 152 -35.78 -19.46 21.05
N LEU A 153 -35.51 -18.57 20.10
CA LEU A 153 -35.56 -17.14 20.37
C LEU A 153 -37.00 -16.64 20.45
N ILE A 154 -37.96 -17.41 19.95
CA ILE A 154 -39.37 -17.09 20.09
C ILE A 154 -40.04 -17.97 21.15
N GLY A 155 -39.28 -18.78 21.86
CA GLY A 155 -39.83 -19.85 22.64
C GLY A 155 -39.41 -21.18 22.04
N PRO A 156 -39.08 -22.16 22.88
CA PRO A 156 -38.53 -23.43 22.38
C PRO A 156 -39.44 -24.25 21.48
N SER A 157 -40.76 -24.20 21.68
CA SER A 157 -41.78 -24.84 20.82
C SER A 157 -41.68 -26.36 20.75
N SER A 158 -40.90 -26.98 21.64
CA SER A 158 -40.69 -28.41 21.74
C SER A 158 -40.13 -28.67 23.13
N GLN A 159 -40.50 -29.81 23.69
CA GLN A 159 -40.09 -30.17 25.04
C GLN A 159 -38.86 -31.06 24.97
N SER A 160 -37.76 -30.61 25.58
CA SER A 160 -36.56 -31.42 25.64
C SER A 160 -36.74 -32.57 26.62
N LEU A 161 -36.36 -33.77 26.19
CA LEU A 161 -36.60 -35.00 26.95
C LEU A 161 -35.26 -35.72 27.16
N CYS A 162 -34.66 -35.52 28.33
CA CYS A 162 -33.44 -36.24 28.65
C CYS A 162 -33.75 -37.55 29.36
N ARG A 163 -32.91 -38.55 29.11
CA ARG A 163 -32.97 -39.80 29.85
C ARG A 163 -32.34 -39.61 31.22
N PHE A 164 -33.04 -40.05 32.27
CA PHE A 164 -32.61 -39.77 33.63
C PHE A 164 -32.73 -41.03 34.47
N TYR A 165 -31.60 -41.51 34.98
CA TYR A 165 -31.59 -42.62 35.93
C TYR A 165 -32.10 -42.12 37.27
N ASN A 166 -33.30 -42.54 37.65
CA ASN A 166 -33.92 -42.03 38.86
C ASN A 166 -33.32 -42.71 40.09
N GLY A 167 -33.16 -41.93 41.17
CA GLY A 167 -32.62 -42.46 42.40
C GLY A 167 -33.61 -43.13 43.32
N THR A 168 -34.90 -43.07 42.99
CA THR A 168 -35.95 -43.70 43.79
C THR A 168 -36.45 -44.97 43.14
N LEU A 169 -36.82 -44.91 41.86
CA LEU A 169 -37.34 -46.08 41.15
C LEU A 169 -36.24 -46.96 40.56
N ASN A 170 -34.98 -46.48 40.59
CA ASN A 170 -33.78 -47.19 40.10
C ASN A 170 -33.90 -47.62 38.64
N SER A 171 -34.45 -46.73 37.82
CA SER A 171 -34.65 -47.02 36.40
C SER A 171 -34.59 -45.72 35.62
N THR A 172 -34.30 -45.85 34.32
CA THR A 172 -34.21 -44.68 33.46
C THR A 172 -35.60 -44.27 32.99
N THR A 173 -35.86 -42.96 33.02
CA THR A 173 -37.12 -42.40 32.56
C THR A 173 -36.82 -41.27 31.59
N GLN A 174 -37.75 -41.03 30.66
CA GLN A 174 -37.61 -39.95 29.68
C GLN A 174 -38.40 -38.73 30.15
N VAL A 175 -37.89 -38.11 31.21
CA VAL A 175 -38.53 -36.94 31.79
C VAL A 175 -37.98 -35.69 31.13
N GLU A 176 -38.65 -34.55 31.35
CA GLU A 176 -38.21 -33.28 30.81
C GLU A 176 -36.88 -32.86 31.43
N CYS A 177 -36.00 -32.28 30.60
CA CYS A 177 -34.66 -31.92 31.02
C CYS A 177 -34.67 -30.74 31.99
N THR A 178 -33.84 -30.85 33.02
CA THR A 178 -33.51 -29.78 33.94
C THR A 178 -32.19 -29.20 33.44
N TYR A 179 -31.74 -28.09 34.04
CA TYR A 179 -30.41 -27.57 33.73
C TYR A 179 -29.31 -28.48 34.28
N ASN A 180 -29.62 -29.27 35.30
CA ASN A 180 -28.66 -30.25 35.79
C ASN A 180 -28.58 -31.46 34.87
N MET A 181 -29.62 -31.70 34.08
CA MET A 181 -29.63 -32.82 33.16
C MET A 181 -29.12 -32.44 31.77
N LEU A 182 -29.03 -31.14 31.48
CA LEU A 182 -28.36 -30.69 30.27
C LEU A 182 -26.87 -30.50 30.49
N THR A 183 -26.41 -30.69 31.73
CA THR A 183 -24.99 -30.67 32.04
C THR A 183 -24.45 -32.10 32.04
N ASN A 184 -23.26 -32.28 31.44
CA ASN A 184 -22.54 -33.55 31.35
C ASN A 184 -23.36 -34.65 30.69
N MET A 185 -23.85 -34.36 29.48
CA MET A 185 -24.76 -35.28 28.81
C MET A 185 -24.00 -36.42 28.16
N LYS A 186 -24.57 -37.63 28.27
CA LYS A 186 -24.09 -38.78 27.52
C LYS A 186 -24.74 -38.89 26.16
N GLU A 187 -25.84 -38.16 25.94
CA GLU A 187 -26.53 -38.10 24.66
C GLU A 187 -27.35 -36.83 24.63
N MET A 188 -27.63 -36.36 23.42
CA MET A 188 -28.40 -35.13 23.26
C MET A 188 -29.88 -35.43 23.51
N PRO A 189 -30.65 -34.48 24.03
CA PRO A 189 -32.06 -34.76 24.31
C PRO A 189 -32.92 -34.81 23.06
N THR A 190 -33.94 -35.65 23.11
CA THR A 190 -34.96 -35.66 22.08
C THR A 190 -36.01 -34.59 22.37
N TYR A 191 -36.62 -34.07 21.32
CA TYR A 191 -37.53 -32.94 21.42
C TYR A 191 -38.93 -33.41 21.05
N SER A 192 -39.78 -33.60 22.05
CA SER A 192 -41.18 -33.88 21.80
C SER A 192 -41.91 -32.58 21.51
N GLN A 193 -42.73 -32.59 20.47
CA GLN A 193 -43.39 -31.38 20.00
C GLN A 193 -44.53 -31.00 20.94
N TYR A 194 -44.68 -29.71 21.19
CA TYR A 194 -45.78 -29.21 21.99
C TYR A 194 -47.08 -29.35 21.20
N PRO A 195 -48.23 -29.54 21.86
CA PRO A 195 -49.50 -29.57 21.12
C PRO A 195 -49.90 -28.21 20.59
N ASP A 196 -49.62 -27.14 21.33
CA ASP A 196 -49.90 -25.78 20.91
C ASP A 196 -48.69 -25.07 20.37
N LEU A 197 -47.58 -25.78 20.16
CA LEU A 197 -46.29 -25.27 19.65
C LEU A 197 -45.73 -24.15 20.53
N GLY A 198 -45.93 -24.28 21.84
CA GLY A 198 -45.40 -23.32 22.78
C GLY A 198 -46.13 -22.02 22.86
N TRP A 199 -47.33 -21.93 22.27
CA TRP A 199 -48.08 -20.68 22.27
C TRP A 199 -48.79 -20.40 23.60
N SER A 200 -48.90 -21.39 24.48
CA SER A 200 -49.56 -21.18 25.75
C SER A 200 -48.63 -20.60 26.81
N LYS A 201 -47.32 -20.67 26.60
CA LYS A 201 -46.37 -20.21 27.60
C LYS A 201 -45.26 -19.31 27.06
N TYR A 202 -45.07 -19.22 25.75
CA TYR A 202 -44.14 -18.26 25.17
C TYR A 202 -44.84 -17.23 24.30
N TRP A 203 -46.12 -16.97 24.56
CA TRP A 203 -46.89 -15.99 23.80
C TRP A 203 -46.39 -14.58 24.05
N HIS A 204 -45.83 -14.30 25.24
CA HIS A 204 -45.31 -12.97 25.51
C HIS A 204 -44.05 -12.68 24.69
N PHE A 205 -43.17 -13.68 24.56
CA PHE A 205 -42.00 -13.56 23.69
C PHE A 205 -42.41 -13.44 22.23
N ARG A 206 -43.43 -14.20 21.83
CA ARG A 206 -43.85 -14.14 20.43
C ARG A 206 -44.59 -12.86 20.09
N MET A 207 -45.34 -12.30 21.05
CA MET A 207 -46.00 -11.02 20.79
C MET A 207 -45.01 -9.86 20.85
N LEU A 208 -43.94 -9.98 21.64
CA LEU A 208 -42.87 -8.98 21.60
C LEU A 208 -42.14 -9.02 20.26
N TRP A 209 -41.87 -10.22 19.75
CA TRP A 209 -41.23 -10.37 18.44
C TRP A 209 -42.13 -9.86 17.31
N VAL A 210 -43.43 -10.15 17.36
CA VAL A 210 -44.30 -9.71 16.28
C VAL A 210 -44.62 -8.22 16.42
N PHE A 211 -44.50 -7.64 17.63
CA PHE A 211 -44.60 -6.20 17.78
C PHE A 211 -43.42 -5.49 17.12
N PHE A 212 -42.21 -5.99 17.33
CA PHE A 212 -41.07 -5.36 16.68
C PHE A 212 -41.04 -5.62 15.17
N ASP A 213 -41.58 -6.76 14.73
CA ASP A 213 -41.74 -7.03 13.30
C ASP A 213 -42.74 -6.07 12.66
N LEU A 214 -43.87 -5.83 13.33
CA LEU A 214 -44.86 -4.88 12.82
C LEU A 214 -44.34 -3.46 12.88
N LEU A 215 -43.50 -3.13 13.87
CA LEU A 215 -42.90 -1.80 13.96
C LEU A 215 -41.95 -1.54 12.80
N MET A 216 -41.07 -2.49 12.48
CA MET A 216 -40.17 -2.28 11.35
C MET A 216 -40.90 -2.39 10.01
N ASP A 217 -42.02 -3.12 9.96
CA ASP A 217 -42.80 -3.12 8.73
C ASP A 217 -43.59 -1.83 8.55
N CYS A 218 -43.99 -1.19 9.65
CA CYS A 218 -44.56 0.15 9.56
C CYS A 218 -43.51 1.18 9.14
N VAL A 219 -42.25 1.00 9.58
CA VAL A 219 -41.16 1.83 9.10
C VAL A 219 -40.95 1.65 7.59
N TYR A 220 -41.06 0.40 7.11
CA TYR A 220 -40.97 0.13 5.68
C TYR A 220 -42.17 0.69 4.90
N LEU A 221 -43.36 0.72 5.52
CA LEU A 221 -44.53 1.28 4.86
C LEU A 221 -44.46 2.80 4.75
N ILE A 222 -43.99 3.47 5.81
CA ILE A 222 -43.78 4.91 5.73
C ILE A 222 -42.64 5.24 4.77
N ASP A 223 -41.64 4.35 4.67
CA ASP A 223 -40.55 4.56 3.73
C ASP A 223 -40.99 4.40 2.28
N THR A 224 -41.89 3.45 1.99
CA THR A 224 -42.36 3.36 0.60
C THR A 224 -43.44 4.40 0.29
N PHE A 225 -44.11 4.95 1.30
CA PHE A 225 -44.94 6.13 1.04
C PHE A 225 -44.08 7.35 0.71
N LEU A 226 -42.95 7.52 1.40
CA LEU A 226 -42.04 8.61 1.08
C LEU A 226 -41.36 8.39 -0.27
N ASN A 227 -41.12 7.14 -0.65
CA ASN A 227 -40.67 6.83 -2.00
C ASN A 227 -41.73 7.17 -3.04
N TYR A 228 -43.01 6.96 -2.70
CA TYR A 228 -44.11 7.29 -3.60
C TYR A 228 -44.26 8.78 -3.81
N ARG A 229 -43.85 9.58 -2.82
CA ARG A 229 -43.92 11.04 -2.88
C ARG A 229 -42.53 11.67 -2.81
N MET A 230 -41.57 11.08 -3.51
CA MET A 230 -40.19 11.54 -3.41
C MET A 230 -39.88 12.58 -4.46
N GLY A 231 -39.43 13.75 -4.02
CA GLY A 231 -38.99 14.78 -4.94
C GLY A 231 -37.68 14.42 -5.58
N TYR A 232 -37.46 14.98 -6.77
CA TYR A 232 -36.31 14.62 -7.58
C TYR A 232 -35.76 15.88 -8.23
N MET A 233 -34.45 15.91 -8.42
CA MET A 233 -33.80 17.05 -9.04
C MET A 233 -34.12 17.12 -10.52
N ASP A 234 -34.55 18.29 -10.99
CA ASP A 234 -34.85 18.50 -12.39
C ASP A 234 -33.80 19.40 -13.03
N GLN A 235 -33.61 20.60 -12.50
CA GLN A 235 -32.60 21.54 -12.99
C GLN A 235 -31.87 22.12 -11.78
N GLY A 236 -31.41 21.23 -10.90
CA GLY A 236 -30.82 21.62 -9.65
C GLY A 236 -31.82 21.95 -8.57
N LEU A 237 -33.12 21.83 -8.84
CA LEU A 237 -34.17 22.07 -7.87
C LEU A 237 -35.04 20.83 -7.80
N VAL A 238 -35.59 20.57 -6.62
CA VAL A 238 -36.49 19.43 -6.44
C VAL A 238 -37.86 19.78 -7.01
N VAL A 239 -38.49 18.79 -7.64
CA VAL A 239 -39.89 18.93 -8.03
C VAL A 239 -40.76 18.54 -6.85
N ARG A 240 -41.69 19.40 -6.47
CA ARG A 240 -42.43 19.18 -5.25
C ARG A 240 -43.92 19.42 -5.44
N GLU A 241 -44.47 18.94 -6.55
CA GLU A 241 -45.92 18.73 -6.64
C GLU A 241 -46.16 17.28 -7.00
N ALA A 242 -47.33 16.78 -6.60
CA ALA A 242 -47.54 15.34 -6.42
C ALA A 242 -47.59 14.56 -7.73
N GLU A 243 -48.04 15.20 -8.82
CA GLU A 243 -48.28 14.48 -10.07
C GLU A 243 -46.96 14.06 -10.73
N LYS A 244 -45.98 14.98 -10.77
CA LYS A 244 -44.71 14.70 -11.41
C LYS A 244 -43.88 13.70 -10.61
N VAL A 245 -43.93 13.79 -9.28
CA VAL A 245 -43.15 12.84 -8.48
C VAL A 245 -43.80 11.47 -8.45
N THR A 246 -45.14 11.38 -8.55
CA THR A 246 -45.76 10.07 -8.64
C THR A 246 -45.52 9.42 -9.99
N LYS A 247 -45.53 10.19 -11.08
CA LYS A 247 -45.23 9.60 -12.39
C LYS A 247 -43.75 9.23 -12.52
N ALA A 248 -42.86 10.00 -11.88
CA ALA A 248 -41.45 9.62 -11.85
C ALA A 248 -41.21 8.40 -10.96
N TYR A 249 -42.07 8.19 -9.96
CA TYR A 249 -42.01 6.95 -9.18
C TYR A 249 -42.49 5.76 -9.99
N TRP A 250 -43.54 5.94 -10.78
CA TRP A 250 -44.06 4.82 -11.56
C TRP A 250 -43.18 4.51 -12.76
N GLN A 251 -42.34 5.46 -13.19
CA GLN A 251 -41.44 5.20 -14.32
C GLN A 251 -40.14 4.51 -13.92
N SER A 252 -39.86 4.31 -12.64
CA SER A 252 -38.50 4.00 -12.21
C SER A 252 -38.32 2.62 -11.60
N LYS A 253 -39.38 1.79 -11.54
CA LYS A 253 -39.42 0.42 -11.00
C LYS A 253 -39.08 0.34 -9.51
N GLN A 254 -39.14 1.48 -8.81
CA GLN A 254 -39.03 1.50 -7.36
C GLN A 254 -40.26 0.89 -6.71
N TYR A 255 -41.40 0.89 -7.42
CA TYR A 255 -42.57 0.15 -6.96
C TYR A 255 -42.32 -1.35 -6.99
N ARG A 256 -41.52 -1.83 -7.93
CA ARG A 256 -41.15 -3.24 -7.95
C ARG A 256 -40.20 -3.58 -6.81
N ILE A 257 -39.23 -2.69 -6.54
CA ILE A 257 -38.29 -2.92 -5.44
C ILE A 257 -39.00 -2.83 -4.08
N ASP A 258 -39.95 -1.91 -3.94
CA ASP A 258 -40.70 -1.78 -2.70
C ASP A 258 -41.78 -2.84 -2.55
N GLY A 259 -42.27 -3.40 -3.65
CA GLY A 259 -43.33 -4.39 -3.56
C GLY A 259 -42.82 -5.78 -3.35
N ILE A 260 -41.62 -6.09 -3.86
CA ILE A 260 -40.98 -7.35 -3.48
C ILE A 260 -40.60 -7.31 -2.00
N SER A 261 -40.21 -6.14 -1.50
CA SER A 261 -39.67 -6.03 -0.15
C SER A 261 -40.72 -5.93 0.94
N LEU A 262 -42.01 -5.99 0.61
CA LEU A 262 -43.05 -5.84 1.62
C LEU A 262 -44.10 -6.94 1.54
N ILE A 263 -43.73 -8.08 0.98
CA ILE A 263 -44.65 -9.21 0.90
C ILE A 263 -44.79 -9.82 2.30
N PRO A 264 -46.00 -9.84 2.87
CA PRO A 264 -46.15 -10.36 4.23
C PRO A 264 -46.29 -11.88 4.29
N LEU A 265 -45.35 -12.60 3.70
CA LEU A 265 -45.37 -14.05 3.72
C LEU A 265 -44.96 -14.60 5.08
N ASP A 266 -44.20 -13.82 5.86
CA ASP A 266 -43.77 -14.26 7.18
C ASP A 266 -44.86 -14.09 8.22
N TYR A 267 -45.94 -13.39 7.90
CA TYR A 267 -47.03 -13.29 8.85
C TYR A 267 -47.98 -14.46 8.78
N ILE A 268 -47.92 -15.24 7.69
CA ILE A 268 -48.71 -16.46 7.56
C ILE A 268 -47.85 -17.70 7.69
N LEU A 269 -46.66 -17.70 7.09
CA LEU A 269 -45.83 -18.89 7.09
C LEU A 269 -44.59 -18.78 7.97
N GLY A 270 -44.39 -17.66 8.64
CA GLY A 270 -43.21 -17.50 9.45
C GLY A 270 -43.39 -17.70 10.93
N TRP A 271 -44.52 -18.24 11.36
CA TRP A 271 -44.82 -18.40 12.77
C TRP A 271 -45.34 -19.80 13.02
N PRO A 272 -45.16 -20.35 14.22
CA PRO A 272 -45.67 -21.69 14.51
C PRO A 272 -47.19 -21.72 14.57
N ILE A 273 -47.80 -22.42 13.64
CA ILE A 273 -49.24 -22.62 13.61
C ILE A 273 -49.54 -24.00 14.18
N PRO A 274 -50.24 -24.10 15.31
CA PRO A 274 -50.44 -25.42 15.93
C PRO A 274 -51.48 -26.26 15.22
N TYR A 275 -52.34 -25.66 14.41
CA TYR A 275 -53.45 -26.40 13.81
C TYR A 275 -52.97 -27.29 12.67
N ILE A 276 -52.23 -26.73 11.71
CA ILE A 276 -51.67 -27.52 10.63
C ILE A 276 -50.30 -28.08 10.95
N ASN A 277 -49.84 -27.92 12.21
CA ASN A 277 -48.51 -28.31 12.71
C ASN A 277 -47.39 -27.70 11.86
N TRP A 278 -47.53 -26.44 11.50
CA TRP A 278 -46.50 -25.71 10.76
C TRP A 278 -45.45 -25.24 11.75
N ARG A 279 -44.21 -25.64 11.50
CA ARG A 279 -43.10 -25.36 12.39
C ARG A 279 -42.69 -23.89 12.38
N GLY A 280 -42.96 -23.19 11.29
CA GLY A 280 -42.56 -21.81 11.11
C GLY A 280 -41.33 -21.68 10.23
N LEU A 281 -41.33 -20.63 9.41
CA LEU A 281 -40.20 -20.30 8.54
C LEU A 281 -39.86 -18.83 8.68
N PRO A 282 -39.01 -18.46 9.65
CA PRO A 282 -38.65 -17.04 9.79
C PRO A 282 -37.64 -16.52 8.77
N ILE A 283 -37.25 -17.34 7.79
CA ILE A 283 -36.31 -16.90 6.75
C ILE A 283 -37.01 -16.13 5.63
N LEU A 284 -38.33 -15.96 5.72
CA LEU A 284 -39.08 -15.26 4.70
C LEU A 284 -39.11 -13.73 4.88
N ARG A 285 -38.14 -13.14 5.60
CA ARG A 285 -37.97 -11.70 5.66
C ARG A 285 -36.65 -11.25 5.02
N LEU A 286 -36.05 -12.11 4.20
CA LEU A 286 -34.95 -11.67 3.36
C LEU A 286 -35.44 -10.76 2.24
N ASN A 287 -36.74 -10.80 1.92
CA ASN A 287 -37.31 -9.74 1.11
C ASN A 287 -37.27 -8.40 1.83
N ARG A 288 -37.39 -8.37 3.16
CA ARG A 288 -37.12 -7.12 3.86
C ARG A 288 -35.63 -6.78 3.85
N LEU A 289 -34.77 -7.78 3.67
CA LEU A 289 -33.35 -7.48 3.46
C LEU A 289 -33.01 -6.99 2.06
N ILE A 290 -33.95 -7.06 1.12
CA ILE A 290 -33.69 -6.56 -0.24
C ILE A 290 -33.49 -5.03 -0.28
N ARG A 291 -34.08 -4.28 0.65
CA ARG A 291 -33.95 -2.80 0.66
C ARG A 291 -32.61 -2.35 1.23
N TYR A 292 -31.53 -2.55 0.47
CA TYR A 292 -30.21 -2.18 0.95
C TYR A 292 -29.78 -0.78 0.54
N LYS A 293 -30.43 -0.20 -0.47
CA LYS A 293 -29.90 1.00 -1.11
C LYS A 293 -30.14 2.24 -0.24
N ARG A 294 -31.25 2.24 0.50
CA ARG A 294 -31.51 3.31 1.47
C ARG A 294 -30.50 3.29 2.61
N VAL A 295 -30.09 2.09 3.03
CA VAL A 295 -29.07 1.92 4.06
C VAL A 295 -27.71 2.36 3.57
N ARG A 296 -27.38 2.06 2.30
CA ARG A 296 -26.10 2.47 1.75
C ARG A 296 -26.03 3.98 1.56
N ASN A 297 -27.14 4.60 1.14
CA ASN A 297 -27.17 6.05 1.03
C ASN A 297 -27.16 6.72 2.40
N CYS A 298 -27.74 6.08 3.43
CA CYS A 298 -27.67 6.61 4.78
C CYS A 298 -26.25 6.56 5.33
N LEU A 299 -25.52 5.47 5.07
CA LEU A 299 -24.14 5.39 5.52
C LEU A 299 -23.22 6.35 4.76
N GLU A 300 -23.49 6.57 3.47
CA GLU A 300 -22.70 7.53 2.70
C GLU A 300 -22.99 8.97 3.15
N ARG A 301 -24.26 9.30 3.40
CA ARG A 301 -24.58 10.64 3.88
C ARG A 301 -24.14 10.84 5.32
N THR A 302 -24.04 9.77 6.12
CA THR A 302 -23.52 9.91 7.47
C THR A 302 -22.02 10.09 7.47
N GLU A 303 -21.31 9.43 6.55
CA GLU A 303 -19.87 9.66 6.45
C GLU A 303 -19.55 11.02 5.85
N THR A 304 -20.44 11.55 5.01
CA THR A 304 -20.25 12.90 4.48
C THR A 304 -20.40 13.96 5.57
N ARG A 305 -21.47 13.87 6.34
CA ARG A 305 -21.83 14.90 7.31
C ARG A 305 -21.06 14.81 8.62
N SER A 306 -20.24 13.79 8.81
CA SER A 306 -19.65 13.54 10.13
C SER A 306 -18.46 14.44 10.37
N SER A 307 -18.36 14.93 11.60
CA SER A 307 -17.18 15.64 12.06
C SER A 307 -16.07 14.71 12.50
N MET A 308 -16.40 13.45 12.80
CA MET A 308 -15.43 12.41 13.13
C MET A 308 -15.60 11.30 12.10
N PRO A 309 -14.94 11.41 10.94
CA PRO A 309 -15.19 10.43 9.88
C PRO A 309 -14.51 9.10 10.11
N ASN A 310 -13.31 9.09 10.69
CA ASN A 310 -12.58 7.84 10.87
C ASN A 310 -13.17 7.03 12.03
N ALA A 311 -13.72 7.70 13.03
CA ALA A 311 -14.44 7.01 14.09
C ALA A 311 -15.71 6.35 13.58
N PHE A 312 -16.41 7.03 12.67
CA PHE A 312 -17.58 6.45 12.02
C PHE A 312 -17.20 5.29 11.12
N ARG A 313 -16.06 5.37 10.44
CA ARG A 313 -15.60 4.29 9.59
C ARG A 313 -15.22 3.05 10.40
N VAL A 314 -14.58 3.23 11.56
CA VAL A 314 -14.23 2.05 12.35
C VAL A 314 -15.47 1.49 13.05
N VAL A 315 -16.47 2.32 13.37
CA VAL A 315 -17.72 1.81 13.92
C VAL A 315 -18.49 1.00 12.87
N VAL A 316 -18.48 1.47 11.62
CA VAL A 316 -19.17 0.76 10.54
C VAL A 316 -18.46 -0.55 10.20
N VAL A 317 -17.13 -0.59 10.23
CA VAL A 317 -16.47 -1.85 9.90
C VAL A 317 -16.51 -2.83 11.10
N VAL A 318 -16.62 -2.34 12.34
CA VAL A 318 -16.86 -3.24 13.47
C VAL A 318 -18.27 -3.83 13.39
N TRP A 319 -19.24 -3.04 12.96
CA TRP A 319 -20.59 -3.55 12.71
C TRP A 319 -20.63 -4.57 11.58
N TYR A 320 -19.84 -4.33 10.52
CA TYR A 320 -19.72 -5.29 9.41
C TYR A 320 -19.13 -6.62 9.88
N ILE A 321 -18.09 -6.54 10.70
CA ILE A 321 -17.45 -7.72 11.28
C ILE A 321 -18.41 -8.50 12.15
N VAL A 322 -19.18 -7.81 13.00
CA VAL A 322 -20.12 -8.47 13.91
C VAL A 322 -21.27 -9.12 13.14
N ILE A 323 -21.74 -8.46 12.07
CA ILE A 323 -22.81 -9.02 11.24
C ILE A 323 -22.32 -10.24 10.46
N ILE A 324 -21.07 -10.21 9.98
CA ILE A 324 -20.52 -11.34 9.23
C ILE A 324 -20.26 -12.55 10.13
N ILE A 325 -19.72 -12.31 11.34
CA ILE A 325 -19.47 -13.40 12.28
C ILE A 325 -20.79 -13.95 12.83
N HIS A 326 -21.81 -13.10 12.96
CA HIS A 326 -23.13 -13.55 13.39
C HIS A 326 -23.81 -14.41 12.34
N TRP A 327 -23.69 -14.03 11.07
CA TRP A 327 -24.28 -14.81 9.99
C TRP A 327 -23.55 -16.13 9.80
N ASN A 328 -22.24 -16.15 9.99
CA ASN A 328 -21.51 -17.41 9.92
C ASN A 328 -21.77 -18.28 11.14
N ALA A 329 -22.06 -17.68 12.29
CA ALA A 329 -22.48 -18.43 13.48
C ALA A 329 -23.81 -19.14 13.22
N CYS A 330 -24.72 -18.43 12.56
CA CYS A 330 -26.01 -19.03 12.24
C CYS A 330 -25.87 -20.10 11.16
N LEU A 331 -24.94 -19.93 10.20
CA LEU A 331 -24.67 -20.99 9.23
C LEU A 331 -24.05 -22.22 9.88
N TYR A 332 -23.11 -22.04 10.81
CA TYR A 332 -22.49 -23.16 11.51
C TYR A 332 -23.50 -23.92 12.36
N PHE A 333 -24.38 -23.21 13.07
CA PHE A 333 -25.34 -23.94 13.90
C PHE A 333 -26.46 -24.54 13.05
N TRP A 334 -26.77 -23.96 11.90
CA TRP A 334 -27.76 -24.60 11.03
C TRP A 334 -27.21 -25.87 10.41
N ILE A 335 -25.92 -25.88 10.05
CA ILE A 335 -25.32 -27.10 9.51
C ILE A 335 -25.12 -28.13 10.61
N SER A 336 -24.85 -27.67 11.85
CA SER A 336 -24.74 -28.57 13.00
C SER A 336 -26.06 -29.23 13.34
N GLU A 337 -27.16 -28.49 13.32
CA GLU A 337 -28.45 -29.10 13.62
C GLU A 337 -29.06 -29.81 12.42
N TRP A 338 -28.59 -29.54 11.20
CA TRP A 338 -29.03 -30.28 10.03
C TRP A 338 -28.35 -31.64 9.94
N ILE A 339 -27.04 -31.68 10.22
CA ILE A 339 -26.33 -32.96 10.36
C ILE A 339 -26.87 -33.72 11.56
N GLY A 340 -27.16 -33.02 12.66
CA GLY A 340 -27.69 -33.64 13.84
C GLY A 340 -26.75 -33.36 14.98
N LEU A 341 -27.25 -32.80 16.08
CA LEU A 341 -26.36 -32.34 17.14
C LEU A 341 -25.85 -33.50 17.96
N GLY A 342 -24.56 -33.46 18.29
CA GLY A 342 -23.94 -34.51 19.04
C GLY A 342 -23.66 -35.78 18.27
N THR A 343 -23.69 -35.73 16.94
CA THR A 343 -23.44 -36.93 16.16
C THR A 343 -21.94 -37.16 15.93
N ASP A 344 -21.14 -36.11 15.95
CA ASP A 344 -19.69 -36.26 15.87
C ASP A 344 -19.04 -35.10 16.62
N ALA A 345 -17.72 -35.03 16.52
CA ALA A 345 -16.95 -34.11 17.34
C ALA A 345 -16.77 -32.73 16.70
N TRP A 346 -17.24 -32.53 15.48
CA TRP A 346 -17.19 -31.20 14.88
C TRP A 346 -18.47 -30.43 15.14
N VAL A 347 -19.61 -31.11 15.02
CA VAL A 347 -20.93 -30.55 15.28
C VAL A 347 -21.04 -30.21 16.76
N TYR A 348 -21.74 -29.08 17.06
CA TYR A 348 -22.15 -28.75 18.42
C TYR A 348 -22.87 -29.92 19.07
N GLY A 349 -22.52 -30.20 20.32
CA GLY A 349 -23.15 -31.29 21.03
C GLY A 349 -22.23 -31.78 22.13
N HIS A 350 -22.57 -32.98 22.60
CA HIS A 350 -21.86 -33.55 23.74
C HIS A 350 -20.54 -34.18 23.33
N LEU A 351 -20.40 -34.58 22.07
CA LEU A 351 -19.18 -35.18 21.58
C LEU A 351 -18.12 -34.16 21.20
N ASN A 352 -18.48 -32.88 21.17
CA ASN A 352 -17.55 -31.84 20.74
C ASN A 352 -16.49 -31.57 21.79
N LYS A 353 -16.91 -31.36 23.05
CA LYS A 353 -16.13 -31.15 24.28
C LYS A 353 -15.40 -29.81 24.34
N GLN A 354 -15.43 -29.04 23.25
CA GLN A 354 -15.14 -27.62 23.32
C GLN A 354 -16.44 -26.84 23.44
N SER A 355 -17.48 -27.32 22.78
CA SER A 355 -18.80 -26.72 22.86
C SER A 355 -19.43 -26.98 24.22
N LEU A 356 -19.47 -28.24 24.64
CA LEU A 356 -20.00 -28.62 25.94
C LEU A 356 -18.91 -29.35 26.73
N PRO A 357 -18.07 -28.63 27.47
CA PRO A 357 -17.13 -29.28 28.39
C PRO A 357 -17.80 -29.78 29.66
N ASP A 358 -16.99 -30.23 30.61
CA ASP A 358 -17.50 -30.61 31.91
C ASP A 358 -18.01 -29.39 32.67
N ASP A 359 -19.15 -29.57 33.35
CA ASP A 359 -19.85 -28.57 34.16
C ASP A 359 -20.29 -27.36 33.34
N ILE A 360 -20.76 -27.60 32.12
CA ILE A 360 -21.26 -26.57 31.22
C ILE A 360 -22.64 -27.00 30.73
N THR A 361 -23.64 -26.15 30.96
CA THR A 361 -25.02 -26.46 30.61
C THR A 361 -25.30 -26.11 29.14
N ASP A 362 -26.03 -26.99 28.46
CA ASP A 362 -26.47 -26.76 27.09
C ASP A 362 -27.68 -25.84 27.09
N THR A 363 -27.46 -24.57 26.81
CA THR A 363 -28.52 -23.58 26.73
C THR A 363 -28.50 -22.92 25.35
N LEU A 364 -29.48 -22.04 25.11
CA LEU A 364 -29.51 -21.27 23.87
C LEU A 364 -28.38 -20.25 23.83
N LEU A 365 -28.05 -19.68 24.99
CA LEU A 365 -26.91 -18.77 25.09
C LEU A 365 -25.61 -19.50 24.81
N ARG A 366 -25.49 -20.76 25.25
CA ARG A 366 -24.31 -21.56 24.98
C ARG A 366 -24.18 -21.89 23.50
N ARG A 367 -25.32 -22.12 22.83
CA ARG A 367 -25.34 -22.39 21.39
C ARG A 367 -24.87 -21.19 20.59
N TYR A 368 -25.42 -20.01 20.90
CA TYR A 368 -25.00 -18.80 20.17
C TYR A 368 -23.59 -18.38 20.51
N VAL A 369 -23.17 -18.58 21.77
CA VAL A 369 -21.83 -18.18 22.19
C VAL A 369 -20.76 -19.08 21.57
N TYR A 370 -21.00 -20.39 21.53
CA TYR A 370 -20.04 -21.27 20.88
C TYR A 370 -20.04 -21.09 19.36
N SER A 371 -21.19 -20.79 18.75
CA SER A 371 -21.22 -20.59 17.31
C SER A 371 -20.52 -19.28 16.91
N PHE A 372 -20.68 -18.23 17.72
CA PHE A 372 -19.98 -16.98 17.49
C PHE A 372 -18.48 -17.13 17.68
N TYR A 373 -18.06 -17.93 18.67
CA TYR A 373 -16.63 -18.19 18.88
C TYR A 373 -16.04 -19.02 17.75
N TRP A 374 -16.76 -20.05 17.30
CA TRP A 374 -16.33 -20.88 16.18
C TRP A 374 -16.16 -20.05 14.91
N SER A 375 -17.10 -19.15 14.65
CA SER A 375 -17.00 -18.31 13.47
C SER A 375 -15.92 -17.25 13.61
N THR A 376 -15.64 -16.81 14.84
CA THR A 376 -14.54 -15.89 15.06
C THR A 376 -13.20 -16.57 14.81
N LEU A 377 -13.06 -17.84 15.22
CA LEU A 377 -11.80 -18.53 14.94
C LEU A 377 -11.69 -18.98 13.48
N ILE A 378 -12.80 -19.20 12.80
CA ILE A 378 -12.71 -19.68 11.43
C ILE A 378 -12.52 -18.52 10.45
N LEU A 379 -13.29 -17.44 10.62
CA LEU A 379 -13.19 -16.31 9.70
C LEU A 379 -11.89 -15.53 9.87
N THR A 380 -11.33 -15.49 11.07
CA THR A 380 -10.02 -14.90 11.27
C THR A 380 -8.89 -15.91 11.04
N THR A 381 -9.25 -17.16 10.72
CA THR A 381 -8.34 -18.27 10.39
C THR A 381 -7.30 -18.53 11.48
N ILE A 382 -7.75 -18.47 12.72
CA ILE A 382 -6.97 -19.00 13.82
C ILE A 382 -7.12 -20.51 13.89
N GLY A 383 -8.36 -20.99 13.79
CA GLY A 383 -8.62 -22.39 13.55
C GLY A 383 -8.46 -23.30 14.74
N GLU A 384 -8.59 -22.80 15.96
CA GLU A 384 -8.44 -23.62 17.17
C GLU A 384 -9.80 -24.22 17.56
N VAL A 385 -10.38 -24.91 16.59
CA VAL A 385 -11.70 -25.52 16.67
C VAL A 385 -11.52 -26.98 16.31
N PRO A 386 -12.49 -27.86 16.64
CA PRO A 386 -12.36 -29.27 16.24
C PRO A 386 -12.39 -29.46 14.73
N SER A 387 -11.63 -30.45 14.28
CA SER A 387 -11.50 -30.76 12.86
C SER A 387 -12.81 -31.36 12.35
N PRO A 388 -13.11 -31.22 11.06
CA PRO A 388 -14.30 -31.86 10.51
C PRO A 388 -14.15 -33.37 10.48
N VAL A 389 -15.28 -34.06 10.46
CA VAL A 389 -15.33 -35.51 10.41
C VAL A 389 -15.90 -35.98 9.08
N ARG A 390 -17.15 -35.65 8.81
CA ARG A 390 -17.80 -36.04 7.57
C ARG A 390 -17.36 -35.12 6.44
N ASN A 391 -17.61 -35.57 5.20
CA ASN A 391 -17.13 -34.86 4.02
C ASN A 391 -17.86 -33.55 3.80
N ILE A 392 -19.11 -33.46 4.25
CA ILE A 392 -19.85 -32.21 4.09
C ILE A 392 -19.34 -31.16 5.06
N GLU A 393 -18.82 -31.57 6.22
CA GLU A 393 -18.20 -30.65 7.15
C GLU A 393 -16.84 -30.19 6.66
N TYR A 394 -16.11 -31.07 5.97
CA TYR A 394 -14.86 -30.69 5.33
C TYR A 394 -15.08 -29.68 4.22
N ALA A 395 -16.14 -29.89 3.42
CA ALA A 395 -16.47 -28.96 2.34
C ALA A 395 -16.91 -27.60 2.89
N PHE A 396 -17.72 -27.61 3.95
CA PHE A 396 -18.16 -26.35 4.56
C PHE A 396 -17.03 -25.62 5.24
N VAL A 397 -16.13 -26.34 5.91
CA VAL A 397 -15.02 -25.68 6.60
C VAL A 397 -13.98 -25.18 5.61
N THR A 398 -13.77 -25.89 4.49
CA THR A 398 -12.84 -25.44 3.47
C THR A 398 -13.35 -24.19 2.76
N LEU A 399 -14.65 -24.19 2.38
CA LEU A 399 -15.27 -23.03 1.77
C LEU A 399 -15.35 -21.85 2.73
N ASP A 400 -15.63 -22.11 4.01
CA ASP A 400 -15.81 -21.04 4.98
C ASP A 400 -14.47 -20.46 5.41
N LEU A 401 -13.42 -21.29 5.45
CA LEU A 401 -12.10 -20.79 5.74
C LEU A 401 -11.53 -19.98 4.58
N MET A 402 -11.84 -20.37 3.34
CA MET A 402 -11.37 -19.55 2.22
C MET A 402 -12.14 -18.25 2.09
N CYS A 403 -13.45 -18.28 2.37
CA CYS A 403 -14.22 -17.04 2.51
C CYS A 403 -13.70 -16.18 3.64
N GLY A 404 -13.27 -16.79 4.74
CA GLY A 404 -12.69 -16.04 5.84
C GLY A 404 -11.37 -15.39 5.47
N VAL A 405 -10.52 -16.13 4.75
CA VAL A 405 -9.23 -15.62 4.26
C VAL A 405 -9.45 -14.41 3.35
N LEU A 406 -10.33 -14.54 2.35
CA LEU A 406 -10.51 -13.48 1.37
C LEU A 406 -11.21 -12.26 1.96
N ILE A 407 -12.39 -12.45 2.57
CA ILE A 407 -13.15 -11.28 2.97
C ILE A 407 -12.61 -10.68 4.26
N PHE A 408 -11.94 -11.45 5.11
CA PHE A 408 -11.33 -10.84 6.32
C PHE A 408 -9.98 -10.24 5.99
N ALA A 409 -9.31 -10.68 4.94
CA ALA A 409 -8.12 -9.97 4.48
C ALA A 409 -8.49 -8.62 3.90
N THR A 410 -9.58 -8.58 3.12
CA THR A 410 -10.16 -7.33 2.62
C THR A 410 -10.54 -6.39 3.76
N ILE A 411 -11.23 -6.94 4.78
CA ILE A 411 -11.75 -6.13 5.88
C ILE A 411 -10.67 -5.50 6.74
N VAL A 412 -9.68 -6.26 7.15
CA VAL A 412 -8.58 -5.75 8.04
C VAL A 412 -7.55 -4.97 7.24
N GLY A 413 -7.53 -5.12 5.93
CA GLY A 413 -6.74 -4.23 5.10
C GLY A 413 -7.41 -2.88 5.06
N ASN A 414 -8.75 -2.87 5.00
CA ASN A 414 -9.48 -1.60 5.11
C ASN A 414 -9.35 -0.99 6.50
N VAL A 415 -9.30 -1.82 7.54
CA VAL A 415 -9.13 -1.33 8.92
C VAL A 415 -7.74 -0.73 9.11
N GLY A 416 -6.71 -1.40 8.58
CA GLY A 416 -5.37 -0.87 8.66
C GLY A 416 -5.18 0.41 7.87
N SER A 417 -5.86 0.53 6.72
CA SER A 417 -5.83 1.79 5.98
C SER A 417 -6.57 2.90 6.73
N MET A 418 -7.65 2.54 7.44
CA MET A 418 -8.45 3.55 8.14
C MET A 418 -7.72 4.10 9.36
N ILE A 419 -7.01 3.24 10.09
CA ILE A 419 -6.27 3.73 11.25
C ILE A 419 -4.86 4.16 10.83
N SER A 420 -4.50 3.95 9.57
CA SER A 420 -3.32 4.61 9.04
C SER A 420 -3.61 6.04 8.59
N ASN A 421 -4.80 6.30 8.05
CA ASN A 421 -5.13 7.66 7.62
C ASN A 421 -5.59 8.57 8.76
N MET A 422 -5.61 8.08 10.00
CA MET A 422 -5.84 8.97 11.14
C MET A 422 -4.61 9.82 11.42
N SER A 423 -3.44 9.37 10.92
CA SER A 423 -2.21 10.14 11.06
C SER A 423 -1.50 10.30 9.71
N ALA A 424 -2.23 10.69 8.67
CA ALA A 424 -1.62 10.84 7.35
C ALA A 424 -0.84 12.15 7.24
N ALA A 425 -1.28 13.18 7.96
CA ALA A 425 -0.59 14.46 7.92
C ALA A 425 0.76 14.39 8.61
N TRP A 426 0.81 13.72 9.76
CA TRP A 426 2.08 13.51 10.47
C TRP A 426 3.00 12.59 9.69
N THR A 427 2.45 11.63 8.95
CA THR A 427 3.26 10.73 8.15
C THR A 427 3.86 11.46 6.95
N GLU A 428 3.07 12.31 6.28
CA GLU A 428 3.60 13.09 5.16
C GLU A 428 4.62 14.13 5.62
N PHE A 429 4.36 14.76 6.77
CA PHE A 429 5.28 15.69 7.39
C PHE A 429 6.64 15.09 7.74
N GLN A 430 6.61 13.89 8.28
CA GLN A 430 7.83 13.20 8.70
C GLN A 430 8.50 12.54 7.52
N ASN A 431 7.82 12.30 6.41
CA ASN A 431 8.45 11.80 5.19
C ASN A 431 9.21 12.95 4.54
N LYS A 432 8.61 14.15 4.53
CA LYS A 432 9.30 15.34 4.05
C LYS A 432 10.52 15.66 4.92
N MET A 433 10.38 15.57 6.24
CA MET A 433 11.51 15.90 7.11
C MET A 433 12.58 14.81 7.07
N ASP A 434 12.20 13.55 6.81
CA ASP A 434 13.20 12.50 6.59
C ASP A 434 13.97 12.74 5.31
N GLY A 435 13.30 13.24 4.26
CA GLY A 435 14.01 13.63 3.06
C GLY A 435 15.00 14.77 3.27
N ILE A 436 14.57 15.81 4.01
CA ILE A 436 15.45 16.95 4.30
C ILE A 436 16.63 16.52 5.17
N LYS A 437 16.36 15.67 6.17
CA LYS A 437 17.42 15.22 7.07
C LYS A 437 18.40 14.28 6.40
N GLN A 438 17.94 13.45 5.46
CA GLN A 438 18.86 12.58 4.75
C GLN A 438 19.69 13.37 3.74
N TYR A 439 19.10 14.40 3.13
CA TYR A 439 19.87 15.30 2.27
C TYR A 439 20.90 16.08 3.05
N MET A 440 20.58 16.51 4.26
CA MET A 440 21.55 17.25 5.06
C MET A 440 22.60 16.36 5.69
N GLU A 441 22.27 15.08 5.91
CA GLU A 441 23.28 14.17 6.43
C GLU A 441 24.24 13.73 5.34
N LEU A 442 23.75 13.60 4.10
CA LEU A 442 24.62 13.22 2.99
C LEU A 442 25.53 14.35 2.54
N ARG A 443 25.10 15.61 2.65
CA ARG A 443 25.80 16.72 2.02
C ARG A 443 26.68 17.51 2.96
N LYS A 444 26.79 17.08 4.23
CA LYS A 444 27.66 17.68 5.27
C LYS A 444 27.29 19.15 5.52
N VAL A 445 26.00 19.42 5.64
CA VAL A 445 25.52 20.77 5.90
C VAL A 445 25.82 21.12 7.35
N SER A 446 26.03 22.41 7.61
CA SER A 446 26.43 22.92 8.93
C SER A 446 25.34 22.65 9.97
N LYS A 447 25.78 22.51 11.22
CA LYS A 447 24.88 22.12 12.30
C LYS A 447 23.95 23.26 12.71
N GLN A 448 24.39 24.52 12.58
CA GLN A 448 23.54 25.67 12.82
C GLN A 448 22.38 25.71 11.84
N LEU A 449 22.65 25.43 10.57
CA LEU A 449 21.59 25.42 9.56
C LEU A 449 20.71 24.19 9.69
N GLU A 450 21.26 23.08 10.20
CA GLU A 450 20.46 21.88 10.46
C GLU A 450 19.46 22.12 11.58
N ILE A 451 19.91 22.71 12.68
CA ILE A 451 18.97 22.99 13.76
C ILE A 451 18.05 24.16 13.42
N ARG A 452 18.43 25.03 12.48
CA ARG A 452 17.50 26.04 11.98
C ARG A 452 16.36 25.41 11.18
N VAL A 453 16.68 24.42 10.34
CA VAL A 453 15.65 23.72 9.57
C VAL A 453 14.76 22.88 10.49
N ILE A 454 15.37 22.24 11.51
CA ILE A 454 14.62 21.41 12.46
C ILE A 454 13.70 22.25 13.32
N LYS A 455 14.16 23.44 13.74
CA LYS A 455 13.30 24.34 14.50
C LYS A 455 12.20 24.97 13.63
N TRP A 456 12.46 25.15 12.34
CA TRP A 456 11.41 25.58 11.41
C TRP A 456 10.32 24.52 11.28
N PHE A 457 10.71 23.25 11.20
CA PHE A 457 9.74 22.17 11.15
C PHE A 457 8.99 22.00 12.47
N ASP A 458 9.66 22.25 13.60
CA ASP A 458 8.99 22.25 14.91
C ASP A 458 7.96 23.36 15.00
N TYR A 459 8.25 24.53 14.43
CA TYR A 459 7.26 25.61 14.42
C TYR A 459 6.09 25.28 13.49
N LEU A 460 6.36 24.62 12.36
CA LEU A 460 5.26 24.31 11.45
C LEU A 460 4.39 23.18 11.98
N TRP A 461 4.91 22.29 12.82
CA TRP A 461 4.02 21.31 13.41
C TRP A 461 3.35 21.79 14.68
N THR A 462 4.01 22.64 15.47
CA THR A 462 3.42 23.13 16.70
C THR A 462 2.28 24.10 16.42
N ASN A 463 2.43 24.93 15.38
CA ASN A 463 1.43 25.93 15.05
C ASN A 463 0.51 25.53 13.91
N LYS A 464 0.73 24.34 13.32
CA LYS A 464 -0.09 23.73 12.26
C LYS A 464 -0.22 24.62 11.04
N GLN A 465 0.85 25.35 10.71
CA GLN A 465 0.87 26.26 9.57
C GLN A 465 1.46 25.63 8.32
N SER A 466 1.27 24.32 8.15
CA SER A 466 1.67 23.66 6.93
C SER A 466 0.77 24.07 5.77
N LEU A 467 1.21 23.80 4.54
CA LEU A 467 0.45 24.22 3.37
C LEU A 467 -0.78 23.34 3.21
N SER A 468 -1.87 23.74 3.88
CA SER A 468 -3.13 23.02 3.86
C SER A 468 -4.09 23.56 2.82
N ASP A 469 -3.73 24.63 2.12
CA ASP A 469 -4.58 25.19 1.08
C ASP A 469 -4.49 24.46 -0.25
N GLN A 470 -3.67 23.41 -0.34
CA GLN A 470 -3.65 22.54 -1.52
C GLN A 470 -4.98 21.79 -1.66
N GLN A 471 -5.61 21.45 -0.53
CA GLN A 471 -6.87 20.72 -0.51
C GLN A 471 -8.00 21.55 -1.12
N VAL A 472 -8.22 22.75 -0.58
CA VAL A 472 -9.20 23.66 -1.15
C VAL A 472 -8.80 24.12 -2.54
N LEU A 473 -7.49 24.15 -2.82
CA LEU A 473 -6.99 24.61 -4.12
C LEU A 473 -7.33 23.65 -5.25
N LYS A 474 -7.17 22.35 -5.03
CA LYS A 474 -7.40 21.41 -6.12
C LYS A 474 -8.69 20.61 -5.94
N VAL A 475 -9.56 20.97 -5.00
CA VAL A 475 -10.90 20.38 -4.93
C VAL A 475 -12.00 21.42 -5.13
N LEU A 476 -11.93 22.55 -4.46
CA LEU A 476 -13.08 23.43 -4.30
C LEU A 476 -13.16 24.47 -5.41
N PRO A 477 -14.35 25.01 -5.70
CA PRO A 477 -14.44 26.10 -6.68
C PRO A 477 -13.91 27.41 -6.09
N ASP A 478 -13.53 28.31 -7.00
CA ASP A 478 -12.82 29.53 -6.60
C ASP A 478 -13.75 30.52 -5.91
N LYS A 479 -15.06 30.34 -6.07
CA LYS A 479 -16.02 31.19 -5.33
C LYS A 479 -16.12 30.70 -3.90
N LEU A 480 -16.06 29.39 -3.68
CA LEU A 480 -16.02 28.83 -2.34
C LEU A 480 -14.63 28.96 -1.71
N GLN A 481 -13.57 28.89 -2.52
CA GLN A 481 -12.22 29.13 -2.03
C GLN A 481 -12.04 30.55 -1.56
N ALA A 482 -12.53 31.53 -2.32
CA ALA A 482 -12.41 32.92 -1.93
C ALA A 482 -13.26 33.25 -0.72
N GLU A 483 -14.42 32.59 -0.59
CA GLU A 483 -15.25 32.80 0.60
C GLU A 483 -14.64 32.19 1.85
N ILE A 484 -14.00 31.03 1.72
CA ILE A 484 -13.30 30.43 2.86
C ILE A 484 -12.07 31.26 3.23
N ALA A 485 -11.31 31.73 2.24
CA ALA A 485 -10.10 32.49 2.51
C ALA A 485 -10.40 33.89 3.06
N MET A 486 -11.52 34.49 2.67
CA MET A 486 -11.93 35.74 3.29
C MET A 486 -12.65 35.51 4.62
N GLN A 487 -13.10 34.28 4.88
CA GLN A 487 -13.63 33.95 6.19
C GLN A 487 -12.51 33.79 7.22
N VAL A 488 -11.44 33.09 6.84
CA VAL A 488 -10.38 32.72 7.77
C VAL A 488 -9.52 33.94 8.12
N HIS A 489 -9.09 34.69 7.11
CA HIS A 489 -8.18 35.81 7.28
C HIS A 489 -8.92 37.14 7.37
N PHE A 490 -10.11 37.17 7.99
CA PHE A 490 -10.90 38.39 8.01
C PHE A 490 -10.30 39.42 8.96
N GLU A 491 -9.81 38.98 10.13
CA GLU A 491 -9.18 39.89 11.07
C GLU A 491 -7.81 40.36 10.59
N THR A 492 -7.15 39.59 9.72
CA THR A 492 -5.88 40.03 9.16
C THR A 492 -6.11 41.00 8.01
N LEU A 493 -7.01 40.66 7.09
CA LEU A 493 -7.26 41.49 5.92
C LEU A 493 -8.19 42.66 6.21
N ARG A 494 -8.70 42.78 7.43
CA ARG A 494 -9.39 44.00 7.85
C ARG A 494 -8.39 45.08 8.25
N LYS A 495 -7.14 44.71 8.53
CA LYS A 495 -6.10 45.67 8.87
C LYS A 495 -5.31 46.17 7.67
N VAL A 496 -5.59 45.66 6.48
CA VAL A 496 -4.80 45.97 5.30
C VAL A 496 -5.37 47.20 4.62
N ARG A 497 -4.54 48.23 4.47
CA ARG A 497 -5.00 49.52 3.98
C ARG A 497 -5.20 49.55 2.47
N ILE A 498 -4.55 48.67 1.71
CA ILE A 498 -4.82 48.63 0.28
C ILE A 498 -6.11 47.86 -0.02
N PHE A 499 -6.64 47.11 0.95
CA PHE A 499 -7.86 46.35 0.78
C PHE A 499 -9.06 47.05 1.39
N GLN A 500 -8.88 47.76 2.50
CA GLN A 500 -10.02 48.37 3.18
C GLN A 500 -10.27 49.81 2.77
N ASP A 501 -9.38 50.43 2.00
CA ASP A 501 -9.58 51.80 1.52
C ASP A 501 -9.90 51.82 0.04
N CYS A 502 -10.37 50.69 -0.49
CA CYS A 502 -10.57 50.53 -1.92
C CYS A 502 -11.76 49.61 -2.15
N GLU A 503 -11.88 49.09 -3.37
CA GLU A 503 -13.02 48.27 -3.75
C GLU A 503 -12.84 46.83 -3.30
N ALA A 504 -13.96 46.13 -3.09
CA ALA A 504 -13.92 44.75 -2.62
C ALA A 504 -13.55 43.77 -3.72
N GLY A 505 -13.64 44.20 -4.98
CA GLY A 505 -13.25 43.32 -6.08
C GLY A 505 -11.75 43.08 -6.13
N LEU A 506 -10.96 44.04 -5.62
CA LEU A 506 -9.51 43.87 -5.54
C LEU A 506 -9.14 42.78 -4.54
N LEU A 507 -9.78 42.79 -3.36
CA LEU A 507 -9.53 41.75 -2.37
C LEU A 507 -10.05 40.39 -2.84
N ALA A 508 -11.21 40.39 -3.52
CA ALA A 508 -11.76 39.15 -4.05
C ALA A 508 -10.90 38.57 -5.17
N GLU A 509 -10.22 39.44 -5.93
CA GLU A 509 -9.27 38.98 -6.93
C GLU A 509 -8.01 38.46 -6.30
N LEU A 510 -7.46 39.20 -5.33
CA LEU A 510 -6.12 38.94 -4.83
C LEU A 510 -6.07 37.90 -3.72
N VAL A 511 -7.21 37.51 -3.14
CA VAL A 511 -7.16 36.69 -1.93
C VAL A 511 -6.79 35.24 -2.24
N LEU A 512 -6.90 34.83 -3.50
CA LEU A 512 -6.47 33.49 -3.87
C LEU A 512 -5.04 33.43 -4.36
N LYS A 513 -4.47 34.58 -4.73
CA LYS A 513 -3.09 34.64 -5.19
C LYS A 513 -2.10 34.91 -4.07
N LEU A 514 -2.57 35.02 -2.83
CA LEU A 514 -1.69 35.18 -1.69
C LEU A 514 -1.23 33.82 -1.18
N GLN A 515 0.07 33.71 -0.94
CA GLN A 515 0.67 32.48 -0.44
C GLN A 515 1.26 32.71 0.94
N LEU A 516 1.02 31.78 1.85
CA LEU A 516 1.53 31.88 3.21
C LEU A 516 2.92 31.26 3.29
N GLN A 517 3.89 32.05 3.72
CA GLN A 517 5.26 31.61 3.87
C GLN A 517 5.73 31.94 5.27
N VAL A 518 6.35 30.95 5.93
CA VAL A 518 6.78 31.07 7.31
C VAL A 518 8.28 31.32 7.35
N PHE A 519 8.69 32.36 8.06
CA PHE A 519 10.09 32.75 8.14
C PHE A 519 10.61 32.57 9.55
N SER A 520 11.89 32.22 9.65
CA SER A 520 12.53 31.98 10.94
C SER A 520 12.81 33.32 11.65
N PRO A 521 13.09 33.31 12.96
CA PRO A 521 13.52 34.55 13.60
C PRO A 521 14.92 34.95 13.18
N GLY A 522 15.09 36.25 12.95
CA GLY A 522 16.34 36.77 12.45
C GLY A 522 16.51 36.67 10.94
N ASP A 523 15.52 36.14 10.23
CA ASP A 523 15.61 36.04 8.78
C ASP A 523 15.44 37.40 8.13
N PHE A 524 16.21 37.63 7.08
CA PHE A 524 16.09 38.83 6.26
C PHE A 524 15.15 38.51 5.12
N ILE A 525 13.91 39.01 5.21
CA ILE A 525 12.96 38.85 4.13
C ILE A 525 13.35 39.72 2.94
N CYS A 526 13.74 40.97 3.20
CA CYS A 526 14.21 41.89 2.18
C CYS A 526 15.51 42.53 2.67
N LYS A 527 16.47 42.67 1.76
CA LYS A 527 17.59 43.58 2.01
C LYS A 527 18.00 44.22 0.70
N LYS A 528 18.75 45.32 0.81
CA LYS A 528 18.88 46.33 -0.25
C LYS A 528 19.58 45.81 -1.51
N GLY A 529 20.50 44.86 -1.38
CA GLY A 529 21.18 44.36 -2.56
C GLY A 529 20.33 43.42 -3.40
N ASP A 530 19.36 42.77 -2.79
CA ASP A 530 18.52 41.80 -3.49
C ASP A 530 17.51 42.52 -4.37
N ILE A 531 17.07 41.82 -5.40
CA ILE A 531 16.02 42.31 -6.27
C ILE A 531 14.69 41.76 -5.77
N GLY A 532 13.60 42.45 -6.08
CA GLY A 532 12.32 42.07 -5.55
C GLY A 532 11.29 41.71 -6.60
N ARG A 533 10.74 40.51 -6.48
CA ARG A 533 9.69 40.02 -7.35
C ARG A 533 8.35 39.88 -6.63
N GLU A 534 8.29 40.21 -5.35
CA GLU A 534 7.15 39.89 -4.51
C GLU A 534 6.87 41.03 -3.54
N MET A 535 5.62 41.12 -3.09
CA MET A 535 5.25 41.91 -1.93
C MET A 535 4.77 41.00 -0.82
N TYR A 536 4.69 41.56 0.38
CA TYR A 536 4.40 40.78 1.58
C TYR A 536 3.38 41.50 2.43
N ILE A 537 2.36 40.77 2.88
CA ILE A 537 1.40 41.25 3.86
C ILE A 537 1.53 40.36 5.08
N VAL A 538 1.60 40.97 6.26
CA VAL A 538 1.93 40.23 7.48
C VAL A 538 0.67 39.54 8.00
N LYS A 539 0.68 38.21 7.98
CA LYS A 539 -0.40 37.43 8.58
C LYS A 539 -0.20 37.29 10.08
N ARG A 540 0.99 36.90 10.50
CA ARG A 540 1.35 36.84 11.91
C ARG A 540 2.78 37.31 12.03
N GLY A 541 3.17 37.69 13.23
CA GLY A 541 4.55 37.98 13.50
C GLY A 541 4.85 39.47 13.57
N ARG A 542 6.08 39.76 13.98
CA ARG A 542 6.59 41.13 14.07
C ARG A 542 7.88 41.22 13.30
N LEU A 543 8.07 42.33 12.59
CA LEU A 543 9.28 42.56 11.81
C LEU A 543 9.87 43.91 12.18
N GLN A 544 11.08 44.16 11.69
CA GLN A 544 11.78 45.39 11.99
C GLN A 544 12.54 45.85 10.75
N VAL A 545 12.43 47.14 10.43
CA VAL A 545 13.17 47.73 9.33
C VAL A 545 14.50 48.23 9.88
N VAL A 546 15.59 47.56 9.52
CA VAL A 546 16.89 47.81 10.12
C VAL A 546 17.87 48.37 9.10
N ASP A 547 19.07 48.71 9.55
CA ASP A 547 20.14 49.15 8.67
C ASP A 547 21.02 47.97 8.28
N ASP A 548 22.14 48.27 7.63
CA ASP A 548 23.06 47.21 7.21
C ASP A 548 23.86 46.67 8.39
N ASP A 549 23.99 47.44 9.46
CA ASP A 549 24.64 46.90 10.65
C ASP A 549 23.72 45.97 11.43
N GLY A 550 22.41 46.11 11.23
CA GLY A 550 21.43 45.30 11.92
C GLY A 550 21.08 45.77 13.32
N LYS A 551 21.58 46.93 13.74
CA LYS A 551 21.34 47.43 15.08
C LYS A 551 20.25 48.49 15.09
N LYS A 552 20.36 49.53 14.25
CA LYS A 552 19.42 50.63 14.29
C LYS A 552 18.11 50.26 13.60
N VAL A 553 17.01 50.39 14.33
CA VAL A 553 15.68 50.04 13.84
C VAL A 553 14.92 51.33 13.55
N PHE A 554 14.32 51.41 12.36
CA PHE A 554 13.55 52.59 11.97
C PHE A 554 12.09 52.46 12.37
N VAL A 555 11.43 51.42 11.89
CA VAL A 555 10.01 51.22 12.14
C VAL A 555 9.74 49.71 12.21
N THR A 556 8.87 49.31 13.12
CA THR A 556 8.47 47.92 13.23
C THR A 556 7.22 47.65 12.42
N LEU A 557 7.04 46.40 12.03
CA LEU A 557 5.91 45.98 11.20
C LEU A 557 5.14 44.91 11.95
N GLN A 558 3.84 45.14 12.13
CA GLN A 558 2.96 44.29 12.90
C GLN A 558 2.01 43.57 11.93
N GLU A 559 1.03 42.87 12.48
CA GLU A 559 0.05 42.14 11.68
C GLU A 559 -0.82 43.08 10.86
N GLY A 560 -0.92 42.80 9.57
CA GLY A 560 -1.66 43.64 8.64
C GLY A 560 -0.82 44.68 7.93
N SER A 561 0.47 44.77 8.23
CA SER A 561 1.32 45.74 7.56
C SER A 561 1.65 45.27 6.14
N VAL A 562 1.82 46.24 5.25
CA VAL A 562 2.12 46.00 3.85
C VAL A 562 3.53 46.51 3.59
N PHE A 563 4.39 45.64 3.08
CA PHE A 563 5.75 46.03 2.75
C PHE A 563 6.22 45.20 1.57
N GLY A 564 7.32 45.62 0.97
CA GLY A 564 7.86 44.94 -0.18
C GLY A 564 7.30 45.38 -1.51
N GLU A 565 6.50 46.45 -1.54
CA GLU A 565 5.88 46.87 -2.78
C GLU A 565 6.69 47.88 -3.56
N LEU A 566 7.72 48.49 -2.95
CA LEU A 566 8.49 49.53 -3.62
C LEU A 566 9.33 48.98 -4.77
N SER A 567 9.73 47.72 -4.68
CA SER A 567 10.55 47.13 -5.73
C SER A 567 9.71 46.75 -6.94
N ILE A 568 8.44 46.39 -6.74
CA ILE A 568 7.65 45.83 -7.83
C ILE A 568 6.72 46.87 -8.43
N LEU A 569 6.39 47.91 -7.66
CA LEU A 569 5.82 49.10 -8.29
C LEU A 569 6.92 49.84 -9.03
N ASN A 570 6.58 50.37 -10.20
CA ASN A 570 7.55 50.97 -11.11
C ASN A 570 7.45 52.48 -10.99
N ILE A 571 8.29 53.05 -10.12
CA ILE A 571 8.41 54.49 -9.98
C ILE A 571 9.76 54.92 -10.54
N ALA A 572 9.74 55.84 -11.51
CA ALA A 572 10.96 56.35 -12.11
C ALA A 572 11.55 57.55 -11.39
N GLY A 573 11.03 57.90 -10.21
CA GLY A 573 11.46 59.06 -9.46
C GLY A 573 12.67 58.88 -8.58
N SER A 574 13.11 57.65 -8.34
CA SER A 574 14.26 57.41 -7.47
C SER A 574 15.24 56.47 -8.16
N LYS A 575 16.38 56.29 -7.52
CA LYS A 575 17.53 55.63 -8.13
C LYS A 575 17.45 54.11 -8.11
N ASN A 576 16.56 53.54 -7.29
CA ASN A 576 16.57 52.10 -7.06
C ASN A 576 15.93 51.31 -8.19
N GLY A 577 14.65 51.55 -8.42
CA GLY A 577 13.92 50.78 -9.41
C GLY A 577 13.51 49.40 -8.92
N ASN A 578 14.21 48.37 -9.37
CA ASN A 578 13.88 47.01 -8.99
C ASN A 578 14.53 46.61 -7.68
N ARG A 579 15.40 47.45 -7.11
CA ARG A 579 16.09 47.13 -5.88
C ARG A 579 15.17 47.31 -4.67
N ARG A 580 15.46 46.55 -3.61
CA ARG A 580 14.84 46.81 -2.32
C ARG A 580 15.44 48.07 -1.72
N THR A 581 14.58 48.88 -1.10
CA THR A 581 15.04 50.15 -0.53
C THR A 581 15.36 50.06 0.94
N ALA A 582 15.08 48.94 1.60
CA ALA A 582 15.29 48.83 3.03
C ALA A 582 15.57 47.39 3.40
N ASN A 583 16.05 47.20 4.63
CA ASN A 583 16.37 45.89 5.20
C ASN A 583 15.29 45.56 6.23
N VAL A 584 14.38 44.66 5.88
CA VAL A 584 13.45 44.15 6.89
C VAL A 584 13.97 42.83 7.46
N ARG A 585 13.61 42.58 8.70
CA ARG A 585 14.16 41.44 9.42
C ARG A 585 13.10 40.92 10.39
N SER A 586 12.89 39.62 10.37
CA SER A 586 11.89 39.02 11.23
C SER A 586 12.39 38.94 12.67
N VAL A 587 11.54 39.38 13.59
CA VAL A 587 11.90 39.38 15.01
C VAL A 587 11.74 37.96 15.55
N GLY A 588 10.52 37.44 15.47
CA GLY A 588 10.24 36.05 15.75
C GLY A 588 9.90 35.28 14.49
N TYR A 589 9.11 34.24 14.66
CA TYR A 589 8.58 33.54 13.50
C TYR A 589 7.47 34.37 12.86
N THR A 590 7.47 34.42 11.54
CA THR A 590 6.62 35.37 10.82
C THR A 590 5.93 34.68 9.67
N ASP A 591 4.60 34.67 9.69
CA ASP A 591 3.84 34.28 8.51
C ASP A 591 3.57 35.50 7.64
N LEU A 592 3.69 35.33 6.33
CA LEU A 592 3.55 36.45 5.41
C LEU A 592 2.68 36.06 4.23
N PHE A 593 1.82 36.98 3.80
CA PHE A 593 1.00 36.79 2.60
C PHE A 593 1.80 37.29 1.41
N VAL A 594 2.47 36.36 0.74
CA VAL A 594 3.29 36.72 -0.40
C VAL A 594 2.43 36.83 -1.65
N LEU A 595 2.72 37.85 -2.46
CA LEU A 595 1.98 38.13 -3.68
C LEU A 595 2.97 38.52 -4.76
N SER A 596 2.85 37.89 -5.92
CA SER A 596 3.79 38.08 -7.01
C SER A 596 3.64 39.46 -7.63
N LYS A 597 4.67 39.86 -8.41
CA LYS A 597 4.62 41.11 -9.14
C LYS A 597 3.58 41.05 -10.25
N THR A 598 3.47 39.88 -10.90
CA THR A 598 2.54 39.70 -12.01
C THR A 598 1.08 39.72 -11.54
N ASP A 599 0.77 39.06 -10.42
CA ASP A 599 -0.61 39.00 -9.94
C ASP A 599 -1.07 40.34 -9.39
N LEU A 600 -0.16 41.04 -8.69
CA LEU A 600 -0.42 42.40 -8.25
C LEU A 600 -0.64 43.33 -9.42
N TRP A 601 0.17 43.23 -10.48
CA TRP A 601 -0.02 44.16 -11.58
C TRP A 601 -1.18 43.79 -12.47
N ASN A 602 -1.63 42.53 -12.46
CA ASN A 602 -2.92 42.18 -13.05
C ASN A 602 -4.07 42.88 -12.32
N ALA A 603 -4.12 42.74 -10.99
CA ALA A 603 -5.20 43.35 -10.23
C ALA A 603 -5.06 44.88 -10.15
N LEU A 604 -3.88 45.43 -10.42
CA LEU A 604 -3.73 46.87 -10.46
C LEU A 604 -4.01 47.45 -11.83
N ARG A 605 -3.80 46.70 -12.91
CA ARG A 605 -4.24 47.14 -14.21
C ARG A 605 -5.75 47.06 -14.34
N GLU A 606 -6.39 46.13 -13.63
CA GLU A 606 -7.85 46.10 -13.68
C GLU A 606 -8.47 47.13 -12.73
N TYR A 607 -7.89 47.33 -11.56
CA TYR A 607 -8.43 48.27 -10.57
C TYR A 607 -7.51 49.48 -10.43
N PRO A 608 -7.92 50.66 -10.90
CA PRO A 608 -6.99 51.79 -10.97
C PRO A 608 -6.81 52.58 -9.68
N ASP A 609 -7.80 52.54 -8.80
CA ASP A 609 -7.75 53.36 -7.59
C ASP A 609 -6.76 52.80 -6.58
N ALA A 610 -6.66 51.47 -6.49
CA ALA A 610 -5.63 50.85 -5.66
C ALA A 610 -4.24 51.10 -6.22
N ARG A 611 -4.11 51.19 -7.55
CA ARG A 611 -2.85 51.57 -8.17
C ARG A 611 -2.47 53.01 -7.82
N LYS A 612 -3.46 53.90 -7.79
CA LYS A 612 -3.19 55.30 -7.44
C LYS A 612 -2.78 55.44 -5.98
N LEU A 613 -3.45 54.73 -5.08
CA LEU A 613 -3.06 54.76 -3.66
C LEU A 613 -1.69 54.12 -3.42
N LEU A 614 -1.39 53.02 -4.11
CA LEU A 614 -0.11 52.34 -3.92
C LEU A 614 1.05 53.17 -4.44
N LEU A 615 0.93 53.74 -5.65
CA LEU A 615 2.00 54.58 -6.18
C LEU A 615 2.09 55.92 -5.44
N ALA A 616 0.98 56.41 -4.88
CA ALA A 616 1.01 57.65 -4.12
C ALA A 616 1.77 57.48 -2.81
N LYS A 617 1.45 56.44 -2.02
CA LYS A 617 2.17 56.25 -0.77
C LYS A 617 3.59 55.72 -1.01
N GLY A 618 3.83 55.04 -2.14
CA GLY A 618 5.18 54.60 -2.45
C GLY A 618 6.09 55.74 -2.85
N ARG A 619 5.57 56.69 -3.65
CA ARG A 619 6.37 57.86 -3.98
C ARG A 619 6.50 58.79 -2.78
N GLU A 620 5.53 58.79 -1.87
CA GLU A 620 5.65 59.58 -0.64
C GLU A 620 6.74 59.03 0.29
N ILE A 621 6.84 57.71 0.45
CA ILE A 621 7.92 57.20 1.30
C ILE A 621 9.25 57.19 0.57
N LEU A 622 9.24 57.16 -0.76
CA LEU A 622 10.50 57.25 -1.51
C LEU A 622 11.05 58.66 -1.52
N LYS A 623 10.18 59.68 -1.50
CA LYS A 623 10.68 61.06 -1.46
C LYS A 623 10.94 61.67 -0.10
N LYS A 624 10.47 61.06 1.00
CA LYS A 624 11.13 61.40 2.26
C LYS A 624 12.36 60.53 2.51
N ASP A 625 12.48 59.42 1.79
CA ASP A 625 13.66 58.57 1.86
C ASP A 625 14.56 58.92 0.68
N TYR B 106 19.02 31.76 51.61
CA TYR B 106 18.78 31.57 50.18
C TYR B 106 17.31 31.29 49.92
N ALA B 107 16.51 31.37 50.98
CA ALA B 107 15.07 31.17 50.86
C ALA B 107 14.41 32.28 50.05
N VAL B 108 14.87 33.51 50.22
CA VAL B 108 14.36 34.61 49.41
C VAL B 108 14.85 34.53 47.97
N ARG B 109 16.04 33.94 47.75
CA ARG B 109 16.55 33.70 46.41
C ARG B 109 15.69 32.70 45.66
N ILE B 110 15.38 31.56 46.30
CA ILE B 110 14.52 30.53 45.69
C ILE B 110 13.10 31.05 45.55
N ARG B 111 12.62 31.83 46.52
CA ARG B 111 11.25 32.33 46.51
C ARG B 111 11.02 33.36 45.42
N LYS B 112 11.93 34.33 45.27
CA LYS B 112 11.74 35.32 44.21
C LYS B 112 12.13 34.78 42.84
N TYR B 113 13.02 33.78 42.77
CA TYR B 113 13.30 33.15 41.48
C TYR B 113 12.10 32.35 40.99
N LEU B 114 11.38 31.66 41.88
CA LEU B 114 10.17 30.98 41.46
C LEU B 114 8.99 31.95 41.36
N ALA B 115 9.11 33.14 41.96
CA ALA B 115 8.05 34.14 41.80
C ALA B 115 7.86 34.81 40.46
N ASN B 116 8.95 35.09 39.74
CA ASN B 116 8.87 35.56 38.36
C ASN B 116 9.74 34.66 37.36
N TYR B 117 9.43 33.37 37.50
CA TYR B 117 10.03 32.35 36.64
C TYR B 117 8.92 32.26 35.59
N THR B 118 9.33 32.05 34.34
CA THR B 118 8.38 31.78 33.26
C THR B 118 9.09 30.87 32.26
N GLN B 119 8.45 29.75 31.93
CA GLN B 119 9.08 28.75 31.09
C GLN B 119 8.95 29.08 29.60
N ASP B 120 10.06 28.93 28.88
CA ASP B 120 10.06 28.97 27.42
C ASP B 120 9.83 27.56 26.91
N PRO B 121 8.76 27.29 26.15
CA PRO B 121 8.53 25.92 25.70
C PRO B 121 9.42 25.47 24.55
N SER B 122 10.14 26.39 23.92
CA SER B 122 10.96 26.05 22.76
C SER B 122 12.38 25.66 23.11
N THR B 123 12.75 25.66 24.39
CA THR B 123 14.12 25.38 24.80
C THR B 123 14.41 23.89 24.70
N ASP B 124 15.70 23.54 24.73
CA ASP B 124 16.09 22.13 24.80
C ASP B 124 15.89 21.57 26.20
N ASN B 125 16.05 22.40 27.24
CA ASN B 125 15.86 21.97 28.61
C ASN B 125 14.41 21.62 28.90
N PHE B 126 13.48 22.32 28.27
CA PHE B 126 12.08 21.94 28.37
C PHE B 126 11.80 20.63 27.66
N TYR B 127 12.51 20.36 26.56
CA TYR B 127 12.35 19.09 25.86
C TYR B 127 12.87 17.92 26.70
N TYR B 128 13.97 18.14 27.42
CA TYR B 128 14.46 17.14 28.37
C TYR B 128 13.49 16.96 29.53
N TRP B 129 12.80 18.03 29.92
CA TRP B 129 11.76 17.88 30.95
C TRP B 129 10.57 17.08 30.43
N THR B 130 10.20 17.25 29.16
CA THR B 130 9.14 16.43 28.58
C THR B 130 9.54 14.97 28.49
N CYS B 131 10.83 14.70 28.30
CA CYS B 131 11.32 13.32 28.40
C CYS B 131 11.23 12.76 29.82
N VAL B 132 11.45 13.61 30.84
CA VAL B 132 11.29 13.18 32.23
C VAL B 132 9.82 12.87 32.55
N VAL B 133 8.90 13.70 32.06
CA VAL B 133 7.47 13.45 32.21
C VAL B 133 7.04 12.20 31.46
N THR B 134 7.67 11.90 30.32
CA THR B 134 7.42 10.65 29.59
C THR B 134 7.86 9.42 30.39
N VAL B 135 9.00 9.53 31.09
CA VAL B 135 9.46 8.44 31.97
C VAL B 135 8.50 8.21 33.13
N ALA B 136 8.00 9.30 33.74
CA ALA B 136 7.04 9.19 34.83
C ALA B 136 5.70 8.61 34.36
N TYR B 137 5.28 8.94 33.15
CA TYR B 137 4.05 8.42 32.59
C TYR B 137 4.15 6.92 32.28
N ILE B 138 5.32 6.50 31.77
CA ILE B 138 5.54 5.08 31.48
C ILE B 138 5.56 4.26 32.76
N TYR B 139 6.14 4.83 33.84
CA TYR B 139 6.07 4.24 35.18
C TYR B 139 4.62 4.04 35.61
N ASN B 140 3.81 5.10 35.50
CA ASN B 140 2.42 5.06 35.94
C ASN B 140 1.61 4.02 35.18
N LEU B 141 1.80 3.96 33.85
CA LEU B 141 1.15 2.99 32.97
C LEU B 141 1.41 1.54 33.41
N LEU B 142 2.68 1.13 33.31
CA LEU B 142 3.07 -0.26 33.55
C LEU B 142 2.84 -0.67 34.99
N PHE B 143 3.34 0.11 35.94
CA PHE B 143 3.33 -0.40 37.30
C PHE B 143 2.04 -0.14 38.03
N VAL B 144 1.16 0.74 37.53
CA VAL B 144 -0.12 0.88 38.18
C VAL B 144 -1.07 -0.23 37.76
N ILE B 145 -1.06 -0.62 36.47
CA ILE B 145 -1.91 -1.77 36.14
C ILE B 145 -1.32 -3.08 36.69
N ALA B 146 0.01 -3.15 36.82
CA ALA B 146 0.63 -4.35 37.37
C ALA B 146 0.43 -4.45 38.88
N ARG B 147 0.42 -3.32 39.59
CA ARG B 147 0.21 -3.37 41.03
C ARG B 147 -1.25 -3.58 41.38
N GLN B 148 -2.17 -3.17 40.51
CA GLN B 148 -3.58 -3.49 40.75
C GLN B 148 -3.83 -4.98 40.56
N VAL B 149 -3.38 -5.55 39.43
CA VAL B 149 -3.71 -6.93 39.13
C VAL B 149 -2.82 -7.90 39.91
N PHE B 150 -1.51 -7.80 39.74
CA PHE B 150 -0.56 -8.67 40.43
C PHE B 150 -0.22 -8.04 41.76
N ASN B 151 -1.05 -8.26 42.76
CA ASN B 151 -0.96 -7.53 44.02
C ASN B 151 0.13 -8.04 44.96
N ASP B 152 0.93 -9.03 44.55
CA ASP B 152 2.11 -9.40 45.29
C ASP B 152 3.32 -8.57 44.92
N LEU B 153 3.16 -7.56 44.07
CA LEU B 153 4.29 -6.70 43.71
C LEU B 153 4.65 -5.74 44.82
N ILE B 154 3.77 -5.55 45.80
CA ILE B 154 4.06 -4.75 46.98
C ILE B 154 4.31 -5.63 48.19
N GLY B 155 4.35 -6.94 48.01
CA GLY B 155 4.26 -7.87 49.12
C GLY B 155 2.94 -8.62 49.03
N PRO B 156 2.97 -9.92 49.34
CA PRO B 156 1.79 -10.77 49.14
C PRO B 156 0.55 -10.41 49.96
N SER B 157 0.72 -9.88 51.17
CA SER B 157 -0.36 -9.35 52.04
C SER B 157 -1.39 -10.40 52.46
N SER B 158 -1.08 -11.68 52.26
CA SER B 158 -1.92 -12.83 52.60
C SER B 158 -1.02 -14.04 52.62
N GLN B 159 -1.32 -14.97 53.51
CA GLN B 159 -0.50 -16.16 53.69
C GLN B 159 -1.11 -17.30 52.89
N SER B 160 -0.34 -17.84 51.94
CA SER B 160 -0.81 -18.99 51.17
C SER B 160 -0.79 -20.23 52.04
N LEU B 161 -1.88 -21.01 51.99
CA LEU B 161 -2.08 -22.17 52.86
C LEU B 161 -2.36 -23.38 51.99
N CYS B 162 -1.34 -24.19 51.74
CA CYS B 162 -1.54 -25.42 51.01
C CYS B 162 -1.83 -26.58 51.95
N ARG B 163 -2.66 -27.51 51.49
CA ARG B 163 -2.89 -28.76 52.20
C ARG B 163 -1.70 -29.69 52.00
N PHE B 164 -1.19 -30.26 53.09
CA PHE B 164 0.05 -31.03 53.03
C PHE B 164 -0.13 -32.31 53.82
N TYR B 165 -0.02 -33.45 53.14
CA TYR B 165 -0.01 -34.75 53.81
C TYR B 165 1.35 -34.93 54.49
N ASN B 166 1.35 -34.87 55.81
CA ASN B 166 2.60 -34.91 56.57
C ASN B 166 3.13 -36.35 56.64
N GLY B 167 4.45 -36.50 56.56
CA GLY B 167 5.07 -37.81 56.62
C GLY B 167 5.33 -38.32 58.02
N THR B 168 5.11 -37.50 59.04
CA THR B 168 5.30 -37.89 60.43
C THR B 168 3.98 -38.17 61.14
N LEU B 169 3.03 -37.23 61.05
CA LEU B 169 1.74 -37.39 61.70
C LEU B 169 0.74 -38.17 60.86
N ASN B 170 1.07 -38.45 59.58
CA ASN B 170 0.26 -39.21 58.62
C ASN B 170 -1.14 -38.63 58.43
N SER B 171 -1.21 -37.30 58.35
CA SER B 171 -2.49 -36.61 58.21
C SER B 171 -2.26 -35.30 57.46
N THR B 172 -3.33 -34.80 56.85
CA THR B 172 -3.23 -33.55 56.11
C THR B 172 -3.35 -32.37 57.05
N THR B 173 -2.50 -31.37 56.83
CA THR B 173 -2.51 -30.14 57.60
C THR B 173 -2.54 -28.96 56.65
N GLN B 174 -3.11 -27.85 57.12
CA GLN B 174 -3.16 -26.62 56.32
C GLN B 174 -2.03 -25.68 56.74
N VAL B 175 -0.82 -26.09 56.39
CA VAL B 175 0.37 -25.32 56.72
C VAL B 175 0.66 -24.34 55.60
N GLU B 176 1.55 -23.38 55.85
CA GLU B 176 1.97 -22.41 54.85
C GLU B 176 2.72 -23.09 53.72
N CYS B 177 2.46 -22.63 52.49
CA CYS B 177 3.04 -23.24 51.30
C CYS B 177 4.53 -22.98 51.19
N THR B 178 5.25 -24.01 50.81
CA THR B 178 6.66 -23.95 50.42
C THR B 178 6.66 -23.88 48.89
N TYR B 179 7.84 -23.67 48.29
CA TYR B 179 7.94 -23.75 46.83
C TYR B 179 7.79 -25.19 46.35
N ASN B 180 8.08 -26.17 47.20
CA ASN B 180 7.83 -27.57 46.85
C ASN B 180 6.35 -27.91 46.92
N MET B 181 5.58 -27.14 47.69
CA MET B 181 4.15 -27.39 47.81
C MET B 181 3.34 -26.59 46.80
N LEU B 182 3.94 -25.57 46.17
CA LEU B 182 3.31 -24.89 45.06
C LEU B 182 3.63 -25.57 43.74
N THR B 183 4.45 -26.61 43.77
CA THR B 183 4.72 -27.43 42.61
C THR B 183 3.83 -28.67 42.63
N ASN B 184 3.25 -28.99 41.46
CA ASN B 184 2.37 -30.15 41.23
C ASN B 184 1.15 -30.15 42.14
N MET B 185 0.41 -29.05 42.11
CA MET B 185 -0.71 -28.87 43.03
C MET B 185 -1.93 -29.65 42.56
N LYS B 186 -2.62 -30.26 43.51
CA LYS B 186 -3.92 -30.86 43.26
C LYS B 186 -5.05 -29.87 43.47
N GLU B 187 -4.77 -28.74 44.12
CA GLU B 187 -5.73 -27.66 44.32
C GLU B 187 -4.94 -26.38 44.60
N MET B 188 -5.57 -25.26 44.31
CA MET B 188 -4.92 -23.97 44.52
C MET B 188 -4.94 -23.63 46.02
N PRO B 189 -3.94 -22.91 46.52
CA PRO B 189 -3.91 -22.61 47.96
C PRO B 189 -4.92 -21.55 48.34
N THR B 190 -5.42 -21.67 49.57
CA THR B 190 -6.23 -20.62 50.17
C THR B 190 -5.34 -19.58 50.81
N TYR B 191 -5.82 -18.34 50.84
CA TYR B 191 -5.04 -17.20 51.29
C TYR B 191 -5.64 -16.67 52.59
N SER B 192 -5.00 -16.98 53.71
CA SER B 192 -5.39 -16.37 54.97
C SER B 192 -4.77 -14.98 55.08
N GLN B 193 -5.59 -14.02 55.48
CA GLN B 193 -5.19 -12.62 55.51
C GLN B 193 -4.24 -12.36 56.66
N TYR B 194 -3.21 -11.56 56.42
CA TYR B 194 -2.29 -11.15 57.48
C TYR B 194 -3.01 -10.19 58.43
N PRO B 195 -2.64 -10.17 59.71
CA PRO B 195 -3.24 -9.19 60.62
C PRO B 195 -2.78 -7.76 60.35
N ASP B 196 -1.53 -7.59 59.94
CA ASP B 196 -0.99 -6.29 59.60
C ASP B 196 -0.94 -6.05 58.10
N LEU B 197 -1.55 -6.95 57.31
CA LEU B 197 -1.58 -6.91 55.84
C LEU B 197 -0.19 -6.89 55.22
N GLY B 198 0.73 -7.62 55.82
CA GLY B 198 2.08 -7.75 55.31
C GLY B 198 2.96 -6.55 55.53
N TRP B 199 2.56 -5.60 56.38
CA TRP B 199 3.35 -4.41 56.61
C TRP B 199 4.53 -4.64 57.54
N SER B 200 4.58 -5.76 58.25
CA SER B 200 5.69 -6.02 59.15
C SER B 200 6.88 -6.66 58.45
N LYS B 201 6.69 -7.19 57.25
CA LYS B 201 7.76 -7.89 56.55
C LYS B 201 7.93 -7.47 55.09
N TYR B 202 6.99 -6.75 54.49
CA TYR B 202 7.16 -6.21 53.15
C TYR B 202 7.15 -4.68 53.15
N TRP B 203 7.50 -4.07 54.28
CA TRP B 203 7.53 -2.61 54.38
C TRP B 203 8.63 -2.01 53.52
N HIS B 204 9.73 -2.75 53.28
CA HIS B 204 10.80 -2.22 52.44
C HIS B 204 10.37 -2.15 50.98
N PHE B 205 9.63 -3.17 50.51
CA PHE B 205 9.06 -3.14 49.17
C PHE B 205 8.01 -2.05 49.05
N ARG B 206 7.20 -1.87 50.09
CA ARG B 206 6.15 -0.85 50.02
C ARG B 206 6.72 0.56 50.13
N MET B 207 7.80 0.76 50.88
CA MET B 207 8.41 2.08 50.93
C MET B 207 9.21 2.37 49.68
N LEU B 208 9.75 1.36 49.01
CA LEU B 208 10.37 1.58 47.70
C LEU B 208 9.33 1.96 46.65
N TRP B 209 8.16 1.30 46.69
CA TRP B 209 7.07 1.65 45.77
C TRP B 209 6.52 3.04 46.05
N VAL B 210 6.36 3.42 47.32
CA VAL B 210 5.80 4.74 47.60
C VAL B 210 6.86 5.82 47.41
N PHE B 211 8.16 5.48 47.46
CA PHE B 211 9.19 6.43 47.10
C PHE B 211 9.16 6.74 45.61
N PHE B 212 9.00 5.72 44.77
CA PHE B 212 8.92 5.98 43.34
C PHE B 212 7.60 6.64 42.95
N ASP B 213 6.52 6.36 43.69
CA ASP B 213 5.25 7.05 43.50
C ASP B 213 5.36 8.53 43.85
N LEU B 214 6.00 8.85 44.98
CA LEU B 214 6.21 10.24 45.36
C LEU B 214 7.19 10.95 44.42
N LEU B 215 8.15 10.22 43.85
CA LEU B 215 9.08 10.80 42.90
C LEU B 215 8.37 11.20 41.60
N MET B 216 7.53 10.32 41.07
CA MET B 216 6.80 10.68 39.86
C MET B 216 5.69 11.69 40.14
N ASP B 217 5.18 11.75 41.36
CA ASP B 217 4.22 12.79 41.69
C ASP B 217 4.90 14.15 41.88
N CYS B 218 6.16 14.15 42.34
CA CYS B 218 6.93 15.39 42.34
C CYS B 218 7.28 15.84 40.93
N VAL B 219 7.52 14.89 40.02
CA VAL B 219 7.69 15.22 38.60
C VAL B 219 6.42 15.84 38.03
N TYR B 220 5.25 15.32 38.42
CA TYR B 220 3.97 15.90 38.00
C TYR B 220 3.73 17.27 38.62
N LEU B 221 4.21 17.49 39.85
CA LEU B 221 4.05 18.79 40.50
C LEU B 221 4.93 19.86 39.87
N ILE B 222 6.18 19.51 39.55
CA ILE B 222 7.05 20.44 38.83
C ILE B 222 6.51 20.68 37.42
N ASP B 223 5.89 19.66 36.81
CA ASP B 223 5.31 19.83 35.48
C ASP B 223 4.09 20.74 35.49
N THR B 224 3.26 20.67 36.53
CA THR B 224 2.13 21.60 36.57
C THR B 224 2.53 22.98 37.05
N PHE B 225 3.67 23.11 37.76
CA PHE B 225 4.20 24.45 38.01
C PHE B 225 4.74 25.07 36.73
N LEU B 226 5.39 24.27 35.87
CA LEU B 226 5.85 24.79 34.59
C LEU B 226 4.68 25.08 33.65
N ASN B 227 3.60 24.33 33.76
CA ASN B 227 2.36 24.67 33.06
C ASN B 227 1.77 25.98 33.57
N TYR B 228 1.89 26.23 34.87
CA TYR B 228 1.38 27.47 35.46
C TYR B 228 2.19 28.68 35.00
N ARG B 229 3.45 28.49 34.67
CA ARG B 229 4.34 29.55 34.19
C ARG B 229 4.80 29.30 32.77
N MET B 230 3.91 28.84 31.91
CA MET B 230 4.29 28.46 30.56
C MET B 230 4.15 29.63 29.59
N GLY B 231 5.24 29.97 28.92
CA GLY B 231 5.20 30.98 27.89
C GLY B 231 4.50 30.49 26.66
N TYR B 232 3.94 31.44 25.92
CA TYR B 232 3.10 31.13 24.77
C TYR B 232 3.41 32.10 23.66
N MET B 233 3.29 31.62 22.42
CA MET B 233 3.56 32.45 21.25
C MET B 233 2.46 33.47 21.07
N ASP B 234 2.85 34.73 20.90
CA ASP B 234 1.90 35.81 20.67
C ASP B 234 2.00 36.31 19.23
N GLN B 235 3.17 36.74 18.79
CA GLN B 235 3.41 37.19 17.43
C GLN B 235 4.71 36.56 16.94
N GLY B 236 4.82 35.25 17.11
CA GLY B 236 6.05 34.55 16.83
C GLY B 236 7.08 34.62 17.93
N LEU B 237 6.78 35.29 19.04
CA LEU B 237 7.67 35.39 20.18
C LEU B 237 6.92 34.91 21.42
N VAL B 238 7.65 34.33 22.35
CA VAL B 238 7.05 33.86 23.59
C VAL B 238 6.82 35.04 24.52
N VAL B 239 5.70 35.03 25.23
CA VAL B 239 5.47 35.98 26.31
C VAL B 239 6.11 35.44 27.56
N ARG B 240 6.95 36.26 28.19
CA ARG B 240 7.74 35.76 29.32
C ARG B 240 7.73 36.73 30.49
N GLU B 241 6.56 37.27 30.82
CA GLU B 241 6.35 37.85 32.14
C GLU B 241 5.14 37.17 32.75
N ALA B 242 5.11 37.16 34.08
CA ALA B 242 4.33 36.16 34.83
C ALA B 242 2.82 36.39 34.74
N GLU B 243 2.39 37.64 34.60
CA GLU B 243 0.97 37.97 34.67
C GLU B 243 0.21 37.44 33.45
N LYS B 244 0.77 37.64 32.26
CA LYS B 244 0.12 37.22 31.03
C LYS B 244 0.10 35.71 30.89
N VAL B 245 1.18 35.03 31.30
CA VAL B 245 1.20 33.58 31.19
C VAL B 245 0.33 32.92 32.25
N THR B 246 0.19 33.53 33.43
CA THR B 246 -0.73 32.98 34.42
C THR B 246 -2.18 33.19 34.03
N LYS B 247 -2.52 34.33 33.43
CA LYS B 247 -3.90 34.52 32.98
C LYS B 247 -4.22 33.65 31.76
N ALA B 248 -3.23 33.41 30.90
CA ALA B 248 -3.44 32.48 29.79
C ALA B 248 -3.54 31.03 30.27
N TYR B 249 -2.91 30.72 31.40
CA TYR B 249 -3.09 29.41 32.01
C TYR B 249 -4.48 29.26 32.62
N TRP B 250 -4.99 30.32 33.26
CA TRP B 250 -6.31 30.23 33.86
C TRP B 250 -7.42 30.29 32.82
N GLN B 251 -7.14 30.80 31.63
CA GLN B 251 -8.15 30.84 30.58
C GLN B 251 -8.29 29.55 29.78
N SER B 252 -7.42 28.55 29.99
CA SER B 252 -7.28 27.48 29.02
C SER B 252 -7.69 26.09 29.53
N LYS B 253 -8.18 25.99 30.78
CA LYS B 253 -8.65 24.76 31.46
C LYS B 253 -7.54 23.71 31.64
N GLN B 254 -6.28 24.13 31.51
CA GLN B 254 -5.15 23.27 31.84
C GLN B 254 -5.06 23.07 33.35
N TYR B 255 -5.61 23.99 34.14
CA TYR B 255 -5.75 23.76 35.57
C TYR B 255 -6.72 22.64 35.86
N ARG B 256 -7.76 22.47 35.03
CA ARG B 256 -8.66 21.33 35.20
C ARG B 256 -7.98 20.03 34.83
N ILE B 257 -7.20 20.04 33.73
CA ILE B 257 -6.50 18.82 33.31
C ILE B 257 -5.40 18.45 34.32
N ASP B 258 -4.71 19.44 34.88
CA ASP B 258 -3.67 19.18 35.88
C ASP B 258 -4.25 18.86 37.25
N GLY B 259 -5.47 19.34 37.55
CA GLY B 259 -6.04 19.09 38.86
C GLY B 259 -6.77 17.78 38.97
N ILE B 260 -7.35 17.29 37.86
CA ILE B 260 -7.85 15.93 37.84
C ILE B 260 -6.68 14.94 37.94
N SER B 261 -5.55 15.28 37.34
CA SER B 261 -4.43 14.35 37.23
C SER B 261 -3.53 14.31 38.46
N LEU B 262 -3.84 15.03 39.52
CA LEU B 262 -2.98 15.06 40.70
C LEU B 262 -3.76 14.84 41.98
N ILE B 263 -4.92 14.19 41.88
CA ILE B 263 -5.70 13.89 43.08
C ILE B 263 -5.04 12.76 43.84
N PRO B 264 -4.62 12.97 45.09
CA PRO B 264 -3.90 11.92 45.82
C PRO B 264 -4.83 10.91 46.49
N LEU B 265 -5.74 10.32 45.73
CA LEU B 265 -6.64 9.32 46.27
C LEU B 265 -5.95 7.99 46.49
N ASP B 266 -4.84 7.73 45.79
CA ASP B 266 -4.11 6.49 45.97
C ASP B 266 -3.20 6.52 47.19
N TYR B 267 -3.01 7.69 47.80
CA TYR B 267 -2.23 7.72 49.02
C TYR B 267 -3.05 7.40 50.25
N ILE B 268 -4.37 7.45 50.15
CA ILE B 268 -5.26 7.07 51.23
C ILE B 268 -5.95 5.73 50.94
N LEU B 269 -6.41 5.52 49.71
CA LEU B 269 -7.16 4.32 49.39
C LEU B 269 -6.39 3.33 48.52
N GLY B 270 -5.15 3.62 48.15
CA GLY B 270 -4.41 2.74 47.28
C GLY B 270 -3.41 1.84 47.96
N TRP B 271 -3.44 1.76 49.29
CA TRP B 271 -2.46 1.00 50.04
C TRP B 271 -3.18 0.14 51.07
N PRO B 272 -2.60 -1.00 51.45
CA PRO B 272 -3.24 -1.85 52.47
C PRO B 272 -3.23 -1.20 53.85
N ILE B 273 -4.41 -0.87 54.35
CA ILE B 273 -4.57 -0.32 55.69
C ILE B 273 -5.01 -1.45 56.61
N PRO B 274 -4.21 -1.83 57.60
CA PRO B 274 -4.58 -2.98 58.43
C PRO B 274 -5.68 -2.69 59.44
N TYR B 275 -5.94 -1.41 59.74
CA TYR B 275 -6.88 -1.07 60.80
C TYR B 275 -8.32 -1.26 60.34
N ILE B 276 -8.69 -0.67 59.20
CA ILE B 276 -10.03 -0.87 58.65
C ILE B 276 -10.11 -2.08 57.73
N ASN B 277 -9.04 -2.88 57.65
CA ASN B 277 -8.88 -4.04 56.76
C ASN B 277 -9.14 -3.68 55.29
N TRP B 278 -8.60 -2.54 54.87
CA TRP B 278 -8.71 -2.10 53.49
C TRP B 278 -7.64 -2.82 52.67
N ARG B 279 -8.06 -3.53 51.64
CA ARG B 279 -7.18 -4.35 50.83
C ARG B 279 -6.26 -3.53 49.95
N GLY B 280 -6.64 -2.31 49.62
CA GLY B 280 -5.89 -1.45 48.73
C GLY B 280 -6.47 -1.43 47.32
N LEU B 281 -6.43 -0.25 46.71
CA LEU B 281 -6.89 -0.07 45.33
C LEU B 281 -5.84 0.71 44.56
N PRO B 282 -4.84 0.02 43.97
CA PRO B 282 -3.82 0.74 43.19
C PRO B 282 -4.26 1.21 41.81
N ILE B 283 -5.54 1.02 41.44
CA ILE B 283 -6.04 1.47 40.15
C ILE B 283 -6.41 2.95 40.16
N LEU B 284 -6.25 3.63 41.28
CA LEU B 284 -6.59 5.04 41.41
C LEU B 284 -5.47 5.98 40.95
N ARG B 285 -4.54 5.54 40.11
CA ARG B 285 -3.58 6.42 39.47
C ARG B 285 -3.77 6.47 37.95
N LEU B 286 -4.93 6.06 37.47
CA LEU B 286 -5.29 6.33 36.08
C LEU B 286 -5.58 7.81 35.86
N ASN B 287 -5.86 8.57 36.93
CA ASN B 287 -5.81 10.01 36.81
C ASN B 287 -4.40 10.51 36.53
N ARG B 288 -3.35 9.83 37.03
CA ARG B 288 -2.02 10.18 36.56
C ARG B 288 -1.80 9.72 35.13
N LEU B 289 -2.56 8.74 34.65
CA LEU B 289 -2.51 8.40 33.23
C LEU B 289 -3.27 9.37 32.34
N ILE B 290 -4.05 10.29 32.90
CA ILE B 290 -4.78 11.27 32.08
C ILE B 290 -3.81 12.25 31.36
N ARG B 291 -2.62 12.52 31.90
CA ARG B 291 -1.68 13.47 31.27
C ARG B 291 -0.94 12.83 30.10
N TYR B 292 -1.63 12.63 28.99
CA TYR B 292 -1.02 11.99 27.83
C TYR B 292 -0.44 12.99 26.83
N LYS B 293 -0.85 14.25 26.90
CA LYS B 293 -0.57 15.19 25.82
C LYS B 293 0.89 15.65 25.87
N ARG B 294 1.46 15.75 27.07
CA ARG B 294 2.87 16.07 27.22
C ARG B 294 3.75 14.94 26.68
N VAL B 295 3.31 13.69 26.87
CA VAL B 295 4.01 12.52 26.34
C VAL B 295 3.92 12.47 24.83
N ARG B 296 2.76 12.82 24.26
CA ARG B 296 2.61 12.83 22.81
C ARG B 296 3.44 13.93 22.16
N ASN B 297 3.49 15.11 22.79
CA ASN B 297 4.35 16.18 22.28
C ASN B 297 5.83 15.85 22.46
N CYS B 298 6.19 15.11 23.51
CA CYS B 298 7.58 14.68 23.67
C CYS B 298 7.98 13.68 22.60
N LEU B 299 7.09 12.75 22.24
CA LEU B 299 7.40 11.79 21.19
C LEU B 299 7.44 12.45 19.82
N GLU B 300 6.58 13.45 19.58
CA GLU B 300 6.63 14.18 18.32
C GLU B 300 7.87 15.04 18.20
N ARG B 301 8.27 15.71 19.28
CA ARG B 301 9.50 16.51 19.25
C ARG B 301 10.74 15.63 19.22
N THR B 302 10.66 14.42 19.75
CA THR B 302 11.79 13.51 19.66
C THR B 302 11.92 12.93 18.26
N GLU B 303 10.81 12.67 17.58
CA GLU B 303 10.89 12.21 16.20
C GLU B 303 11.30 13.33 15.25
N THR B 304 10.99 14.58 15.60
CA THR B 304 11.44 15.72 14.80
C THR B 304 12.96 15.90 14.90
N ARG B 305 13.49 15.90 16.11
CA ARG B 305 14.89 16.23 16.36
C ARG B 305 15.84 15.07 16.10
N SER B 306 15.35 13.89 15.79
CA SER B 306 16.20 12.70 15.76
C SER B 306 16.99 12.63 14.46
N SER B 307 18.25 12.23 14.57
CA SER B 307 19.07 11.91 13.42
C SER B 307 18.81 10.50 12.90
N MET B 308 18.23 9.63 13.72
CA MET B 308 17.84 8.28 13.32
C MET B 308 16.33 8.18 13.55
N PRO B 309 15.52 8.61 12.58
CA PRO B 309 14.07 8.65 12.81
C PRO B 309 13.41 7.29 12.75
N ASN B 310 13.86 6.40 11.87
CA ASN B 310 13.21 5.10 11.72
C ASN B 310 13.56 4.17 12.87
N ALA B 311 14.77 4.33 13.43
CA ALA B 311 15.13 3.58 14.63
C ALA B 311 14.29 4.02 15.83
N PHE B 312 14.03 5.32 15.94
CA PHE B 312 13.15 5.82 16.98
C PHE B 312 11.72 5.35 16.78
N ARG B 313 11.27 5.27 15.52
CA ARG B 313 9.92 4.80 15.23
C ARG B 313 9.76 3.32 15.58
N VAL B 314 10.77 2.49 15.30
CA VAL B 314 10.62 1.08 15.65
C VAL B 314 10.79 0.87 17.16
N VAL B 315 11.56 1.72 17.85
CA VAL B 315 11.64 1.63 19.30
C VAL B 315 10.31 2.03 19.95
N VAL B 316 9.64 3.05 19.40
CA VAL B 316 8.36 3.50 19.92
C VAL B 316 7.26 2.46 19.67
N VAL B 317 7.28 1.80 18.50
CA VAL B 317 6.23 0.82 18.26
C VAL B 317 6.51 -0.51 18.99
N VAL B 318 7.78 -0.81 19.30
CA VAL B 318 8.07 -1.96 20.18
C VAL B 318 7.63 -1.68 21.60
N TRP B 319 7.79 -0.43 22.06
CA TRP B 319 7.26 -0.03 23.35
C TRP B 319 5.73 -0.06 23.39
N TYR B 320 5.07 0.32 22.30
CA TYR B 320 3.61 0.24 22.19
C TYR B 320 3.13 -1.20 22.27
N ILE B 321 3.82 -2.09 21.58
CA ILE B 321 3.52 -3.53 21.59
C ILE B 321 3.68 -4.11 22.98
N VAL B 322 4.77 -3.74 23.69
CA VAL B 322 5.03 -4.28 25.02
C VAL B 322 4.01 -3.75 26.03
N ILE B 323 3.61 -2.49 25.89
CA ILE B 323 2.60 -1.91 26.79
C ILE B 323 1.22 -2.54 26.55
N ILE B 324 0.89 -2.82 25.29
CA ILE B 324 -0.42 -3.42 24.96
C ILE B 324 -0.48 -4.88 25.43
N ILE B 325 0.59 -5.65 25.23
CA ILE B 325 0.64 -7.04 25.67
C ILE B 325 0.69 -7.11 27.20
N HIS B 326 1.32 -6.14 27.85
CA HIS B 326 1.36 -6.08 29.31
C HIS B 326 -0.01 -5.75 29.89
N TRP B 327 -0.74 -4.83 29.26
CA TRP B 327 -2.07 -4.49 29.74
C TRP B 327 -3.07 -5.62 29.50
N ASN B 328 -2.91 -6.35 28.39
CA ASN B 328 -3.77 -7.51 28.17
C ASN B 328 -3.40 -8.68 29.07
N ALA B 329 -2.12 -8.78 29.47
CA ALA B 329 -1.70 -9.75 30.47
C ALA B 329 -2.35 -9.49 31.81
N CYS B 330 -2.43 -8.21 32.18
CA CYS B 330 -3.08 -7.84 33.42
C CYS B 330 -4.59 -8.04 33.35
N LEU B 331 -5.20 -7.81 32.18
CA LEU B 331 -6.62 -8.12 32.02
C LEU B 331 -6.90 -9.61 32.09
N TYR B 332 -6.06 -10.44 31.47
CA TYR B 332 -6.24 -11.89 31.53
C TYR B 332 -6.07 -12.42 32.95
N PHE B 333 -5.09 -11.94 33.69
CA PHE B 333 -4.93 -12.45 35.04
C PHE B 333 -5.96 -11.87 36.00
N TRP B 334 -6.50 -10.67 35.72
CA TRP B 334 -7.58 -10.17 36.56
C TRP B 334 -8.86 -10.94 36.33
N ILE B 335 -9.13 -11.34 35.09
CA ILE B 335 -10.31 -12.14 34.81
C ILE B 335 -10.13 -13.58 35.33
N SER B 336 -8.88 -14.08 35.30
CA SER B 336 -8.58 -15.39 35.86
C SER B 336 -8.74 -15.42 37.38
N GLU B 337 -8.29 -14.39 38.08
CA GLU B 337 -8.48 -14.39 39.52
C GLU B 337 -9.86 -13.91 39.95
N TRP B 338 -10.62 -13.26 39.07
CA TRP B 338 -11.99 -12.90 39.37
C TRP B 338 -12.92 -14.10 39.21
N ILE B 339 -12.72 -14.89 38.15
CA ILE B 339 -13.42 -16.17 38.03
C ILE B 339 -13.00 -17.12 39.13
N GLY B 340 -11.72 -17.13 39.46
CA GLY B 340 -11.19 -17.97 40.52
C GLY B 340 -10.13 -18.87 39.93
N LEU B 341 -8.93 -18.86 40.50
CA LEU B 341 -7.81 -19.55 39.88
C LEU B 341 -7.92 -21.06 40.08
N GLY B 342 -7.63 -21.80 39.02
CA GLY B 342 -7.72 -23.24 39.07
C GLY B 342 -9.12 -23.79 39.03
N THR B 343 -10.11 -23.00 38.63
CA THR B 343 -11.48 -23.50 38.60
C THR B 343 -11.78 -24.23 37.29
N ASP B 344 -11.09 -23.88 36.21
CA ASP B 344 -11.22 -24.61 34.95
C ASP B 344 -9.90 -24.53 34.21
N ALA B 345 -9.92 -25.05 32.97
CA ALA B 345 -8.70 -25.24 32.22
C ALA B 345 -8.30 -24.02 31.39
N TRP B 346 -9.12 -22.97 31.36
CA TRP B 346 -8.73 -21.75 30.67
C TRP B 346 -8.05 -20.77 31.62
N VAL B 347 -8.60 -20.64 32.81
CA VAL B 347 -8.05 -19.80 33.87
C VAL B 347 -6.68 -20.34 34.30
N TYR B 348 -5.75 -19.43 34.62
CA TYR B 348 -4.49 -19.76 35.29
C TYR B 348 -4.75 -20.60 36.53
N GLY B 349 -3.97 -21.65 36.69
CA GLY B 349 -4.12 -22.50 37.84
C GLY B 349 -3.58 -23.89 37.55
N HIS B 350 -3.99 -24.83 38.41
CA HIS B 350 -3.46 -26.19 38.31
C HIS B 350 -4.17 -27.00 37.25
N LEU B 351 -5.39 -26.62 36.88
CA LEU B 351 -6.15 -27.33 35.85
C LEU B 351 -5.77 -26.89 34.45
N ASN B 352 -4.98 -25.83 34.31
CA ASN B 352 -4.63 -25.32 32.99
C ASN B 352 -3.64 -26.22 32.27
N LYS B 353 -2.54 -26.59 32.95
CA LYS B 353 -1.45 -27.49 32.56
C LYS B 353 -0.54 -26.94 31.47
N GLN B 354 -0.89 -25.79 30.89
CA GLN B 354 0.07 -24.99 30.15
C GLN B 354 0.66 -23.93 31.07
N SER B 355 -0.18 -23.40 31.96
CA SER B 355 0.26 -22.42 32.96
C SER B 355 1.13 -23.08 34.01
N LEU B 356 0.64 -24.16 34.62
CA LEU B 356 1.39 -24.92 35.61
C LEU B 356 1.55 -26.35 35.14
N PRO B 357 2.59 -26.66 34.37
CA PRO B 357 2.89 -28.06 34.05
C PRO B 357 3.55 -28.80 35.20
N ASP B 358 3.99 -30.03 34.92
CA ASP B 358 4.74 -30.79 35.90
C ASP B 358 6.10 -30.14 36.15
N ASP B 359 6.49 -30.13 37.44
CA ASP B 359 7.74 -29.57 37.96
C ASP B 359 7.88 -28.08 37.67
N ILE B 360 6.79 -27.34 37.81
CA ILE B 360 6.76 -25.89 37.62
C ILE B 360 6.09 -25.26 38.84
N THR B 361 6.80 -24.35 39.50
CA THR B 361 6.31 -23.73 40.72
C THR B 361 5.41 -22.54 40.40
N ASP B 362 4.32 -22.42 41.14
CA ASP B 362 3.40 -21.29 41.04
C ASP B 362 3.98 -20.10 41.79
N THR B 363 4.57 -19.16 41.07
CA THR B 363 5.13 -17.95 41.65
C THR B 363 4.49 -16.74 40.97
N LEU B 364 4.87 -15.55 41.47
CA LEU B 364 4.40 -14.31 40.85
C LEU B 364 5.04 -14.10 39.48
N LEU B 365 6.29 -14.52 39.33
CA LEU B 365 6.96 -14.49 38.04
C LEU B 365 6.29 -15.43 37.05
N ARG B 366 5.84 -16.59 37.53
CA ARG B 366 5.12 -17.54 36.67
C ARG B 366 3.78 -16.99 36.23
N ARG B 367 3.10 -16.24 37.11
CA ARG B 367 1.82 -15.62 36.78
C ARG B 367 1.98 -14.55 35.71
N TYR B 368 2.98 -13.67 35.87
CA TYR B 368 3.18 -12.62 34.87
C TYR B 368 3.72 -13.18 33.57
N VAL B 369 4.58 -14.21 33.64
CA VAL B 369 5.17 -14.79 32.44
C VAL B 369 4.13 -15.56 31.62
N TYR B 370 3.26 -16.32 32.28
CA TYR B 370 2.19 -17.00 31.55
C TYR B 370 1.15 -16.02 31.02
N SER B 371 0.86 -14.94 31.75
CA SER B 371 -0.12 -13.98 31.26
C SER B 371 0.42 -13.19 30.07
N PHE B 372 1.72 -12.85 30.09
CA PHE B 372 2.34 -12.18 28.96
C PHE B 372 2.41 -13.09 27.74
N TYR B 373 2.66 -14.39 27.95
CA TYR B 373 2.67 -15.34 26.84
C TYR B 373 1.28 -15.56 26.26
N TRP B 374 0.27 -15.68 27.12
CA TRP B 374 -1.12 -15.81 26.69
C TRP B 374 -1.56 -14.61 25.88
N SER B 375 -1.19 -13.40 26.31
CA SER B 375 -1.56 -12.21 25.56
C SER B 375 -0.77 -12.07 24.28
N THR B 376 0.47 -12.58 24.26
CA THR B 376 1.23 -12.59 23.01
C THR B 376 0.62 -13.54 22.00
N LEU B 377 0.13 -14.70 22.43
CA LEU B 377 -0.52 -15.60 21.48
C LEU B 377 -1.92 -15.14 21.09
N ILE B 378 -2.60 -14.39 21.95
CA ILE B 378 -3.96 -13.99 21.62
C ILE B 378 -3.97 -12.73 20.75
N LEU B 379 -3.16 -11.73 21.11
CA LEU B 379 -3.14 -10.49 20.35
C LEU B 379 -2.50 -10.65 18.97
N THR B 380 -1.55 -11.56 18.83
CA THR B 380 -1.00 -11.87 17.51
C THR B 380 -1.81 -12.96 16.80
N THR B 381 -2.85 -13.47 17.44
CA THR B 381 -3.81 -14.47 16.94
C THR B 381 -3.14 -15.73 16.44
N ILE B 382 -2.14 -16.18 17.18
CA ILE B 382 -1.63 -17.53 17.02
C ILE B 382 -2.55 -18.53 17.71
N GLY B 383 -2.94 -18.22 18.94
CA GLY B 383 -4.02 -18.94 19.59
C GLY B 383 -3.69 -20.31 20.12
N GLU B 384 -2.42 -20.58 20.43
CA GLU B 384 -2.03 -21.89 20.96
C GLU B 384 -2.13 -21.90 22.48
N VAL B 385 -3.32 -21.56 22.96
CA VAL B 385 -3.66 -21.41 24.37
C VAL B 385 -4.87 -22.29 24.61
N PRO B 386 -5.18 -22.63 25.87
CA PRO B 386 -6.39 -23.42 26.12
C PRO B 386 -7.67 -22.70 25.75
N SER B 387 -8.65 -23.48 25.29
CA SER B 387 -9.93 -22.94 24.87
C SER B 387 -10.72 -22.47 26.07
N PRO B 388 -11.63 -21.50 25.90
CA PRO B 388 -12.47 -21.08 27.01
C PRO B 388 -13.47 -22.16 27.39
N VAL B 389 -13.92 -22.10 28.63
CA VAL B 389 -14.90 -23.04 29.17
C VAL B 389 -16.23 -22.36 29.44
N ARG B 390 -16.24 -21.39 30.35
CA ARG B 390 -17.44 -20.66 30.68
C ARG B 390 -17.72 -19.60 29.63
N ASN B 391 -18.97 -19.10 29.63
CA ASN B 391 -19.41 -18.17 28.59
C ASN B 391 -18.75 -16.80 28.71
N ILE B 392 -18.36 -16.42 29.93
CA ILE B 392 -17.69 -15.13 30.11
C ILE B 392 -16.27 -15.20 29.57
N GLU B 393 -15.64 -16.37 29.61
CA GLU B 393 -14.33 -16.55 29.02
C GLU B 393 -14.40 -16.60 27.51
N TYR B 394 -15.49 -17.14 26.96
CA TYR B 394 -15.71 -17.10 25.53
C TYR B 394 -15.93 -15.68 25.04
N ALA B 395 -16.68 -14.88 25.80
CA ALA B 395 -16.92 -13.49 25.44
C ALA B 395 -15.64 -12.66 25.52
N PHE B 396 -14.83 -12.89 26.57
CA PHE B 396 -13.57 -12.17 26.70
C PHE B 396 -12.56 -12.57 25.64
N VAL B 397 -12.49 -13.87 25.31
CA VAL B 397 -11.53 -14.32 24.30
C VAL B 397 -11.97 -13.89 22.90
N THR B 398 -13.28 -13.85 22.63
CA THR B 398 -13.76 -13.39 21.33
C THR B 398 -13.52 -11.89 21.14
N LEU B 399 -13.83 -11.09 22.17
CA LEU B 399 -13.56 -9.66 22.13
C LEU B 399 -12.06 -9.36 22.08
N ASP B 400 -11.26 -10.13 22.81
CA ASP B 400 -9.83 -9.85 22.89
C ASP B 400 -9.11 -10.32 21.63
N LEU B 401 -9.60 -11.39 21.00
CA LEU B 401 -9.04 -11.83 19.73
C LEU B 401 -9.40 -10.89 18.60
N MET B 402 -10.61 -10.30 18.64
CA MET B 402 -10.95 -9.34 17.59
C MET B 402 -10.22 -8.01 17.79
N CYS B 403 -10.04 -7.58 19.05
CA CYS B 403 -9.16 -6.46 19.33
C CYS B 403 -7.72 -6.74 18.91
N GLY B 404 -7.26 -7.98 19.09
CA GLY B 404 -5.93 -8.35 18.64
C GLY B 404 -5.78 -8.32 17.13
N VAL B 405 -6.80 -8.81 16.40
CA VAL B 405 -6.85 -8.78 14.94
C VAL B 405 -6.76 -7.34 14.43
N LEU B 406 -7.62 -6.47 14.96
CA LEU B 406 -7.71 -5.10 14.45
C LEU B 406 -6.48 -4.27 14.82
N ILE B 407 -6.15 -4.21 16.12
CA ILE B 407 -5.10 -3.27 16.51
C ILE B 407 -3.71 -3.84 16.21
N PHE B 408 -3.54 -5.15 16.14
CA PHE B 408 -2.23 -5.70 15.76
C PHE B 408 -2.09 -5.73 14.25
N ALA B 409 -3.16 -5.74 13.49
CA ALA B 409 -3.05 -5.55 12.05
C ALA B 409 -2.64 -4.12 11.73
N THR B 410 -3.22 -3.16 12.45
CA THR B 410 -2.81 -1.76 12.36
C THR B 410 -1.33 -1.57 12.72
N ILE B 411 -0.91 -2.21 13.83
CA ILE B 411 0.44 -2.03 14.35
C ILE B 411 1.52 -2.58 13.43
N VAL B 412 1.36 -3.80 12.93
CA VAL B 412 2.39 -4.46 12.07
C VAL B 412 2.28 -3.95 10.63
N GLY B 413 1.18 -3.32 10.27
CA GLY B 413 1.11 -2.61 9.01
C GLY B 413 1.95 -1.35 9.11
N ASN B 414 1.89 -0.69 10.28
CA ASN B 414 2.77 0.46 10.52
C ASN B 414 4.24 0.03 10.60
N VAL B 415 4.51 -1.15 11.18
CA VAL B 415 5.88 -1.66 11.27
C VAL B 415 6.43 -2.02 9.88
N GLY B 416 5.60 -2.65 9.05
CA GLY B 416 6.02 -2.95 7.69
C GLY B 416 6.24 -1.72 6.84
N SER B 417 5.43 -0.68 7.05
CA SER B 417 5.66 0.59 6.37
C SER B 417 6.92 1.27 6.86
N MET B 418 7.23 1.13 8.16
CA MET B 418 8.41 1.79 8.72
C MET B 418 9.70 1.15 8.25
N ILE B 419 9.73 -0.19 8.15
CA ILE B 419 10.95 -0.84 7.67
C ILE B 419 10.91 -0.96 6.14
N SER B 420 9.80 -0.57 5.52
CA SER B 420 9.84 -0.36 4.07
C SER B 420 10.40 1.00 3.69
N ASN B 421 10.15 2.04 4.51
CA ASN B 421 10.68 3.37 4.19
C ASN B 421 12.13 3.55 4.62
N MET B 422 12.77 2.53 5.19
CA MET B 422 14.20 2.61 5.43
C MET B 422 14.97 2.46 4.12
N SER B 423 14.33 1.90 3.09
CA SER B 423 14.93 1.78 1.77
C SER B 423 14.01 2.31 0.68
N ALA B 424 13.45 3.51 0.87
CA ALA B 424 12.54 4.06 -0.12
C ALA B 424 13.30 4.67 -1.30
N ALA B 425 14.51 5.17 -1.05
CA ALA B 425 15.30 5.76 -2.13
C ALA B 425 15.80 4.69 -3.09
N TRP B 426 16.27 3.56 -2.55
CA TRP B 426 16.69 2.44 -3.38
C TRP B 426 15.51 1.81 -4.11
N THR B 427 14.32 1.83 -3.51
CA THR B 427 13.13 1.28 -4.17
C THR B 427 12.68 2.19 -5.31
N GLU B 428 12.71 3.52 -5.12
CA GLU B 428 12.35 4.43 -6.19
C GLU B 428 13.38 4.41 -7.32
N PHE B 429 14.66 4.31 -6.96
CA PHE B 429 15.75 4.18 -7.92
C PHE B 429 15.65 2.93 -8.80
N GLN B 430 15.29 1.82 -8.20
CA GLN B 430 15.19 0.55 -8.90
C GLN B 430 13.85 0.45 -9.64
N ASN B 431 12.85 1.23 -9.28
CA ASN B 431 11.60 1.29 -10.04
C ASN B 431 11.84 2.09 -11.31
N LYS B 432 12.60 3.19 -11.21
CA LYS B 432 13.00 3.95 -12.38
C LYS B 432 13.88 3.12 -13.31
N MET B 433 14.85 2.38 -12.75
CA MET B 433 15.73 1.59 -13.59
C MET B 433 15.02 0.37 -14.18
N ASP B 434 14.00 -0.17 -13.49
CA ASP B 434 13.18 -1.22 -14.06
C ASP B 434 12.35 -0.70 -15.22
N GLY B 435 11.87 0.54 -15.12
CA GLY B 435 11.19 1.17 -16.26
C GLY B 435 12.09 1.36 -17.46
N ILE B 436 13.33 1.85 -17.22
CA ILE B 436 14.29 2.07 -18.31
C ILE B 436 14.70 0.74 -18.94
N LYS B 437 14.92 -0.28 -18.11
CA LYS B 437 15.34 -1.59 -18.61
C LYS B 437 14.23 -2.30 -19.36
N GLN B 438 12.97 -2.13 -18.94
CA GLN B 438 11.87 -2.75 -19.67
C GLN B 438 11.61 -2.03 -20.99
N TYR B 439 11.79 -0.70 -21.01
CA TYR B 439 11.71 0.05 -22.26
C TYR B 439 12.83 -0.34 -23.23
N MET B 440 14.04 -0.58 -22.72
CA MET B 440 15.13 -0.97 -23.60
C MET B 440 15.06 -2.43 -24.02
N GLU B 441 14.40 -3.28 -23.22
CA GLU B 441 14.22 -4.67 -23.63
C GLU B 441 13.12 -4.79 -24.67
N LEU B 442 12.08 -3.95 -24.56
CA LEU B 442 11.00 -4.00 -25.53
C LEU B 442 11.39 -3.39 -26.88
N ARG B 443 12.26 -2.39 -26.89
CA ARG B 443 12.50 -1.59 -28.09
C ARG B 443 13.75 -1.98 -28.86
N LYS B 444 14.45 -3.05 -28.44
CA LYS B 444 15.63 -3.62 -29.09
C LYS B 444 16.76 -2.60 -29.20
N VAL B 445 17.01 -1.88 -28.12
CA VAL B 445 18.06 -0.87 -28.08
C VAL B 445 19.41 -1.59 -28.04
N SER B 446 20.44 -0.95 -28.60
CA SER B 446 21.78 -1.53 -28.72
C SER B 446 22.41 -1.80 -27.35
N LYS B 447 23.28 -2.80 -27.31
CA LYS B 447 23.85 -3.25 -26.05
C LYS B 447 24.89 -2.28 -25.49
N GLN B 448 25.59 -1.55 -26.38
CA GLN B 448 26.51 -0.50 -25.94
C GLN B 448 25.77 0.62 -25.22
N LEU B 449 24.61 1.02 -25.76
CA LEU B 449 23.81 2.07 -25.13
C LEU B 449 23.12 1.56 -23.86
N GLU B 450 22.80 0.26 -23.81
CA GLU B 450 22.23 -0.33 -22.61
C GLU B 450 23.22 -0.35 -21.47
N ILE B 451 24.47 -0.77 -21.73
CA ILE B 451 25.47 -0.75 -20.67
C ILE B 451 25.93 0.67 -20.36
N ARG B 452 25.77 1.62 -21.30
CA ARG B 452 26.03 3.03 -20.98
C ARG B 452 24.99 3.57 -19.99
N VAL B 453 23.72 3.22 -20.18
CA VAL B 453 22.67 3.64 -19.26
C VAL B 453 22.83 2.96 -17.90
N ILE B 454 23.21 1.67 -17.91
CA ILE B 454 23.39 0.92 -16.67
C ILE B 454 24.60 1.43 -15.88
N LYS B 455 25.68 1.80 -16.57
CA LYS B 455 26.83 2.38 -15.89
C LYS B 455 26.55 3.81 -15.40
N TRP B 456 25.67 4.54 -16.09
CA TRP B 456 25.23 5.84 -15.59
C TRP B 456 24.43 5.70 -14.30
N PHE B 457 23.57 4.69 -14.22
CA PHE B 457 22.83 4.43 -12.99
C PHE B 457 23.73 3.92 -11.87
N ASP B 458 24.77 3.14 -12.21
CA ASP B 458 25.76 2.71 -11.22
C ASP B 458 26.53 3.90 -10.66
N TYR B 459 26.84 4.90 -11.51
CA TYR B 459 27.51 6.09 -11.00
C TYR B 459 26.58 6.93 -10.14
N LEU B 460 25.29 6.99 -10.49
CA LEU B 460 24.39 7.80 -9.68
C LEU B 460 24.05 7.13 -8.35
N TRP B 461 24.14 5.81 -8.27
CA TRP B 461 23.94 5.21 -6.95
C TRP B 461 25.23 5.15 -6.13
N THR B 462 26.38 4.97 -6.78
CA THR B 462 27.64 4.89 -6.05
C THR B 462 28.04 6.24 -5.46
N ASN B 463 27.77 7.32 -6.19
CA ASN B 463 28.15 8.66 -5.77
C ASN B 463 27.00 9.45 -5.15
N LYS B 464 25.79 8.86 -5.12
CA LYS B 464 24.58 9.42 -4.50
C LYS B 464 24.20 10.78 -5.06
N GLN B 465 24.43 10.97 -6.37
CA GLN B 465 24.14 12.23 -7.04
C GLN B 465 22.78 12.23 -7.72
N SER B 466 21.81 11.51 -7.16
CA SER B 466 20.44 11.57 -7.66
C SER B 466 19.82 12.92 -7.34
N LEU B 467 18.71 13.22 -8.01
CA LEU B 467 18.06 14.52 -7.84
C LEU B 467 17.36 14.57 -6.49
N SER B 468 18.11 14.98 -5.47
CA SER B 468 17.62 15.07 -4.11
C SER B 468 17.16 16.48 -3.75
N ASP B 469 17.30 17.43 -4.67
CA ASP B 469 16.87 18.80 -4.42
C ASP B 469 15.37 19.00 -4.64
N GLN B 470 14.64 17.95 -5.03
CA GLN B 470 13.18 18.02 -5.09
C GLN B 470 12.57 18.20 -3.71
N GLN B 471 13.22 17.62 -2.69
CA GLN B 471 12.76 17.69 -1.31
C GLN B 471 12.80 19.12 -0.78
N VAL B 472 13.98 19.75 -0.85
CA VAL B 472 14.13 21.14 -0.45
C VAL B 472 13.36 22.06 -1.41
N LEU B 473 13.16 21.63 -2.66
CA LEU B 473 12.47 22.45 -3.66
C LEU B 473 10.98 22.58 -3.37
N LYS B 474 10.32 21.49 -2.98
CA LYS B 474 8.88 21.57 -2.78
C LYS B 474 8.49 21.52 -1.31
N VAL B 475 9.45 21.64 -0.37
CA VAL B 475 9.10 21.81 1.04
C VAL B 475 9.59 23.15 1.59
N LEU B 476 10.84 23.51 1.34
CA LEU B 476 11.51 24.54 2.10
C LEU B 476 11.32 25.93 1.47
N PRO B 477 11.42 27.02 2.24
CA PRO B 477 11.38 28.35 1.64
C PRO B 477 12.67 28.67 0.90
N ASP B 478 12.55 29.62 -0.03
CA ASP B 478 13.65 29.91 -0.96
C ASP B 478 14.80 30.63 -0.27
N LYS B 479 14.55 31.19 0.90
CA LYS B 479 15.64 31.82 1.68
C LYS B 479 16.43 30.72 2.37
N LEU B 480 15.76 29.67 2.85
CA LEU B 480 16.43 28.50 3.40
C LEU B 480 17.02 27.60 2.33
N GLN B 481 16.36 27.52 1.17
CA GLN B 481 16.90 26.77 0.03
C GLN B 481 18.18 27.40 -0.49
N ALA B 482 18.22 28.73 -0.61
CA ALA B 482 19.41 29.41 -1.10
C ALA B 482 20.53 29.34 -0.08
N GLU B 483 20.20 29.35 1.21
CA GLU B 483 21.25 29.22 2.24
C GLU B 483 21.82 27.81 2.29
N ILE B 484 20.99 26.79 2.08
CA ILE B 484 21.49 25.42 2.01
C ILE B 484 22.32 25.20 0.76
N ALA B 485 21.86 25.73 -0.38
CA ALA B 485 22.57 25.55 -1.65
C ALA B 485 23.88 26.33 -1.71
N MET B 486 23.95 27.48 -1.03
CA MET B 486 25.22 28.17 -0.92
C MET B 486 26.09 27.60 0.20
N GLN B 487 25.50 26.83 1.10
CA GLN B 487 26.29 26.10 2.09
C GLN B 487 26.99 24.89 1.46
N VAL B 488 26.27 24.14 0.64
CA VAL B 488 26.76 22.88 0.11
C VAL B 488 27.81 23.11 -0.97
N HIS B 489 27.52 23.99 -1.91
CA HIS B 489 28.39 24.25 -3.05
C HIS B 489 29.29 25.45 -2.83
N PHE B 490 29.77 25.66 -1.60
CA PHE B 490 30.57 26.86 -1.33
C PHE B 490 31.97 26.75 -1.93
N GLU B 491 32.57 25.57 -1.86
CA GLU B 491 33.89 25.36 -2.45
C GLU B 491 33.84 25.33 -3.97
N THR B 492 32.68 24.97 -4.55
CA THR B 492 32.55 25.01 -6.01
C THR B 492 32.28 26.42 -6.49
N LEU B 493 31.35 27.13 -5.84
CA LEU B 493 30.99 28.47 -6.28
C LEU B 493 31.94 29.54 -5.78
N ARG B 494 32.95 29.17 -4.98
CA ARG B 494 34.04 30.08 -4.69
C ARG B 494 35.05 30.14 -5.82
N LYS B 495 35.04 29.16 -6.72
CA LYS B 495 35.94 29.13 -7.86
C LYS B 495 35.33 29.79 -9.11
N VAL B 496 34.09 30.24 -9.04
CA VAL B 496 33.38 30.75 -10.21
C VAL B 496 33.66 32.24 -10.34
N ARG B 497 34.20 32.64 -11.48
CA ARG B 497 34.65 34.02 -11.67
C ARG B 497 33.50 34.98 -11.97
N ILE B 498 32.37 34.50 -12.47
CA ILE B 498 31.22 35.41 -12.64
C ILE B 498 30.49 35.64 -11.33
N PHE B 499 30.75 34.84 -10.30
CA PHE B 499 30.13 34.97 -9.00
C PHE B 499 31.03 35.66 -7.99
N GLN B 500 32.34 35.44 -8.07
CA GLN B 500 33.24 36.01 -7.07
C GLN B 500 33.84 37.34 -7.47
N ASP B 501 33.66 37.78 -8.71
CA ASP B 501 34.16 39.07 -9.16
C ASP B 501 33.03 40.07 -9.33
N CYS B 502 31.90 39.82 -8.68
CA CYS B 502 30.69 40.61 -8.88
C CYS B 502 29.92 40.66 -7.57
N GLU B 503 28.65 41.05 -7.66
CA GLU B 503 27.82 41.23 -6.47
C GLU B 503 27.25 39.90 -6.00
N ALA B 504 26.95 39.83 -4.70
CA ALA B 504 26.43 38.60 -4.10
C ALA B 504 24.96 38.38 -4.43
N GLY B 505 24.26 39.41 -4.88
CA GLY B 505 22.86 39.26 -5.25
C GLY B 505 22.68 38.42 -6.51
N LEU B 506 23.70 38.43 -7.39
CA LEU B 506 23.66 37.60 -8.59
C LEU B 506 23.74 36.11 -8.24
N LEU B 507 24.65 35.76 -7.32
CA LEU B 507 24.74 34.36 -6.87
C LEU B 507 23.52 33.95 -6.08
N ALA B 508 22.97 34.86 -5.26
CA ALA B 508 21.77 34.56 -4.49
C ALA B 508 20.55 34.40 -5.40
N GLU B 509 20.52 35.12 -6.53
CA GLU B 509 19.46 34.93 -7.51
C GLU B 509 19.64 33.61 -8.27
N LEU B 510 20.86 33.33 -8.71
CA LEU B 510 21.08 32.25 -9.65
C LEU B 510 21.28 30.89 -9.00
N VAL B 511 21.47 30.82 -7.68
CA VAL B 511 21.88 29.56 -7.06
C VAL B 511 20.72 28.57 -6.98
N LEU B 512 19.48 29.05 -7.13
CA LEU B 512 18.35 28.13 -7.14
C LEU B 512 17.95 27.72 -8.55
N LYS B 513 18.40 28.44 -9.56
CA LYS B 513 18.10 28.10 -10.94
C LYS B 513 19.14 27.20 -11.57
N LEU B 514 20.17 26.80 -10.82
CA LEU B 514 21.15 25.86 -11.32
C LEU B 514 20.68 24.43 -11.10
N GLN B 515 20.81 23.61 -12.13
CA GLN B 515 20.41 22.21 -12.08
C GLN B 515 21.63 21.32 -12.27
N LEU B 516 21.72 20.28 -11.45
CA LEU B 516 22.84 19.35 -11.53
C LEU B 516 22.52 18.24 -12.51
N GLN B 517 23.38 18.09 -13.53
CA GLN B 517 23.22 17.07 -14.54
C GLN B 517 24.51 16.28 -14.64
N VAL B 518 24.40 14.96 -14.65
CA VAL B 518 25.54 14.05 -14.65
C VAL B 518 25.74 13.51 -16.05
N PHE B 519 26.96 13.63 -16.57
CA PHE B 519 27.28 13.21 -17.92
C PHE B 519 28.26 12.05 -17.88
N SER B 520 28.13 11.16 -18.86
CA SER B 520 28.98 9.97 -18.96
C SER B 520 30.37 10.36 -19.46
N PRO B 521 31.37 9.48 -19.32
CA PRO B 521 32.67 9.78 -19.94
C PRO B 521 32.62 9.64 -21.44
N GLY B 522 33.27 10.58 -22.12
CA GLY B 522 33.23 10.64 -23.56
C GLY B 522 32.02 11.35 -24.13
N ASP B 523 31.12 11.84 -23.29
CA ASP B 523 29.93 12.54 -23.77
C ASP B 523 30.31 13.92 -24.30
N PHE B 524 29.65 14.31 -25.37
CA PHE B 524 29.80 15.66 -25.92
C PHE B 524 28.69 16.51 -25.32
N ILE B 525 29.08 17.38 -24.39
CA ILE B 525 28.12 18.32 -23.82
C ILE B 525 27.78 19.40 -24.83
N CYS B 526 28.79 19.93 -25.53
CA CYS B 526 28.59 20.90 -26.59
C CYS B 526 29.39 20.47 -27.80
N LYS B 527 28.80 20.63 -28.98
CA LYS B 527 29.58 20.59 -30.22
C LYS B 527 28.98 21.58 -31.20
N LYS B 528 29.78 21.94 -32.22
CA LYS B 528 29.61 23.15 -33.01
C LYS B 528 28.33 23.19 -33.83
N GLY B 529 27.83 22.04 -34.27
CA GLY B 529 26.61 22.04 -35.05
C GLY B 529 25.35 22.26 -34.24
N ASP B 530 25.40 21.93 -32.95
CA ASP B 530 24.23 22.05 -32.09
C ASP B 530 23.99 23.50 -31.72
N ILE B 531 22.75 23.81 -31.38
CA ILE B 531 22.39 25.12 -30.88
C ILE B 531 22.40 25.07 -29.37
N GLY B 532 22.59 26.23 -28.75
CA GLY B 532 22.75 26.27 -27.31
C GLY B 532 21.69 27.08 -26.59
N ARG B 533 21.01 26.44 -25.65
CA ARG B 533 20.02 27.10 -24.81
C ARG B 533 20.46 27.21 -23.36
N GLU B 534 21.66 26.74 -23.03
CA GLU B 534 22.10 26.58 -21.64
C GLU B 534 23.57 26.93 -21.50
N MET B 535 23.95 27.33 -20.29
CA MET B 535 25.35 27.39 -19.90
C MET B 535 25.61 26.36 -18.81
N TYR B 536 26.90 26.11 -18.56
CA TYR B 536 27.31 25.03 -17.67
C TYR B 536 28.42 25.51 -16.77
N ILE B 537 28.29 25.25 -15.47
CA ILE B 537 29.34 25.46 -14.49
C ILE B 537 29.71 24.10 -13.92
N VAL B 538 31.01 23.83 -13.84
CA VAL B 538 31.48 22.49 -13.51
C VAL B 538 31.41 22.29 -11.99
N LYS B 539 30.55 21.39 -11.54
CA LYS B 539 30.50 21.03 -10.13
C LYS B 539 31.57 19.98 -9.79
N ARG B 540 31.65 18.93 -10.59
CA ARG B 540 32.69 17.93 -10.46
C ARG B 540 33.11 17.52 -11.87
N GLY B 541 34.29 16.93 -11.97
CA GLY B 541 34.68 16.35 -13.22
C GLY B 541 35.69 17.18 -13.98
N ARG B 542 36.21 16.59 -15.05
CA ARG B 542 37.17 17.22 -15.95
C ARG B 542 36.65 17.12 -17.36
N LEU B 543 36.81 18.19 -18.13
CA LEU B 543 36.37 18.25 -19.52
C LEU B 543 37.53 18.68 -20.40
N GLN B 544 37.33 18.56 -21.71
CA GLN B 544 38.35 18.92 -22.68
C GLN B 544 37.69 19.57 -23.89
N VAL B 545 38.27 20.68 -24.33
CA VAL B 545 37.81 21.36 -25.54
C VAL B 545 38.57 20.79 -26.72
N VAL B 546 37.87 20.03 -27.57
CA VAL B 546 38.51 19.25 -28.62
C VAL B 546 38.09 19.76 -29.99
N ASP B 547 38.67 19.19 -31.03
CA ASP B 547 38.29 19.49 -32.40
C ASP B 547 37.24 18.49 -32.88
N ASP B 548 36.95 18.54 -34.19
CA ASP B 548 35.96 17.63 -34.75
C ASP B 548 36.52 16.22 -34.92
N ASP B 549 37.85 16.09 -34.98
CA ASP B 549 38.42 14.74 -35.01
C ASP B 549 38.43 14.10 -33.62
N GLY B 550 38.34 14.91 -32.58
CA GLY B 550 38.34 14.42 -31.22
C GLY B 550 39.70 14.12 -30.65
N LYS B 551 40.78 14.44 -31.36
CA LYS B 551 42.14 14.14 -30.91
C LYS B 551 42.80 15.37 -30.32
N LYS B 552 42.83 16.49 -31.04
CA LYS B 552 43.55 17.66 -30.58
C LYS B 552 42.77 18.41 -29.50
N VAL B 553 43.40 18.60 -28.34
CA VAL B 553 42.79 19.26 -27.20
C VAL B 553 43.39 20.65 -27.06
N PHE B 554 42.50 21.65 -26.92
CA PHE B 554 42.96 23.03 -26.77
C PHE B 554 43.17 23.38 -25.31
N VAL B 555 42.12 23.26 -24.49
CA VAL B 555 42.16 23.64 -23.09
C VAL B 555 41.25 22.69 -22.32
N THR B 556 41.69 22.31 -21.12
CA THR B 556 40.88 21.48 -20.25
C THR B 556 40.07 22.34 -19.29
N LEU B 557 38.97 21.77 -18.82
CA LEU B 557 38.06 22.47 -17.92
C LEU B 557 37.94 21.67 -16.63
N GLN B 558 38.21 22.34 -15.50
CA GLN B 558 38.24 21.73 -14.19
C GLN B 558 37.03 22.23 -13.39
N GLU B 559 36.99 21.88 -12.11
CA GLU B 559 35.90 22.29 -11.23
C GLU B 559 35.87 23.80 -11.04
N GLY B 560 34.68 24.38 -11.25
CA GLY B 560 34.50 25.82 -11.17
C GLY B 560 34.63 26.55 -12.48
N SER B 561 34.93 25.84 -13.58
CA SER B 561 35.04 26.49 -14.87
C SER B 561 33.66 26.81 -15.42
N VAL B 562 33.60 27.90 -16.19
CA VAL B 562 32.37 28.38 -16.79
C VAL B 562 32.52 28.22 -18.30
N PHE B 563 31.58 27.52 -18.92
CA PHE B 563 31.59 27.35 -20.36
C PHE B 563 30.14 27.22 -20.84
N GLY B 564 29.97 27.34 -22.14
CA GLY B 564 28.66 27.26 -22.73
C GLY B 564 27.91 28.59 -22.79
N GLU B 565 28.57 29.69 -22.48
CA GLU B 565 27.87 30.97 -22.43
C GLU B 565 27.93 31.72 -23.76
N LEU B 566 28.80 31.32 -24.69
CA LEU B 566 28.96 32.06 -25.94
C LEU B 566 27.74 31.95 -26.84
N SER B 567 27.00 30.84 -26.73
CA SER B 567 25.82 30.65 -27.56
C SER B 567 24.63 31.46 -27.06
N ILE B 568 24.55 31.69 -25.75
CA ILE B 568 23.35 32.28 -25.18
C ILE B 568 23.55 33.77 -24.90
N LEU B 569 24.79 34.20 -24.74
CA LEU B 569 25.06 35.62 -24.84
C LEU B 569 24.97 36.04 -26.30
N ASN B 570 24.42 37.23 -26.53
CA ASN B 570 24.11 37.70 -27.88
C ASN B 570 25.16 38.71 -28.29
N ILE B 571 26.20 38.22 -28.97
CA ILE B 571 27.23 39.07 -29.53
C ILE B 571 27.09 39.06 -31.05
N ALA B 572 26.95 40.24 -31.65
CA ALA B 572 26.82 40.36 -33.10
C ALA B 572 28.15 40.50 -33.81
N GLY B 573 29.27 40.32 -33.11
CA GLY B 573 30.59 40.50 -33.67
C GLY B 573 31.18 39.31 -34.42
N SER B 574 30.57 38.13 -34.32
CA SER B 574 31.09 36.95 -34.97
C SER B 574 29.97 36.25 -35.73
N LYS B 575 30.37 35.22 -36.48
CA LYS B 575 29.49 34.59 -37.45
C LYS B 575 28.53 33.57 -36.84
N ASN B 576 28.79 33.13 -35.60
CA ASN B 576 28.05 32.00 -35.04
C ASN B 576 26.67 32.41 -34.54
N GLY B 577 26.62 33.29 -33.55
CA GLY B 577 25.36 33.67 -32.95
C GLY B 577 24.86 32.63 -31.95
N ASN B 578 23.86 31.85 -32.35
CA ASN B 578 23.27 30.87 -31.46
C ASN B 578 24.04 29.54 -31.51
N ARG B 579 25.01 29.40 -32.40
CA ARG B 579 25.77 28.16 -32.52
C ARG B 579 26.79 28.02 -31.40
N ARG B 580 27.13 26.79 -31.07
CA ARG B 580 28.28 26.52 -30.22
C ARG B 580 29.56 26.77 -31.00
N THR B 581 30.54 27.39 -30.35
CA THR B 581 31.79 27.71 -31.02
C THR B 581 32.89 26.68 -30.83
N ALA B 582 32.66 25.66 -29.99
CA ALA B 582 33.69 24.69 -29.70
C ALA B 582 33.06 23.36 -29.33
N ASN B 583 33.90 22.32 -29.32
CA ASN B 583 33.49 20.96 -28.97
C ASN B 583 34.06 20.64 -27.59
N VAL B 584 33.21 20.65 -26.57
CA VAL B 584 33.65 20.17 -25.27
C VAL B 584 33.24 18.70 -25.10
N ARG B 585 34.03 17.99 -24.31
CA ARG B 585 33.87 16.55 -24.18
C ARG B 585 34.27 16.15 -22.77
N SER B 586 33.41 15.36 -22.12
CA SER B 586 33.68 14.92 -20.76
C SER B 586 34.75 13.84 -20.75
N VAL B 587 35.73 14.00 -19.87
CA VAL B 587 36.82 13.03 -19.76
C VAL B 587 36.33 11.85 -18.95
N GLY B 588 35.92 12.10 -17.71
CA GLY B 588 35.25 11.12 -16.89
C GLY B 588 33.79 11.46 -16.71
N TYR B 589 33.24 11.01 -15.59
CA TYR B 589 31.89 11.43 -15.24
C TYR B 589 31.93 12.86 -14.74
N THR B 590 30.94 13.66 -15.15
CA THR B 590 30.99 15.10 -14.95
C THR B 590 29.65 15.59 -14.44
N ASP B 591 29.64 16.19 -13.26
CA ASP B 591 28.48 16.94 -12.81
C ASP B 591 28.59 18.39 -13.26
N LEU B 592 27.47 18.96 -13.69
CA LEU B 592 27.48 20.30 -14.25
C LEU B 592 26.32 21.10 -13.70
N PHE B 593 26.57 22.37 -13.38
CA PHE B 593 25.52 23.30 -12.96
C PHE B 593 24.93 23.94 -14.21
N VAL B 594 23.82 23.36 -14.67
CA VAL B 594 23.18 23.89 -15.88
C VAL B 594 22.29 25.07 -15.53
N LEU B 595 22.32 26.08 -16.38
CA LEU B 595 21.55 27.30 -16.20
C LEU B 595 20.98 27.72 -17.54
N SER B 596 19.69 28.00 -17.56
CA SER B 596 18.98 28.30 -18.80
C SER B 596 19.38 29.66 -19.35
N LYS B 597 19.05 29.89 -20.61
CA LYS B 597 19.29 31.20 -21.24
C LYS B 597 18.37 32.26 -20.63
N THR B 598 17.13 31.88 -20.32
CA THR B 598 16.15 32.80 -19.77
C THR B 598 16.52 33.23 -18.35
N ASP B 599 16.95 32.29 -17.50
CA ASP B 599 17.27 32.62 -16.11
C ASP B 599 18.54 33.44 -16.01
N LEU B 600 19.53 33.10 -16.84
CA LEU B 600 20.74 33.91 -16.95
C LEU B 600 20.44 35.31 -17.45
N TRP B 601 19.57 35.46 -18.43
CA TRP B 601 19.31 36.80 -18.94
C TRP B 601 18.38 37.59 -18.04
N ASN B 602 17.58 36.93 -17.20
CA ASN B 602 16.89 37.62 -16.12
C ASN B 602 17.87 38.21 -15.13
N ALA B 603 18.80 37.40 -14.63
CA ALA B 603 19.77 37.88 -13.66
C ALA B 603 20.82 38.82 -14.28
N LEU B 604 20.97 38.81 -15.60
CA LEU B 604 21.86 39.75 -16.26
C LEU B 604 21.18 41.06 -16.62
N ARG B 605 19.87 41.03 -16.87
CA ARG B 605 19.15 42.29 -17.04
C ARG B 605 18.98 43.00 -15.71
N GLU B 606 18.92 42.25 -14.60
CA GLU B 606 18.85 42.93 -13.31
C GLU B 606 20.23 43.39 -12.83
N TYR B 607 21.27 42.60 -13.07
CA TYR B 607 22.62 42.94 -12.61
C TYR B 607 23.51 43.27 -13.80
N PRO B 608 23.91 44.52 -14.00
CA PRO B 608 24.58 44.91 -15.25
C PRO B 608 26.08 44.63 -15.29
N ASP B 609 26.73 44.57 -14.12
CA ASP B 609 28.18 44.43 -14.10
C ASP B 609 28.61 43.02 -14.46
N ALA B 610 27.83 42.01 -14.06
CA ALA B 610 28.07 40.64 -14.51
C ALA B 610 27.83 40.49 -16.00
N ARG B 611 26.87 41.24 -16.55
CA ARG B 611 26.65 41.26 -17.99
C ARG B 611 27.83 41.87 -18.71
N LYS B 612 28.42 42.93 -18.15
CA LYS B 612 29.57 43.57 -18.77
C LYS B 612 30.80 42.66 -18.74
N LEU B 613 31.04 41.96 -17.62
CA LEU B 613 32.15 41.01 -17.55
C LEU B 613 31.95 39.80 -18.46
N LEU B 614 30.71 39.29 -18.55
CA LEU B 614 30.42 38.13 -19.39
C LEU B 614 30.57 38.46 -20.88
N LEU B 615 30.00 39.58 -21.33
CA LEU B 615 30.15 39.96 -22.73
C LEU B 615 31.56 40.41 -23.06
N ALA B 616 32.30 40.95 -22.07
CA ALA B 616 33.69 41.36 -22.30
C ALA B 616 34.59 40.15 -22.53
N LYS B 617 34.52 39.15 -21.64
CA LYS B 617 35.37 37.98 -21.83
C LYS B 617 34.87 37.09 -22.97
N GLY B 618 33.57 37.16 -23.29
CA GLY B 618 33.06 36.41 -24.42
C GLY B 618 33.50 37.00 -25.75
N ARG B 619 33.49 38.32 -25.86
CA ARG B 619 33.98 38.96 -27.08
C ARG B 619 35.50 38.84 -27.16
N GLU B 620 36.19 38.78 -26.02
CA GLU B 620 37.64 38.57 -26.04
C GLU B 620 38.02 37.17 -26.54
N ILE B 621 37.30 36.13 -26.10
CA ILE B 621 37.63 34.80 -26.62
C ILE B 621 37.09 34.60 -28.02
N LEU B 622 36.04 35.33 -28.40
CA LEU B 622 35.54 35.23 -29.77
C LEU B 622 36.44 35.95 -30.77
N LYS B 623 37.09 37.04 -30.35
CA LYS B 623 38.01 37.72 -31.25
C LYS B 623 39.45 37.25 -31.29
N LYS B 624 39.91 36.44 -30.33
CA LYS B 624 41.10 35.65 -30.65
C LYS B 624 40.75 34.34 -31.36
N ASP B 625 39.48 33.93 -31.29
CA ASP B 625 39.01 32.77 -32.02
C ASP B 625 38.33 33.26 -33.30
N TYR C 106 60.20 -16.07 -12.32
CA TYR C 106 58.98 -15.30 -12.49
C TYR C 106 58.57 -14.65 -11.16
N ALA C 107 59.45 -14.82 -10.16
CA ALA C 107 59.20 -14.22 -8.85
C ALA C 107 59.28 -12.71 -8.91
N VAL C 108 60.20 -12.17 -9.71
CA VAL C 108 60.28 -10.72 -9.87
C VAL C 108 59.12 -10.20 -10.72
N ARG C 109 58.59 -11.04 -11.62
CA ARG C 109 57.40 -10.68 -12.40
C ARG C 109 56.17 -10.54 -11.51
N ILE C 110 55.94 -11.54 -10.65
CA ILE C 110 54.81 -11.50 -9.71
C ILE C 110 55.01 -10.40 -8.67
N ARG C 111 56.26 -10.20 -8.24
CA ARG C 111 56.56 -9.22 -7.19
C ARG C 111 56.36 -7.79 -7.69
N LYS C 112 56.88 -7.46 -8.88
CA LYS C 112 56.70 -6.11 -9.39
C LYS C 112 55.31 -5.88 -9.95
N TYR C 113 54.62 -6.93 -10.40
CA TYR C 113 53.23 -6.78 -10.82
C TYR C 113 52.32 -6.49 -9.63
N LEU C 114 52.57 -7.14 -8.49
CA LEU C 114 51.79 -6.80 -7.30
C LEU C 114 52.32 -5.53 -6.62
N ALA C 115 53.54 -5.10 -6.96
CA ALA C 115 54.05 -3.86 -6.43
C ALA C 115 53.44 -2.55 -6.91
N ASN C 116 53.08 -2.47 -8.19
CA ASN C 116 52.33 -1.32 -8.70
C ASN C 116 50.99 -1.79 -9.46
N TYR C 117 50.26 -2.60 -8.69
CA TYR C 117 48.96 -3.08 -9.13
C TYR C 117 48.09 -2.05 -8.43
N THR C 118 46.99 -1.67 -9.09
CA THR C 118 45.98 -0.82 -8.49
C THR C 118 44.63 -1.21 -9.09
N GLN C 119 43.65 -1.49 -8.24
CA GLN C 119 42.37 -2.00 -8.69
C GLN C 119 41.45 -0.88 -9.16
N ASP C 120 40.80 -1.08 -10.30
CA ASP C 120 39.71 -0.24 -10.75
C ASP C 120 38.40 -0.81 -10.22
N PRO C 121 37.64 -0.07 -9.41
CA PRO C 121 36.41 -0.64 -8.85
C PRO C 121 35.26 -0.73 -9.83
N SER C 122 35.36 -0.07 -10.98
CA SER C 122 34.26 -0.03 -11.95
C SER C 122 34.30 -1.16 -12.97
N THR C 123 35.29 -2.05 -12.90
CA THR C 123 35.45 -3.10 -13.89
C THR C 123 34.42 -4.20 -13.65
N ASP C 124 34.23 -5.06 -14.67
CA ASP C 124 33.39 -6.24 -14.50
C ASP C 124 34.11 -7.32 -13.70
N ASN C 125 35.43 -7.40 -13.82
CA ASN C 125 36.21 -8.39 -13.08
C ASN C 125 36.19 -8.12 -11.59
N PHE C 126 36.15 -6.85 -11.20
CA PHE C 126 35.97 -6.52 -9.80
C PHE C 126 34.58 -6.88 -9.30
N TYR C 127 33.57 -6.78 -10.16
CA TYR C 127 32.22 -7.19 -9.78
C TYR C 127 32.12 -8.69 -9.59
N TYR C 128 32.84 -9.46 -10.42
CA TYR C 128 32.93 -10.90 -10.21
C TYR C 128 33.69 -11.24 -8.95
N TRP C 129 34.67 -10.41 -8.59
CA TRP C 129 35.36 -10.60 -7.31
C TRP C 129 34.44 -10.31 -6.12
N THR C 130 33.56 -9.30 -6.25
CA THR C 130 32.59 -9.05 -5.19
C THR C 130 31.59 -10.19 -5.06
N CYS C 131 31.28 -10.87 -6.18
CA CYS C 131 30.47 -12.09 -6.09
C CYS C 131 31.22 -13.23 -5.38
N VAL C 132 32.54 -13.32 -5.57
CA VAL C 132 33.33 -14.33 -4.86
C VAL C 132 33.37 -14.04 -3.35
N VAL C 133 33.51 -12.76 -2.97
CA VAL C 133 33.46 -12.35 -1.57
C VAL C 133 32.07 -12.59 -0.97
N THR C 134 31.01 -12.44 -1.77
CA THR C 134 29.65 -12.78 -1.33
C THR C 134 29.49 -14.27 -1.04
N VAL C 135 30.10 -15.12 -1.88
CA VAL C 135 30.09 -16.57 -1.65
C VAL C 135 30.82 -16.93 -0.37
N ALA C 136 31.98 -16.30 -0.12
CA ALA C 136 32.74 -16.55 1.11
C ALA C 136 31.99 -16.06 2.35
N TYR C 137 31.27 -14.95 2.23
CA TYR C 137 30.49 -14.43 3.35
C TYR C 137 29.30 -15.32 3.67
N ILE C 138 28.64 -15.87 2.64
CA ILE C 138 27.51 -16.77 2.85
C ILE C 138 27.99 -18.07 3.52
N TYR C 139 29.17 -18.55 3.13
CA TYR C 139 29.83 -19.68 3.81
C TYR C 139 30.03 -19.40 5.29
N ASN C 140 30.61 -18.22 5.61
CA ASN C 140 30.91 -17.85 6.99
C ASN C 140 29.65 -17.77 7.83
N LEU C 141 28.59 -17.15 7.28
CA LEU C 141 27.27 -17.02 7.93
C LEU C 141 26.70 -18.38 8.34
N LEU C 142 26.37 -19.19 7.33
CA LEU C 142 25.68 -20.46 7.54
C LEU C 142 26.52 -21.44 8.34
N PHE C 143 27.75 -21.68 7.90
CA PHE C 143 28.47 -22.78 8.49
C PHE C 143 29.20 -22.41 9.77
N VAL C 144 29.35 -21.12 10.09
CA VAL C 144 29.93 -20.80 11.38
C VAL C 144 28.89 -20.89 12.48
N ILE C 145 27.65 -20.43 12.23
CA ILE C 145 26.65 -20.63 13.28
C ILE C 145 26.24 -22.12 13.37
N ALA C 146 26.30 -22.86 12.26
CA ALA C 146 25.98 -24.28 12.30
C ALA C 146 27.06 -25.09 12.97
N ARG C 147 28.34 -24.72 12.80
CA ARG C 147 29.41 -25.46 13.45
C ARG C 147 29.54 -25.13 14.92
N GLN C 148 29.12 -23.93 15.32
CA GLN C 148 29.08 -23.64 16.75
C GLN C 148 27.97 -24.43 17.44
N VAL C 149 26.76 -24.39 16.89
CA VAL C 149 25.64 -25.03 17.58
C VAL C 149 25.62 -26.54 17.38
N PHE C 150 25.57 -26.98 16.13
CA PHE C 150 25.55 -28.41 15.80
C PHE C 150 26.98 -28.87 15.67
N ASN C 151 27.60 -29.21 16.80
CA ASN C 151 29.04 -29.45 16.85
C ASN C 151 29.45 -30.83 16.35
N ASP C 152 28.51 -31.64 15.86
CA ASP C 152 28.85 -32.87 15.17
C ASP C 152 29.11 -32.66 13.69
N LEU C 153 29.12 -31.41 13.22
CA LEU C 153 29.39 -31.14 11.81
C LEU C 153 30.86 -31.27 11.49
N ILE C 154 31.72 -31.28 12.50
CA ILE C 154 33.15 -31.55 12.32
C ILE C 154 33.52 -32.94 12.79
N GLY C 155 32.55 -33.75 13.15
CA GLY C 155 32.80 -34.97 13.88
C GLY C 155 32.24 -34.83 15.29
N PRO C 156 31.64 -35.90 15.81
CA PRO C 156 30.94 -35.82 17.11
C PRO C 156 31.78 -35.46 18.32
N SER C 157 33.07 -35.86 18.35
CA SER C 157 34.06 -35.49 19.38
C SER C 157 33.70 -35.97 20.79
N SER C 158 32.73 -36.88 20.91
CA SER C 158 32.25 -37.46 22.16
C SER C 158 31.50 -38.72 21.80
N GLN C 159 31.60 -39.72 22.64
CA GLN C 159 30.97 -41.02 22.40
C GLN C 159 29.63 -41.05 23.10
N SER C 160 28.56 -41.25 22.32
CA SER C 160 27.22 -41.39 22.89
C SER C 160 27.08 -42.74 23.58
N LEU C 161 26.56 -42.73 24.80
CA LEU C 161 26.48 -43.92 25.65
C LEU C 161 25.03 -44.14 26.07
N CYS C 162 24.34 -45.03 25.37
CA CYS C 162 22.98 -45.37 25.75
C CYS C 162 22.97 -46.56 26.71
N ARG C 163 22.00 -46.55 27.63
CA ARG C 163 21.76 -47.70 28.48
C ARG C 163 21.02 -48.77 27.69
N PHE C 164 21.50 -50.00 27.77
CA PHE C 164 20.97 -51.07 26.93
C PHE C 164 20.77 -52.32 27.77
N TYR C 165 19.51 -52.77 27.87
CA TYR C 165 19.20 -54.04 28.52
C TYR C 165 19.63 -55.17 27.59
N ASN C 166 20.68 -55.88 27.96
CA ASN C 166 21.24 -56.91 27.10
C ASN C 166 20.39 -58.17 27.17
N GLY C 167 20.24 -58.85 26.02
CA GLY C 167 19.46 -60.07 25.96
C GLY C 167 20.21 -61.32 26.32
N THR C 168 21.52 -61.24 26.54
CA THR C 168 22.34 -62.37 26.93
C THR C 168 22.70 -62.35 28.41
N LEU C 169 23.21 -61.22 28.89
CA LEU C 169 23.60 -61.09 30.29
C LEU C 169 22.44 -60.69 31.20
N ASN C 170 21.29 -60.31 30.61
CA ASN C 170 20.05 -59.93 31.31
C ASN C 170 20.26 -58.76 32.28
N SER C 171 21.05 -57.78 31.86
CA SER C 171 21.36 -56.64 32.71
C SER C 171 21.62 -55.43 31.82
N THR C 172 21.47 -54.24 32.41
CA THR C 172 21.69 -53.01 31.66
C THR C 172 23.17 -52.67 31.63
N THR C 173 23.66 -52.27 30.45
CA THR C 173 25.04 -51.86 30.26
C THR C 173 25.06 -50.50 29.59
N GLN C 174 26.12 -49.74 29.85
CA GLN C 174 26.29 -48.42 29.22
C GLN C 174 27.22 -48.54 28.02
N VAL C 175 26.71 -49.19 26.98
CA VAL C 175 27.47 -49.39 25.76
C VAL C 175 27.22 -48.23 24.82
N GLU C 176 28.05 -48.12 23.77
CA GLU C 176 27.91 -47.09 22.76
C GLU C 176 26.60 -47.27 21.98
N CYS C 177 25.95 -46.15 21.67
CA CYS C 177 24.65 -46.16 21.02
C CYS C 177 24.75 -46.61 19.57
N THR C 178 23.81 -47.44 19.18
CA THR C 178 23.56 -47.83 17.80
C THR C 178 22.42 -46.92 17.31
N TYR C 179 22.11 -46.99 16.01
CA TYR C 179 20.94 -46.27 15.50
C TYR C 179 19.64 -46.91 15.99
N ASN C 180 19.68 -48.20 16.34
CA ASN C 180 18.51 -48.83 16.94
C ASN C 180 18.33 -48.43 18.39
N MET C 181 19.40 -47.98 19.04
CA MET C 181 19.32 -47.55 20.43
C MET C 181 19.05 -46.05 20.56
N LEU C 182 19.23 -45.30 19.48
CA LEU C 182 18.80 -43.90 19.46
C LEU C 182 17.35 -43.77 19.03
N THR C 183 16.72 -44.89 18.66
CA THR C 183 15.30 -44.92 18.36
C THR C 183 14.53 -45.36 19.59
N ASN C 184 13.41 -44.66 19.87
CA ASN C 184 12.48 -44.92 20.98
C ASN C 184 13.18 -44.86 22.33
N MET C 185 13.84 -43.75 22.61
CA MET C 185 14.65 -43.63 23.79
C MET C 185 13.79 -43.33 25.02
N LYS C 186 14.12 -43.97 26.13
CA LYS C 186 13.53 -43.63 27.42
C LYS C 186 14.31 -42.54 28.14
N GLU C 187 15.54 -42.27 27.69
CA GLU C 187 16.37 -41.20 28.21
C GLU C 187 17.40 -40.85 27.16
N MET C 188 17.90 -39.62 27.23
CA MET C 188 18.89 -39.16 26.27
C MET C 188 20.25 -39.75 26.62
N PRO C 189 21.11 -40.01 25.64
CA PRO C 189 22.40 -40.62 25.95
C PRO C 189 23.37 -39.65 26.58
N THR C 190 24.23 -40.19 27.44
CA THR C 190 25.34 -39.43 27.98
C THR C 190 26.53 -39.49 27.01
N TYR C 191 27.33 -38.44 27.02
CA TYR C 191 28.41 -38.27 26.06
C TYR C 191 29.74 -38.36 26.80
N SER C 192 30.41 -39.50 26.67
CA SER C 192 31.77 -39.61 27.18
C SER C 192 32.75 -39.00 26.20
N GLN C 193 33.66 -38.19 26.71
CA GLN C 193 34.58 -37.44 25.86
C GLN C 193 35.65 -38.35 25.28
N TYR C 194 35.98 -38.13 24.02
CA TYR C 194 37.07 -38.88 23.39
C TYR C 194 38.40 -38.43 23.97
N PRO C 195 39.40 -39.31 24.02
CA PRO C 195 40.73 -38.86 24.49
C PRO C 195 41.43 -37.95 23.50
N ASP C 196 41.25 -38.18 22.20
CA ASP C 196 41.83 -37.35 21.16
C ASP C 196 40.82 -36.37 20.58
N LEU C 197 39.63 -36.26 21.19
CA LEU C 197 38.52 -35.38 20.77
C LEU C 197 38.07 -35.67 19.34
N GLY C 198 38.08 -36.94 18.96
CA GLY C 198 37.62 -37.36 17.66
C GLY C 198 38.57 -37.07 16.52
N TRP C 199 39.82 -36.71 16.80
CA TRP C 199 40.78 -36.39 15.75
C TRP C 199 41.35 -37.62 15.06
N SER C 200 41.19 -38.81 15.63
CA SER C 200 41.72 -40.01 15.01
C SER C 200 40.78 -40.60 13.97
N LYS C 201 39.52 -40.20 13.96
CA LYS C 201 38.55 -40.78 13.05
C LYS C 201 37.69 -39.76 12.31
N TYR C 202 37.68 -38.49 12.70
CA TYR C 202 36.99 -37.44 11.95
C TYR C 202 37.97 -36.39 11.43
N TRP C 203 39.23 -36.77 11.25
CA TRP C 203 40.24 -35.85 10.74
C TRP C 203 39.99 -35.47 9.28
N HIS C 204 39.34 -36.34 8.52
CA HIS C 204 39.04 -36.01 7.13
C HIS C 204 37.96 -34.94 7.03
N PHE C 205 36.93 -35.03 7.90
CA PHE C 205 35.92 -33.98 7.99
C PHE C 205 36.51 -32.68 8.50
N ARG C 206 37.41 -32.77 9.47
CA ARG C 206 37.99 -31.55 10.03
C ARG C 206 38.99 -30.90 9.06
N MET C 207 39.71 -31.69 8.26
CA MET C 207 40.60 -31.11 7.27
C MET C 207 39.84 -30.57 6.08
N LEU C 208 38.67 -31.14 5.76
CA LEU C 208 37.81 -30.53 4.74
C LEU C 208 37.24 -29.20 5.20
N TRP C 209 36.83 -29.13 6.48
CA TRP C 209 36.34 -27.87 7.04
C TRP C 209 37.43 -26.82 7.13
N VAL C 210 38.65 -27.20 7.53
CA VAL C 210 39.71 -26.21 7.64
C VAL C 210 40.26 -25.84 6.27
N PHE C 211 40.11 -26.71 5.26
CA PHE C 211 40.44 -26.32 3.89
C PHE C 211 39.49 -25.26 3.36
N PHE C 212 38.18 -25.43 3.61
CA PHE C 212 37.25 -24.39 3.15
C PHE C 212 37.37 -23.11 3.97
N ASP C 213 37.75 -23.23 5.25
CA ASP C 213 38.02 -22.05 6.07
C ASP C 213 39.24 -21.29 5.56
N LEU C 214 40.31 -22.00 5.22
CA LEU C 214 41.50 -21.37 4.66
C LEU C 214 41.24 -20.81 3.27
N LEU C 215 40.35 -21.44 2.50
CA LEU C 215 40.00 -20.92 1.18
C LEU C 215 39.25 -19.60 1.27
N MET C 216 38.27 -19.51 2.17
CA MET C 216 37.56 -18.24 2.32
C MET C 216 38.40 -17.19 3.03
N ASP C 217 39.38 -17.60 3.84
CA ASP C 217 40.28 -16.62 4.42
C ASP C 217 41.30 -16.13 3.40
N CYS C 218 41.67 -16.96 2.42
CA CYS C 218 42.47 -16.47 1.30
C CYS C 218 41.68 -15.53 0.41
N VAL C 219 40.38 -15.79 0.25
CA VAL C 219 39.50 -14.83 -0.45
C VAL C 219 39.44 -13.50 0.30
N TYR C 220 39.40 -13.54 1.63
CA TYR C 220 39.43 -12.31 2.42
C TYR C 220 40.78 -11.61 2.36
N LEU C 221 41.88 -12.37 2.23
CA LEU C 221 43.20 -11.77 2.11
C LEU C 221 43.41 -11.10 0.76
N ILE C 222 42.95 -11.74 -0.32
CA ILE C 222 43.00 -11.10 -1.64
C ILE C 222 42.06 -9.89 -1.68
N ASP C 223 40.94 -9.96 -0.96
CA ASP C 223 40.01 -8.82 -0.90
C ASP C 223 40.60 -7.64 -0.13
N THR C 224 41.34 -7.88 0.95
CA THR C 224 41.94 -6.75 1.63
C THR C 224 43.21 -6.26 0.93
N PHE C 225 43.85 -7.09 0.10
CA PHE C 225 44.89 -6.57 -0.77
C PHE C 225 44.31 -5.66 -1.84
N LEU C 226 43.16 -6.04 -2.41
CA LEU C 226 42.50 -5.18 -3.39
C LEU C 226 41.96 -3.91 -2.74
N ASN C 227 41.55 -3.98 -1.47
CA ASN C 227 41.21 -2.78 -0.72
C ASN C 227 42.43 -1.89 -0.49
N TYR C 228 43.60 -2.51 -0.29
CA TYR C 228 44.84 -1.76 -0.10
C TYR C 228 45.27 -1.05 -1.38
N ARG C 229 44.89 -1.57 -2.54
CA ARG C 229 45.23 -0.99 -3.84
C ARG C 229 43.98 -0.58 -4.60
N MET C 230 43.00 0.01 -3.90
CA MET C 230 41.73 0.33 -4.52
C MET C 230 41.74 1.73 -5.09
N GLY C 231 41.45 1.84 -6.39
CA GLY C 231 41.30 3.13 -7.02
C GLY C 231 40.04 3.82 -6.59
N TYR C 232 40.07 5.14 -6.66
CA TYR C 232 38.97 5.96 -6.15
C TYR C 232 38.74 7.10 -7.11
N MET C 233 37.47 7.52 -7.21
CA MET C 233 37.12 8.63 -8.09
C MET C 233 37.62 9.95 -7.53
N ASP C 234 38.29 10.72 -8.37
CA ASP C 234 38.80 12.04 -7.98
C ASP C 234 38.01 13.13 -8.67
N GLN C 235 37.95 13.13 -10.00
CA GLN C 235 37.20 14.10 -10.78
C GLN C 235 36.44 13.34 -11.87
N GLY C 236 35.74 12.30 -11.44
CA GLY C 236 35.08 11.40 -12.38
C GLY C 236 35.98 10.35 -12.98
N LEU C 237 37.26 10.32 -12.61
CA LEU C 237 38.22 9.34 -13.09
C LEU C 237 38.85 8.66 -11.88
N VAL C 238 39.20 7.40 -12.04
CA VAL C 238 39.85 6.66 -10.97
C VAL C 238 41.32 7.05 -10.90
N VAL C 239 41.84 7.17 -9.67
CA VAL C 239 43.28 7.32 -9.49
C VAL C 239 43.91 5.95 -9.49
N ARG C 240 44.93 5.77 -10.33
CA ARG C 240 45.48 4.43 -10.51
C ARG C 240 47.00 4.43 -10.48
N GLU C 241 47.59 5.16 -9.54
CA GLU C 241 48.97 4.92 -9.15
C GLU C 241 49.00 4.67 -7.66
N ALA C 242 50.01 3.91 -7.22
CA ALA C 242 49.94 3.18 -5.95
C ALA C 242 50.00 4.09 -4.72
N GLU C 243 50.69 5.23 -4.82
CA GLU C 243 50.93 6.07 -3.66
C GLU C 243 49.65 6.74 -3.18
N LYS C 244 48.87 7.29 -4.10
CA LYS C 244 47.64 8.00 -3.75
C LYS C 244 46.57 7.05 -3.24
N VAL C 245 46.48 5.86 -3.83
CA VAL C 245 45.45 4.91 -3.37
C VAL C 245 45.84 4.27 -2.06
N THR C 246 47.15 4.08 -1.79
CA THR C 246 47.54 3.58 -0.48
C THR C 246 47.35 4.61 0.62
N LYS C 247 47.62 5.89 0.33
CA LYS C 247 47.37 6.91 1.35
C LYS C 247 45.88 7.15 1.57
N ALA C 248 45.07 7.01 0.52
CA ALA C 248 43.62 7.09 0.69
C ALA C 248 43.07 5.88 1.42
N TYR C 249 43.76 4.73 1.33
CA TYR C 249 43.38 3.58 2.14
C TYR C 249 43.74 3.80 3.60
N TRP C 250 44.90 4.39 3.87
CA TRP C 250 45.29 4.61 5.26
C TRP C 250 44.52 5.74 5.91
N GLN C 251 43.93 6.63 5.11
CA GLN C 251 43.13 7.72 5.68
C GLN C 251 41.70 7.34 6.01
N SER C 252 41.24 6.15 5.65
CA SER C 252 39.79 5.88 5.61
C SER C 252 39.30 4.84 6.62
N LYS C 253 40.19 4.30 7.46
CA LYS C 253 39.93 3.29 8.52
C LYS C 253 39.41 1.95 7.96
N GLN C 254 39.59 1.73 6.66
CA GLN C 254 39.31 0.43 6.06
C GLN C 254 40.33 -0.60 6.50
N TYR C 255 41.53 -0.15 6.92
CA TYR C 255 42.48 -1.05 7.54
C TYR C 255 41.98 -1.54 8.89
N ARG C 256 41.21 -0.71 9.61
CA ARG C 256 40.61 -1.15 10.87
C ARG C 256 39.50 -2.16 10.61
N ILE C 257 38.68 -1.90 9.59
CA ILE C 257 37.58 -2.83 9.26
C ILE C 257 38.13 -4.16 8.73
N ASP C 258 39.20 -4.11 7.93
CA ASP C 258 39.81 -5.33 7.42
C ASP C 258 40.67 -6.04 8.45
N GLY C 259 41.18 -5.33 9.46
CA GLY C 259 42.03 -5.97 10.44
C GLY C 259 41.26 -6.58 11.58
N ILE C 260 40.09 -6.03 11.92
CA ILE C 260 39.20 -6.73 12.84
C ILE C 260 38.66 -7.99 12.18
N SER C 261 38.43 -7.94 10.88
CA SER C 261 37.76 -9.04 10.19
C SER C 261 38.68 -10.18 9.78
N LEU C 262 39.96 -10.13 10.11
CA LEU C 262 40.89 -11.18 9.70
C LEU C 262 41.74 -11.69 10.86
N ILE C 263 41.23 -11.55 12.08
CA ILE C 263 41.95 -12.05 13.25
C ILE C 263 41.82 -13.57 13.28
N PRO C 264 42.92 -14.31 13.22
CA PRO C 264 42.82 -15.77 13.17
C PRO C 264 42.69 -16.42 14.55
N LEU C 265 41.71 -15.97 15.33
CA LEU C 265 41.48 -16.55 16.65
C LEU C 265 40.81 -17.91 16.57
N ASP C 266 40.11 -18.20 15.47
CA ASP C 266 39.46 -19.49 15.31
C ASP C 266 40.44 -20.57 14.87
N TYR C 267 41.65 -20.20 14.48
CA TYR C 267 42.62 -21.23 14.14
C TYR C 267 43.35 -21.76 15.36
N ILE C 268 43.29 -21.05 16.48
CA ILE C 268 43.87 -21.51 17.73
C ILE C 268 42.78 -21.95 18.72
N LEU C 269 41.70 -21.18 18.82
CA LEU C 269 40.67 -21.47 19.81
C LEU C 269 39.39 -22.03 19.21
N GLY C 270 39.30 -22.19 17.90
CA GLY C 270 38.07 -22.66 17.29
C GLY C 270 38.04 -24.12 16.92
N TRP C 271 39.00 -24.89 17.38
CA TRP C 271 39.11 -26.30 17.01
C TRP C 271 39.34 -27.13 18.26
N PRO C 272 38.92 -28.40 18.26
CA PRO C 272 39.15 -29.25 19.44
C PRO C 272 40.62 -29.59 19.61
N ILE C 273 41.21 -29.10 20.70
CA ILE C 273 42.59 -29.40 21.06
C ILE C 273 42.56 -30.49 22.12
N PRO C 274 43.10 -31.68 21.85
CA PRO C 274 43.00 -32.77 22.83
C PRO C 274 43.94 -32.61 24.01
N TYR C 275 44.99 -31.79 23.88
CA TYR C 275 46.01 -31.72 24.91
C TYR C 275 45.53 -30.93 26.12
N ILE C 276 45.02 -29.71 25.89
CA ILE C 276 44.46 -28.91 26.98
C ILE C 276 42.98 -29.18 27.20
N ASN C 277 42.41 -30.18 26.51
CA ASN C 277 40.98 -30.55 26.50
C ASN C 277 40.09 -29.36 26.15
N TRP C 278 40.49 -28.59 25.15
CA TRP C 278 39.71 -27.46 24.67
C TRP C 278 38.64 -28.00 23.73
N ARG C 279 37.38 -27.70 24.04
CA ARG C 279 36.25 -28.23 23.31
C ARG C 279 36.11 -27.59 21.93
N GLY C 280 36.62 -26.38 21.76
CA GLY C 280 36.50 -25.65 20.51
C GLY C 280 35.43 -24.58 20.60
N LEU C 281 35.70 -23.45 19.95
CA LEU C 281 34.75 -22.33 19.87
C LEU C 281 34.67 -21.85 18.43
N PRO C 282 33.78 -22.45 17.61
CA PRO C 282 33.66 -22.00 16.22
C PRO C 282 32.89 -20.69 16.04
N ILE C 283 32.47 -20.03 17.11
CA ILE C 283 31.76 -18.75 17.01
C ILE C 283 32.71 -17.58 16.83
N LEU C 284 34.01 -17.82 16.79
CA LEU C 284 35.00 -16.76 16.63
C LEU C 284 35.26 -16.38 15.17
N ARG C 285 34.35 -16.64 14.25
CA ARG C 285 34.42 -16.13 12.89
C ARG C 285 33.29 -15.15 12.58
N LEU C 286 32.64 -14.62 13.60
CA LEU C 286 31.74 -13.50 13.41
C LEU C 286 32.52 -12.21 13.08
N ASN C 287 33.82 -12.17 13.39
CA ASN C 287 34.65 -11.13 12.80
C ASN C 287 34.77 -11.30 11.29
N ARG C 288 34.73 -12.52 10.75
CA ARG C 288 34.60 -12.64 9.31
C ARG C 288 33.21 -12.25 8.83
N LEU C 289 32.22 -12.31 9.72
CA LEU C 289 30.90 -11.76 9.35
C LEU C 289 30.82 -10.24 9.42
N ILE C 290 31.85 -9.56 9.96
CA ILE C 290 31.84 -8.10 10.00
C ILE C 290 31.91 -7.47 8.60
N ARG C 291 32.51 -8.14 7.62
CA ARG C 291 32.64 -7.57 6.26
C ARG C 291 31.35 -7.70 5.46
N TYR C 292 30.34 -6.89 5.81
CA TYR C 292 29.06 -6.96 5.14
C TYR C 292 28.93 -5.98 3.97
N LYS C 293 29.79 -4.97 3.91
CA LYS C 293 29.57 -3.85 3.00
C LYS C 293 29.91 -4.22 1.57
N ARG C 294 30.90 -5.09 1.39
CA ARG C 294 31.24 -5.63 0.08
C ARG C 294 30.11 -6.51 -0.47
N VAL C 295 29.45 -7.26 0.42
CA VAL C 295 28.30 -8.09 0.05
C VAL C 295 27.10 -7.23 -0.32
N ARG C 296 26.87 -6.14 0.42
CA ARG C 296 25.77 -5.25 0.11
C ARG C 296 25.98 -4.51 -1.22
N ASN C 297 27.22 -4.08 -1.48
CA ASN C 297 27.53 -3.46 -2.77
C ASN C 297 27.48 -4.46 -3.91
N CYS C 298 27.80 -5.73 -3.66
CA CYS C 298 27.66 -6.77 -4.68
C CYS C 298 26.21 -7.03 -5.02
N LEU C 299 25.33 -7.06 -4.01
CA LEU C 299 23.91 -7.26 -4.27
C LEU C 299 23.28 -6.06 -4.95
N GLU C 300 23.72 -4.84 -4.62
CA GLU C 300 23.22 -3.65 -5.30
C GLU C 300 23.69 -3.57 -6.74
N ARG C 301 24.96 -3.91 -7.00
CA ARG C 301 25.46 -3.91 -8.37
C ARG C 301 24.89 -5.07 -9.17
N THR C 302 24.52 -6.16 -8.52
CA THR C 302 23.88 -7.26 -9.22
C THR C 302 22.43 -6.93 -9.57
N GLU C 303 21.74 -6.20 -8.70
CA GLU C 303 20.38 -5.79 -9.02
C GLU C 303 20.37 -4.68 -10.06
N THR C 304 21.43 -3.87 -10.13
CA THR C 304 21.54 -2.86 -11.16
C THR C 304 21.76 -3.49 -12.54
N ARG C 305 22.69 -4.41 -12.65
CA ARG C 305 23.11 -4.98 -13.92
C ARG C 305 22.18 -6.07 -14.44
N SER C 306 21.18 -6.48 -13.68
CA SER C 306 20.42 -7.67 -14.03
C SER C 306 19.38 -7.35 -15.10
N SER C 307 19.22 -8.27 -16.04
CA SER C 307 18.13 -8.22 -17.01
C SER C 307 16.84 -8.78 -16.44
N MET C 308 16.90 -9.56 -15.38
CA MET C 308 15.73 -10.08 -14.67
C MET C 308 15.83 -9.59 -13.24
N PRO C 309 15.35 -8.37 -12.96
CA PRO C 309 15.53 -7.80 -11.62
C PRO C 309 14.62 -8.39 -10.57
N ASN C 310 13.37 -8.70 -10.93
CA ASN C 310 12.42 -9.21 -9.94
C ASN C 310 12.71 -10.67 -9.58
N ALA C 311 13.26 -11.43 -10.53
CA ALA C 311 13.70 -12.78 -10.23
C ALA C 311 14.89 -12.77 -9.28
N PHE C 312 15.81 -11.81 -9.48
CA PHE C 312 16.93 -11.65 -8.55
C PHE C 312 16.46 -11.19 -7.18
N ARG C 313 15.43 -10.34 -7.13
CA ARG C 313 14.88 -9.87 -5.85
C ARG C 313 14.22 -11.01 -5.09
N VAL C 314 13.48 -11.88 -5.78
CA VAL C 314 12.85 -12.98 -5.04
C VAL C 314 13.87 -14.05 -4.66
N VAL C 315 14.96 -14.21 -5.43
CA VAL C 315 16.02 -15.13 -5.03
C VAL C 315 16.76 -14.59 -3.80
N VAL C 316 16.97 -13.29 -3.74
CA VAL C 316 17.64 -12.67 -2.59
C VAL C 316 16.78 -12.73 -1.34
N VAL C 317 15.47 -12.53 -1.48
CA VAL C 317 14.64 -12.59 -0.27
C VAL C 317 14.35 -14.04 0.16
N VAL C 318 14.40 -15.01 -0.76
CA VAL C 318 14.35 -16.42 -0.36
C VAL C 318 15.62 -16.82 0.38
N TRP C 319 16.77 -16.30 -0.06
CA TRP C 319 18.03 -16.51 0.66
C TRP C 319 18.02 -15.85 2.04
N TYR C 320 17.41 -14.66 2.15
CA TYR C 320 17.26 -13.98 3.43
C TYR C 320 16.40 -14.79 4.39
N ILE C 321 15.29 -15.33 3.88
CA ILE C 321 14.39 -16.17 4.66
C ILE C 321 15.10 -17.44 5.15
N VAL C 322 15.88 -18.08 4.27
CA VAL C 322 16.56 -19.32 4.63
C VAL C 322 17.67 -19.06 5.66
N ILE C 323 18.38 -17.93 5.53
CA ILE C 323 19.42 -17.57 6.49
C ILE C 323 18.82 -17.22 7.85
N ILE C 324 17.65 -16.56 7.87
CA ILE C 324 17.01 -16.18 9.13
C ILE C 324 16.44 -17.41 9.85
N ILE C 325 15.81 -18.32 9.09
CA ILE C 325 15.26 -19.55 9.69
C ILE C 325 16.39 -20.48 10.13
N HIS C 326 17.52 -20.46 9.42
CA HIS C 326 18.67 -21.26 9.82
C HIS C 326 19.33 -20.74 11.09
N TRP C 327 19.42 -19.41 11.23
CA TRP C 327 19.98 -18.83 12.44
C TRP C 327 19.06 -19.01 13.64
N ASN C 328 17.75 -18.95 13.42
CA ASN C 328 16.83 -19.22 14.52
C ASN C 328 16.78 -20.70 14.87
N ALA C 329 17.03 -21.59 13.89
CA ALA C 329 17.19 -23.02 14.17
C ALA C 329 18.38 -23.28 15.06
N CYS C 330 19.48 -22.59 14.79
CA CYS C 330 20.67 -22.72 15.61
C CYS C 330 20.48 -22.12 16.99
N LEU C 331 19.71 -21.02 17.09
CA LEU C 331 19.38 -20.48 18.42
C LEU C 331 18.47 -21.42 19.22
N TYR C 332 17.48 -22.03 18.57
CA TYR C 332 16.59 -22.97 19.26
C TYR C 332 17.34 -24.21 19.73
N PHE C 333 18.24 -24.75 18.91
CA PHE C 333 18.95 -25.93 19.36
C PHE C 333 20.05 -25.59 20.37
N TRP C 334 20.59 -24.38 20.34
CA TRP C 334 21.55 -23.99 21.37
C TRP C 334 20.86 -23.81 22.71
N ILE C 335 19.64 -23.25 22.71
CA ILE C 335 18.91 -23.10 23.96
C ILE C 335 18.40 -24.45 24.44
N SER C 336 18.07 -25.36 23.51
CA SER C 336 17.66 -26.71 23.87
C SER C 336 18.80 -27.52 24.49
N GLU C 337 20.01 -27.42 23.95
CA GLU C 337 21.13 -28.14 24.54
C GLU C 337 21.75 -27.41 25.73
N TRP C 338 21.47 -26.11 25.90
CA TRP C 338 21.92 -25.40 27.09
C TRP C 338 21.02 -25.70 28.28
N ILE C 339 19.70 -25.74 28.06
CA ILE C 339 18.78 -26.22 29.09
C ILE C 339 19.03 -27.69 29.38
N GLY C 340 19.29 -28.48 28.35
CA GLY C 340 19.56 -29.89 28.50
C GLY C 340 18.56 -30.66 27.71
N LEU C 341 19.02 -31.54 26.82
CA LEU C 341 18.11 -32.18 25.86
C LEU C 341 17.30 -33.27 26.56
N GLY C 342 16.01 -33.32 26.23
CA GLY C 342 15.13 -34.30 26.83
C GLY C 342 14.73 -34.01 28.26
N THR C 343 14.92 -32.77 28.74
CA THR C 343 14.55 -32.46 30.11
C THR C 343 13.08 -32.08 30.24
N ASP C 344 12.48 -31.56 29.18
CA ASP C 344 11.05 -31.29 29.17
C ASP C 344 10.54 -31.43 27.75
N ALA C 345 9.26 -31.08 27.57
CA ALA C 345 8.57 -31.36 26.32
C ALA C 345 8.72 -30.24 25.29
N TRP C 346 9.36 -29.13 25.63
CA TRP C 346 9.60 -28.08 24.65
C TRP C 346 10.97 -28.26 24.00
N VAL C 347 11.97 -28.60 24.80
CA VAL C 347 13.32 -28.86 24.34
C VAL C 347 13.32 -30.10 23.46
N TYR C 348 14.16 -30.09 22.41
CA TYR C 348 14.47 -31.28 21.61
C TYR C 348 14.89 -32.43 22.51
N GLY C 349 14.35 -33.61 22.23
CA GLY C 349 14.69 -34.77 23.03
C GLY C 349 13.58 -35.79 22.94
N HIS C 350 13.63 -36.73 23.89
CA HIS C 350 12.72 -37.86 23.87
C HIS C 350 11.36 -37.49 24.46
N LEU C 351 11.31 -36.45 25.30
CA LEU C 351 10.06 -36.01 25.90
C LEU C 351 9.26 -35.10 24.99
N ASN C 352 9.84 -34.66 23.87
CA ASN C 352 9.16 -33.73 22.98
C ASN C 352 8.03 -34.40 22.21
N LYS C 353 8.33 -35.54 21.57
CA LYS C 353 7.48 -36.45 20.81
C LYS C 353 7.00 -35.88 19.47
N GLN C 354 7.27 -34.61 19.21
CA GLN C 354 7.23 -34.10 17.84
C GLN C 354 8.62 -34.15 17.24
N SER C 355 9.63 -33.91 18.05
CA SER C 355 11.02 -34.00 17.63
C SER C 355 11.43 -35.43 17.41
N LEU C 356 11.20 -36.29 18.40
CA LEU C 356 11.50 -37.72 18.30
C LEU C 356 10.21 -38.52 18.53
N PRO C 357 9.43 -38.78 17.48
CA PRO C 357 8.29 -39.69 17.61
C PRO C 357 8.72 -41.15 17.64
N ASP C 358 7.73 -42.04 17.59
CA ASP C 358 8.00 -43.46 17.49
C ASP C 358 8.62 -43.79 16.13
N ASP C 359 9.62 -44.69 16.17
CA ASP C 359 10.39 -45.18 15.02
C ASP C 359 11.13 -44.06 14.29
N ILE C 360 11.69 -43.12 15.04
CA ILE C 360 12.47 -42.01 14.51
C ILE C 360 13.80 -41.95 15.24
N THR C 361 14.90 -42.02 14.49
CA THR C 361 16.24 -42.06 15.08
C THR C 361 16.74 -40.65 15.36
N ASP C 362 17.38 -40.47 16.51
CA ASP C 362 18.00 -39.22 16.90
C ASP C 362 19.36 -39.10 16.20
N THR C 363 19.41 -38.32 15.13
CA THR C 363 20.62 -38.08 14.38
C THR C 363 20.87 -36.58 14.31
N LEU C 364 22.01 -36.21 13.72
CA LEU C 364 22.32 -34.79 13.50
C LEU C 364 21.42 -34.17 12.46
N LEU C 365 21.05 -34.96 11.44
CA LEU C 365 20.08 -34.53 10.45
C LEU C 365 18.71 -34.31 11.08
N ARG C 366 18.34 -35.16 12.03
CA ARG C 366 17.06 -35.00 12.73
C ARG C 366 17.06 -33.74 13.59
N ARG C 367 18.21 -33.41 14.20
CA ARG C 367 18.34 -32.21 15.01
C ARG C 367 18.20 -30.95 14.18
N TYR C 368 18.90 -30.89 13.03
CA TYR C 368 18.79 -29.71 12.18
C TYR C 368 17.44 -29.63 11.50
N VAL C 369 16.84 -30.76 11.14
CA VAL C 369 15.56 -30.76 10.44
C VAL C 369 14.43 -30.34 11.38
N TYR C 370 14.44 -30.83 12.63
CA TYR C 370 13.43 -30.39 13.58
C TYR C 370 13.64 -28.94 14.00
N SER C 371 14.89 -28.48 14.11
CA SER C 371 15.11 -27.09 14.49
C SER C 371 14.71 -26.12 13.37
N PHE C 372 14.95 -26.51 12.11
CA PHE C 372 14.52 -25.70 10.98
C PHE C 372 13.00 -25.67 10.87
N TYR C 373 12.34 -26.79 11.16
CA TYR C 373 10.87 -26.82 11.14
C TYR C 373 10.27 -26.01 12.29
N TRP C 374 10.85 -26.10 13.48
CA TRP C 374 10.41 -25.31 14.62
C TRP C 374 10.55 -23.82 14.35
N SER C 375 11.66 -23.41 13.73
CA SER C 375 11.85 -22.00 13.41
C SER C 375 10.96 -21.55 12.27
N THR C 376 10.63 -22.46 11.35
CA THR C 376 9.67 -22.13 10.30
C THR C 376 8.27 -21.92 10.87
N LEU C 377 7.87 -22.72 11.85
CA LEU C 377 6.55 -22.51 12.44
C LEU C 377 6.53 -21.33 13.41
N ILE C 378 7.66 -20.98 14.00
CA ILE C 378 7.65 -19.89 14.98
C ILE C 378 7.78 -18.54 14.27
N LEU C 379 8.70 -18.43 13.31
CA LEU C 379 8.92 -17.16 12.62
C LEU C 379 7.77 -16.80 11.69
N THR C 380 7.09 -17.78 11.12
CA THR C 380 5.87 -17.50 10.36
C THR C 380 4.63 -17.48 11.23
N THR C 381 4.79 -17.70 12.54
CA THR C 381 3.75 -17.66 13.58
C THR C 381 2.55 -18.56 13.27
N ILE C 382 2.85 -19.75 12.77
CA ILE C 382 1.87 -20.81 12.75
C ILE C 382 1.75 -21.46 14.12
N GLY C 383 2.89 -21.76 14.73
CA GLY C 383 2.93 -22.11 16.14
C GLY C 383 2.47 -23.50 16.49
N GLU C 384 2.54 -24.45 15.56
CA GLU C 384 2.12 -25.83 15.83
C GLU C 384 3.28 -26.65 16.38
N VAL C 385 3.85 -26.13 17.45
CA VAL C 385 5.03 -26.66 18.13
C VAL C 385 4.64 -26.84 19.58
N PRO C 386 5.39 -27.63 20.37
CA PRO C 386 5.06 -27.75 21.79
C PRO C 386 5.23 -26.45 22.57
N SER C 387 4.37 -26.28 23.56
CA SER C 387 4.36 -25.08 24.38
C SER C 387 5.60 -25.06 25.28
N PRO C 388 6.06 -23.88 25.70
CA PRO C 388 7.18 -23.82 26.63
C PRO C 388 6.77 -24.33 28.00
N VAL C 389 7.77 -24.77 28.76
CA VAL C 389 7.55 -25.27 30.12
C VAL C 389 8.20 -24.33 31.14
N ARG C 390 9.51 -24.18 31.08
CA ARG C 390 10.22 -23.31 32.00
C ARG C 390 10.09 -21.86 31.56
N ASN C 391 10.38 -20.93 32.49
CA ASN C 391 10.18 -19.51 32.24
C ASN C 391 11.16 -18.95 31.21
N ILE C 392 12.34 -19.54 31.10
CA ILE C 392 13.31 -19.08 30.11
C ILE C 392 12.87 -19.48 28.70
N GLU C 393 12.16 -20.60 28.58
CA GLU C 393 11.60 -21.00 27.29
C GLU C 393 10.41 -20.15 26.91
N TYR C 394 9.63 -19.71 27.90
CA TYR C 394 8.54 -18.77 27.66
C TYR C 394 9.07 -17.41 27.20
N ALA C 395 10.17 -16.95 27.82
CA ALA C 395 10.77 -15.68 27.43
C ALA C 395 11.38 -15.76 26.03
N PHE C 396 12.05 -16.87 25.72
CA PHE C 396 12.63 -17.05 24.39
C PHE C 396 11.55 -17.19 23.31
N VAL C 397 10.48 -17.93 23.60
CA VAL C 397 9.43 -18.11 22.61
C VAL C 397 8.62 -16.83 22.42
N THR C 398 8.42 -16.04 23.47
CA THR C 398 7.71 -14.76 23.35
C THR C 398 8.52 -13.76 22.55
N LEU C 399 9.82 -13.63 22.86
CA LEU C 399 10.71 -12.77 22.10
C LEU C 399 10.88 -13.23 20.66
N ASP C 400 10.95 -14.54 20.44
CA ASP C 400 11.21 -15.05 19.09
C ASP C 400 9.95 -15.00 18.24
N LEU C 401 8.78 -15.15 18.86
CA LEU C 401 7.52 -15.00 18.14
C LEU C 401 7.26 -13.54 17.79
N MET C 402 7.64 -12.61 18.66
CA MET C 402 7.45 -11.21 18.30
C MET C 402 8.46 -10.74 17.25
N CYS C 403 9.70 -11.24 17.32
CA CYS C 403 10.64 -11.04 16.23
C CYS C 403 10.15 -11.65 14.94
N GLY C 404 9.50 -12.82 15.02
CA GLY C 404 8.93 -13.44 13.83
C GLY C 404 7.80 -12.63 13.23
N VAL C 405 6.92 -12.10 14.09
CA VAL C 405 5.81 -11.23 13.67
C VAL C 405 6.34 -9.99 12.94
N LEU C 406 7.30 -9.30 13.56
CA LEU C 406 7.77 -8.03 12.99
C LEU C 406 8.61 -8.24 11.73
N ILE C 407 9.65 -9.09 11.80
CA ILE C 407 10.56 -9.15 10.66
C ILE C 407 9.97 -10.01 9.55
N PHE C 408 9.09 -10.95 9.83
CA PHE C 408 8.46 -11.72 8.74
C PHE C 408 7.28 -10.97 8.18
N ALA C 409 6.67 -10.05 8.90
CA ALA C 409 5.69 -9.15 8.29
C ALA C 409 6.36 -8.19 7.33
N THR C 410 7.52 -7.66 7.73
CA THR C 410 8.36 -6.85 6.84
C THR C 410 8.77 -7.61 5.59
N ILE C 411 9.22 -8.86 5.77
CA ILE C 411 9.75 -9.66 4.66
C ILE C 411 8.70 -10.02 3.63
N VAL C 412 7.54 -10.50 4.04
CA VAL C 412 6.45 -10.94 3.11
C VAL C 412 5.68 -9.73 2.58
N GLY C 413 5.78 -8.59 3.24
CA GLY C 413 5.27 -7.36 2.65
C GLY C 413 6.17 -6.94 1.50
N ASN C 414 7.48 -7.12 1.67
CA ASN C 414 8.41 -6.89 0.57
C ASN C 414 8.22 -7.90 -0.56
N VAL C 415 7.91 -9.15 -0.21
CA VAL C 415 7.66 -10.20 -1.21
C VAL C 415 6.39 -9.91 -2.00
N GLY C 416 5.33 -9.49 -1.30
CA GLY C 416 4.09 -9.13 -1.97
C GLY C 416 4.22 -7.91 -2.86
N SER C 417 5.04 -6.93 -2.44
CA SER C 417 5.33 -5.79 -3.29
C SER C 417 6.17 -6.19 -4.51
N MET C 418 7.08 -7.15 -4.34
CA MET C 418 7.95 -7.58 -5.44
C MET C 418 7.18 -8.34 -6.50
N ILE C 419 6.25 -9.21 -6.09
CA ILE C 419 5.48 -9.96 -7.08
C ILE C 419 4.23 -9.16 -7.48
N SER C 420 3.99 -8.03 -6.82
CA SER C 420 3.01 -7.09 -7.36
C SER C 420 3.60 -6.21 -8.45
N ASN C 421 4.87 -5.83 -8.34
CA ASN C 421 5.49 -5.00 -9.37
C ASN C 421 5.96 -5.78 -10.60
N MET C 422 5.75 -7.09 -10.63
CA MET C 422 5.99 -7.85 -11.86
C MET C 422 4.89 -7.57 -12.89
N SER C 423 3.75 -7.07 -12.43
CA SER C 423 2.66 -6.70 -13.32
C SER C 423 2.15 -5.29 -13.03
N ALA C 424 3.05 -4.32 -12.89
CA ALA C 424 2.64 -2.95 -12.58
C ALA C 424 2.12 -2.24 -13.81
N ALA C 425 2.64 -2.59 -15.00
CA ALA C 425 2.21 -1.95 -16.24
C ALA C 425 0.79 -2.37 -16.60
N TRP C 426 0.48 -3.67 -16.44
CA TRP C 426 -0.87 -4.16 -16.68
C TRP C 426 -1.84 -3.63 -15.63
N THR C 427 -1.38 -3.41 -14.40
CA THR C 427 -2.24 -2.86 -13.36
C THR C 427 -2.56 -1.39 -13.62
N GLU C 428 -1.56 -0.61 -14.05
CA GLU C 428 -1.80 0.80 -14.39
C GLU C 428 -2.67 0.94 -15.63
N PHE C 429 -2.44 0.08 -16.63
CA PHE C 429 -3.26 0.01 -17.84
C PHE C 429 -4.73 -0.29 -17.58
N GLN C 430 -4.98 -1.23 -16.68
CA GLN C 430 -6.34 -1.66 -16.37
C GLN C 430 -6.97 -0.69 -15.37
N ASN C 431 -6.22 0.11 -14.65
CA ASN C 431 -6.78 1.16 -13.78
C ASN C 431 -7.24 2.31 -14.67
N LYS C 432 -6.45 2.64 -15.69
CA LYS C 432 -6.87 3.64 -16.67
C LYS C 432 -8.09 3.19 -17.45
N MET C 433 -8.13 1.91 -17.86
CA MET C 433 -9.28 1.44 -18.63
C MET C 433 -10.51 1.27 -17.75
N ASP C 434 -10.33 0.98 -16.46
CA ASP C 434 -11.46 0.97 -15.52
C ASP C 434 -12.03 2.36 -15.33
N GLY C 435 -11.17 3.38 -15.30
CA GLY C 435 -11.65 4.76 -15.26
C GLY C 435 -12.43 5.15 -16.50
N ILE C 436 -11.93 4.79 -17.69
CA ILE C 436 -12.62 5.10 -18.94
C ILE C 436 -13.94 4.35 -19.04
N LYS C 437 -13.95 3.08 -18.62
CA LYS C 437 -15.17 2.27 -18.70
C LYS C 437 -16.21 2.72 -17.68
N GLN C 438 -15.79 3.18 -16.51
CA GLN C 438 -16.77 3.67 -15.54
C GLN C 438 -17.33 5.03 -15.96
N TYR C 439 -16.49 5.87 -16.59
CA TYR C 439 -16.98 7.11 -17.16
C TYR C 439 -17.95 6.88 -18.31
N MET C 440 -17.70 5.88 -19.13
CA MET C 440 -18.61 5.59 -20.25
C MET C 440 -19.86 4.86 -19.79
N GLU C 441 -19.80 4.14 -18.67
CA GLU C 441 -21.01 3.50 -18.16
C GLU C 441 -21.89 4.51 -17.44
N LEU C 442 -21.29 5.50 -16.78
CA LEU C 442 -22.08 6.52 -16.10
C LEU C 442 -22.72 7.51 -17.06
N ARG C 443 -22.09 7.80 -18.20
CA ARG C 443 -22.50 8.91 -19.06
C ARG C 443 -23.33 8.50 -20.25
N LYS C 444 -23.67 7.21 -20.37
CA LYS C 444 -24.53 6.63 -21.41
C LYS C 444 -23.95 6.87 -22.82
N VAL C 445 -22.65 6.64 -22.95
CA VAL C 445 -21.97 6.82 -24.24
C VAL C 445 -22.38 5.68 -25.16
N SER C 446 -22.40 5.95 -26.47
CA SER C 446 -22.84 5.01 -27.49
C SER C 446 -21.96 3.76 -27.54
N LYS C 447 -22.55 2.64 -27.94
CA LYS C 447 -21.86 1.37 -27.91
C LYS C 447 -20.80 1.24 -28.99
N GLN C 448 -21.01 1.90 -30.14
CA GLN C 448 -19.99 1.96 -31.20
C GLN C 448 -18.73 2.67 -30.71
N LEU C 449 -18.91 3.77 -29.99
CA LEU C 449 -17.76 4.50 -29.46
C LEU C 449 -17.12 3.77 -28.29
N GLU C 450 -17.91 3.00 -27.53
CA GLU C 450 -17.37 2.17 -26.45
C GLU C 450 -16.49 1.06 -26.98
N ILE C 451 -16.95 0.35 -28.02
CA ILE C 451 -16.11 -0.69 -28.59
C ILE C 451 -14.96 -0.11 -29.40
N ARG C 452 -15.07 1.13 -29.88
CA ARG C 452 -13.93 1.80 -30.49
C ARG C 452 -12.83 2.10 -29.48
N VAL C 453 -13.21 2.56 -28.28
CA VAL C 453 -12.25 2.81 -27.21
C VAL C 453 -11.64 1.50 -26.70
N ILE C 454 -12.46 0.45 -26.59
CA ILE C 454 -11.99 -0.85 -26.11
C ILE C 454 -11.04 -1.50 -27.12
N LYS C 455 -11.32 -1.36 -28.42
CA LYS C 455 -10.41 -1.87 -29.44
C LYS C 455 -9.14 -1.05 -29.54
N TRP C 456 -9.20 0.26 -29.23
CA TRP C 456 -7.99 1.08 -29.15
C TRP C 456 -7.09 0.62 -27.99
N PHE C 457 -7.69 0.28 -26.85
CA PHE C 457 -6.91 -0.24 -25.73
C PHE C 457 -6.37 -1.65 -26.01
N ASP C 458 -7.12 -2.46 -26.76
CA ASP C 458 -6.62 -3.76 -27.19
C ASP C 458 -5.43 -3.63 -28.13
N TYR C 459 -5.44 -2.62 -29.01
CA TYR C 459 -4.28 -2.40 -29.86
C TYR C 459 -3.09 -1.87 -29.07
N LEU C 460 -3.34 -1.03 -28.06
CA LEU C 460 -2.20 -0.52 -27.28
C LEU C 460 -1.61 -1.57 -26.36
N TRP C 461 -2.38 -2.57 -25.94
CA TRP C 461 -1.75 -3.63 -25.16
C TRP C 461 -1.15 -4.72 -26.03
N THR C 462 -1.76 -5.00 -27.19
CA THR C 462 -1.24 -6.06 -28.05
C THR C 462 0.09 -5.65 -28.69
N ASN C 463 0.21 -4.38 -29.05
CA ASN C 463 1.40 -3.87 -29.73
C ASN C 463 2.36 -3.15 -28.80
N LYS C 464 2.00 -3.01 -27.52
CA LYS C 464 2.83 -2.42 -26.46
C LYS C 464 3.26 -0.98 -26.77
N GLN C 465 2.37 -0.22 -27.42
CA GLN C 465 2.65 1.15 -27.81
C GLN C 465 2.11 2.16 -26.82
N SER C 466 2.08 1.79 -25.54
CA SER C 466 1.72 2.75 -24.50
C SER C 466 2.82 3.79 -24.32
N LEU C 467 2.48 4.88 -23.65
CA LEU C 467 3.43 5.97 -23.48
C LEU C 467 4.50 5.58 -22.47
N SER C 468 5.55 4.93 -22.97
CA SER C 468 6.66 4.47 -22.15
C SER C 468 7.82 5.44 -22.13
N ASP C 469 7.74 6.54 -22.87
CA ASP C 469 8.79 7.55 -22.88
C ASP C 469 8.73 8.50 -21.69
N GLN C 470 7.75 8.34 -20.81
CA GLN C 470 7.73 9.09 -19.55
C GLN C 470 8.90 8.73 -18.66
N GLN C 471 9.33 7.46 -18.72
CA GLN C 471 10.43 6.94 -17.91
C GLN C 471 11.75 7.60 -18.30
N VAL C 472 12.11 7.52 -19.58
CA VAL C 472 13.31 8.20 -20.08
C VAL C 472 13.16 9.71 -20.00
N LEU C 473 11.91 10.22 -20.07
CA LEU C 473 11.65 11.65 -20.03
C LEU C 473 11.95 12.26 -18.68
N LYS C 474 11.54 11.61 -17.59
CA LYS C 474 11.73 12.23 -16.29
C LYS C 474 12.84 11.54 -15.47
N VAL C 475 13.64 10.65 -16.07
CA VAL C 475 14.83 10.14 -15.41
C VAL C 475 16.12 10.51 -16.14
N LEU C 476 16.16 10.33 -17.45
CA LEU C 476 17.42 10.30 -18.18
C LEU C 476 17.81 11.69 -18.68
N PRO C 477 19.10 11.95 -18.91
CA PRO C 477 19.50 13.22 -19.53
C PRO C 477 19.15 13.26 -21.01
N ASP C 478 19.03 14.48 -21.53
CA ASP C 478 18.51 14.70 -22.88
C ASP C 478 19.51 14.27 -23.94
N LYS C 479 20.77 14.12 -23.56
CA LYS C 479 21.79 13.60 -24.52
C LYS C 479 21.62 12.09 -24.61
N LEU C 480 21.31 11.42 -23.51
CA LEU C 480 21.00 9.99 -23.53
C LEU C 480 19.60 9.71 -24.06
N GLN C 481 18.65 10.60 -23.80
CA GLN C 481 17.31 10.49 -24.37
C GLN C 481 17.32 10.61 -25.88
N ALA C 482 18.08 11.57 -26.41
CA ALA C 482 18.14 11.77 -27.85
C ALA C 482 18.90 10.62 -28.52
N GLU C 483 19.90 10.05 -27.84
CA GLU C 483 20.61 8.91 -28.40
C GLU C 483 19.76 7.64 -28.40
N ILE C 484 18.93 7.45 -27.36
CA ILE C 484 18.02 6.32 -27.35
C ILE C 484 16.92 6.49 -28.39
N ALA C 485 16.38 7.71 -28.52
CA ALA C 485 15.29 7.96 -29.46
C ALA C 485 15.76 7.93 -30.92
N MET C 486 17.02 8.30 -31.17
CA MET C 486 17.56 8.12 -32.52
C MET C 486 18.06 6.70 -32.74
N GLN C 487 18.27 5.93 -31.68
CA GLN C 487 18.56 4.51 -31.83
C GLN C 487 17.32 3.72 -32.21
N VAL C 488 16.20 4.00 -31.55
CA VAL C 488 14.99 3.19 -31.70
C VAL C 488 14.32 3.48 -33.05
N HIS C 489 14.15 4.75 -33.38
CA HIS C 489 13.44 5.17 -34.58
C HIS C 489 14.38 5.44 -35.75
N PHE C 490 15.47 4.68 -35.88
CA PHE C 490 16.47 4.97 -36.91
C PHE C 490 15.94 4.59 -38.29
N GLU C 491 15.26 3.45 -38.39
CA GLU C 491 14.68 3.04 -39.67
C GLU C 491 13.49 3.90 -40.07
N THR C 492 12.81 4.51 -39.11
CA THR C 492 11.71 5.41 -39.44
C THR C 492 12.23 6.78 -39.85
N LEU C 493 13.16 7.34 -39.08
CA LEU C 493 13.69 8.67 -39.35
C LEU C 493 14.77 8.68 -40.42
N ARG C 494 15.15 7.50 -40.94
CA ARG C 494 15.98 7.46 -42.14
C ARG C 494 15.15 7.67 -43.40
N LYS C 495 13.83 7.50 -43.32
CA LYS C 495 12.94 7.72 -44.44
C LYS C 495 12.40 9.13 -44.52
N VAL C 496 12.72 9.99 -43.56
CA VAL C 496 12.14 11.32 -43.47
C VAL C 496 13.00 12.29 -44.27
N ARG C 497 12.38 12.95 -45.25
CA ARG C 497 13.12 13.80 -46.18
C ARG C 497 13.49 15.15 -45.60
N ILE C 498 12.80 15.64 -44.57
CA ILE C 498 13.22 16.88 -43.93
C ILE C 498 14.38 16.64 -42.97
N PHE C 499 14.65 15.39 -42.60
CA PHE C 499 15.73 15.05 -41.70
C PHE C 499 16.97 14.53 -42.43
N GLN C 500 16.78 13.82 -43.54
CA GLN C 500 17.92 13.22 -44.23
C GLN C 500 18.46 14.09 -45.36
N ASP C 501 17.79 15.17 -45.73
CA ASP C 501 18.28 16.07 -46.76
C ASP C 501 18.77 17.38 -46.16
N CYS C 502 19.10 17.36 -44.87
CA CYS C 502 19.43 18.58 -44.14
C CYS C 502 20.47 18.24 -43.07
N GLU C 503 20.64 19.13 -42.11
CA GLU C 503 21.65 18.98 -41.08
C GLU C 503 21.16 18.07 -39.96
N ALA C 504 22.12 17.43 -39.28
CA ALA C 504 21.79 16.49 -38.21
C ALA C 504 21.37 17.20 -36.93
N GLY C 505 21.68 18.49 -36.80
CA GLY C 505 21.28 19.24 -35.62
C GLY C 505 19.78 19.45 -35.56
N LEU C 506 19.12 19.49 -36.72
CA LEU C 506 17.66 19.61 -36.76
C LEU C 506 16.99 18.36 -36.21
N LEU C 507 17.47 17.18 -36.60
CA LEU C 507 16.94 15.92 -36.07
C LEU C 507 17.27 15.76 -34.59
N ALA C 508 18.47 16.18 -34.19
CA ALA C 508 18.85 16.11 -32.77
C ALA C 508 18.04 17.07 -31.91
N GLU C 509 17.63 18.20 -32.49
CA GLU C 509 16.74 19.12 -31.79
C GLU C 509 15.33 18.56 -31.70
N LEU C 510 14.82 18.05 -32.83
CA LEU C 510 13.40 17.74 -32.93
C LEU C 510 13.03 16.35 -32.42
N VAL C 511 14.01 15.48 -32.16
CA VAL C 511 13.68 14.08 -31.90
C VAL C 511 13.10 13.89 -30.50
N LEU C 512 13.28 14.87 -29.62
CA LEU C 512 12.68 14.78 -28.30
C LEU C 512 11.32 15.47 -28.22
N LYS C 513 11.01 16.33 -29.19
CA LYS C 513 9.73 17.01 -29.22
C LYS C 513 8.67 16.26 -30.01
N LEU C 514 9.01 15.09 -30.56
CA LEU C 514 8.04 14.27 -31.26
C LEU C 514 7.29 13.38 -30.27
N GLN C 515 5.97 13.34 -30.40
CA GLN C 515 5.11 12.54 -29.55
C GLN C 515 4.40 11.48 -30.38
N LEU C 516 4.37 10.26 -29.84
CA LEU C 516 3.74 9.14 -30.53
C LEU C 516 2.27 9.09 -30.17
N GLN C 517 1.40 9.16 -31.17
CA GLN C 517 -0.04 9.10 -30.98
C GLN C 517 -0.61 8.01 -31.88
N VAL C 518 -1.46 7.17 -31.32
CA VAL C 518 -2.02 6.02 -32.01
C VAL C 518 -3.45 6.35 -32.43
N PHE C 519 -3.74 6.16 -33.70
CA PHE C 519 -5.06 6.48 -34.26
C PHE C 519 -5.77 5.21 -34.71
N SER C 520 -7.09 5.20 -34.57
CA SER C 520 -7.90 4.06 -34.93
C SER C 520 -8.03 3.96 -36.46
N PRO C 521 -8.46 2.81 -36.99
CA PRO C 521 -8.74 2.76 -38.43
C PRO C 521 -9.99 3.54 -38.79
N GLY C 522 -9.91 4.26 -39.91
CA GLY C 522 -10.97 5.14 -40.33
C GLY C 522 -10.98 6.49 -39.68
N ASP C 523 -10.02 6.77 -38.80
CA ASP C 523 -9.95 8.07 -38.15
C ASP C 523 -9.47 9.14 -39.12
N PHE C 524 -10.06 10.33 -39.00
CA PHE C 524 -9.63 11.49 -39.77
C PHE C 524 -8.63 12.25 -38.91
N ILE C 525 -7.35 12.14 -39.27
CA ILE C 525 -6.32 12.90 -38.58
C ILE C 525 -6.41 14.37 -38.97
N CYS C 526 -6.60 14.65 -40.25
CA CYS C 526 -6.79 16.01 -40.74
C CYS C 526 -8.00 16.04 -41.67
N LYS C 527 -8.81 17.08 -41.56
CA LYS C 527 -9.77 17.39 -42.61
C LYS C 527 -9.90 18.89 -42.73
N LYS C 528 -10.45 19.33 -43.87
CA LYS C 528 -10.28 20.69 -44.38
C LYS C 528 -10.90 21.77 -43.50
N GLY C 529 -12.00 21.47 -42.80
CA GLY C 529 -12.60 22.47 -41.95
C GLY C 529 -11.84 22.75 -40.67
N ASP C 530 -11.07 21.76 -40.20
CA ASP C 530 -10.35 21.91 -38.95
C ASP C 530 -9.13 22.81 -39.13
N ILE C 531 -8.69 23.40 -38.04
CA ILE C 531 -7.47 24.19 -38.02
C ILE C 531 -6.33 23.29 -37.56
N GLY C 532 -5.11 23.65 -37.95
CA GLY C 532 -3.99 22.80 -37.67
C GLY C 532 -2.93 23.44 -36.80
N ARG C 533 -2.62 22.79 -35.68
CA ARG C 533 -1.56 23.23 -34.78
C ARG C 533 -0.37 22.28 -34.77
N GLU C 534 -0.40 21.21 -35.57
CA GLU C 534 0.56 20.12 -35.48
C GLU C 534 0.92 19.61 -36.86
N MET C 535 2.10 19.03 -36.97
CA MET C 535 2.46 18.20 -38.11
C MET C 535 2.65 16.75 -37.66
N TYR C 536 2.69 15.84 -38.63
CA TYR C 536 2.67 14.42 -38.35
C TYR C 536 3.70 13.73 -39.22
N ILE C 537 4.53 12.88 -38.62
CA ILE C 537 5.43 11.98 -39.33
C ILE C 537 5.00 10.56 -39.00
N VAL C 538 4.91 9.72 -40.03
CA VAL C 538 4.31 8.41 -39.87
C VAL C 538 5.35 7.45 -39.30
N LYS C 539 5.11 6.97 -38.08
CA LYS C 539 5.97 5.96 -37.49
C LYS C 539 5.56 4.56 -37.95
N ARG C 540 4.28 4.25 -37.91
CA ARG C 540 3.76 3.00 -38.44
C ARG C 540 2.42 3.32 -39.08
N GLY C 541 1.98 2.43 -39.96
CA GLY C 541 0.64 2.55 -40.48
C GLY C 541 0.60 3.08 -41.90
N ARG C 542 -0.60 3.04 -42.48
CA ARG C 542 -0.87 3.52 -43.81
C ARG C 542 -2.03 4.50 -43.75
N LEU C 543 -1.94 5.59 -44.51
CA LEU C 543 -2.97 6.61 -44.56
C LEU C 543 -3.36 6.86 -46.01
N GLN C 544 -4.44 7.61 -46.18
CA GLN C 544 -4.96 7.93 -47.50
C GLN C 544 -5.47 9.35 -47.52
N VAL C 545 -5.10 10.11 -48.54
CA VAL C 545 -5.59 11.46 -48.75
C VAL C 545 -6.87 11.38 -49.58
N VAL C 546 -8.00 11.66 -48.95
CA VAL C 546 -9.31 11.42 -49.55
C VAL C 546 -10.03 12.74 -49.79
N ASP C 547 -11.20 12.66 -50.42
CA ASP C 547 -12.07 13.81 -50.60
C ASP C 547 -13.09 13.89 -49.47
N ASP C 548 -14.06 14.79 -49.62
CA ASP C 548 -15.09 14.94 -48.60
C ASP C 548 -16.11 13.82 -48.66
N ASP C 549 -16.23 13.14 -49.80
CA ASP C 549 -17.11 11.97 -49.85
C ASP C 549 -16.45 10.75 -49.20
N GLY C 550 -15.12 10.76 -49.10
CA GLY C 550 -14.39 9.65 -48.51
C GLY C 550 -14.13 8.49 -49.44
N LYS C 551 -14.47 8.61 -50.72
CA LYS C 551 -14.30 7.54 -51.68
C LYS C 551 -13.05 7.73 -52.52
N LYS C 552 -12.88 8.89 -53.16
CA LYS C 552 -11.77 9.10 -54.07
C LYS C 552 -10.48 9.36 -53.31
N VAL C 553 -9.46 8.55 -53.59
CA VAL C 553 -8.16 8.64 -52.93
C VAL C 553 -7.16 9.25 -53.90
N PHE C 554 -6.43 10.25 -53.43
CA PHE C 554 -5.42 10.91 -54.27
C PHE C 554 -4.06 10.23 -54.14
N VAL C 555 -3.54 10.18 -52.92
CA VAL C 555 -2.21 9.63 -52.66
C VAL C 555 -2.22 8.96 -51.29
N THR C 556 -1.56 7.83 -51.18
CA THR C 556 -1.43 7.13 -49.91
C THR C 556 -0.14 7.56 -49.20
N LEU C 557 -0.14 7.42 -47.89
CA LEU C 557 0.98 7.81 -47.05
C LEU C 557 1.47 6.60 -46.27
N GLN C 558 2.76 6.30 -46.40
CA GLN C 558 3.38 5.14 -45.82
C GLN C 558 4.29 5.58 -44.68
N GLU C 559 5.07 4.64 -44.13
CA GLU C 559 5.97 4.93 -43.03
C GLU C 559 7.09 5.88 -43.48
N GLY C 560 7.30 6.94 -42.70
CA GLY C 560 8.27 7.96 -43.02
C GLY C 560 7.72 9.14 -43.79
N SER C 561 6.44 9.14 -44.14
CA SER C 561 5.86 10.26 -44.86
C SER C 561 5.63 11.43 -43.92
N VAL C 562 5.73 12.63 -44.48
CA VAL C 562 5.55 13.87 -43.74
C VAL C 562 4.30 14.55 -44.27
N PHE C 563 3.37 14.84 -43.38
CA PHE C 563 2.14 15.53 -43.77
C PHE C 563 1.68 16.38 -42.59
N GLY C 564 0.75 17.28 -42.87
CA GLY C 564 0.24 18.17 -41.86
C GLY C 564 1.02 19.45 -41.68
N GLU C 565 1.98 19.73 -42.55
CA GLU C 565 2.82 20.91 -42.37
C GLU C 565 2.29 22.13 -43.09
N LEU C 566 1.32 21.99 -44.00
CA LEU C 566 0.83 23.11 -44.78
C LEU C 566 0.06 24.11 -43.93
N SER C 567 -0.58 23.63 -42.86
CA SER C 567 -1.34 24.52 -42.00
C SER C 567 -0.45 25.33 -41.08
N ILE C 568 0.70 24.80 -40.68
CA ILE C 568 1.50 25.44 -39.65
C ILE C 568 2.67 26.21 -40.27
N LEU C 569 3.08 25.84 -41.48
CA LEU C 569 3.91 26.74 -42.24
C LEU C 569 3.06 27.90 -42.75
N ASN C 570 3.63 29.09 -42.75
CA ASN C 570 2.88 30.31 -43.05
C ASN C 570 3.23 30.75 -44.46
N ILE C 571 2.41 30.32 -45.42
CA ILE C 571 2.53 30.74 -46.80
C ILE C 571 1.35 31.64 -47.13
N ALA C 572 1.65 32.86 -47.61
CA ALA C 572 0.60 33.82 -47.97
C ALA C 572 0.16 33.70 -49.42
N GLY C 573 0.60 32.66 -50.13
CA GLY C 573 0.29 32.49 -51.53
C GLY C 573 -1.03 31.82 -51.86
N SER C 574 -1.71 31.23 -50.88
CA SER C 574 -2.97 30.55 -51.13
C SER C 574 -4.01 31.01 -50.12
N LYS C 575 -5.24 30.55 -50.34
CA LYS C 575 -6.41 31.08 -49.64
C LYS C 575 -6.59 30.48 -48.25
N ASN C 576 -5.92 29.36 -47.94
CA ASN C 576 -6.22 28.62 -46.72
C ASN C 576 -5.59 29.25 -45.49
N GLY C 577 -4.26 29.32 -45.46
CA GLY C 577 -3.57 29.82 -44.28
C GLY C 577 -3.47 28.79 -43.18
N ASN C 578 -4.29 28.95 -42.14
CA ASN C 578 -4.24 28.03 -41.00
C ASN C 578 -5.11 26.80 -41.22
N ARG C 579 -5.88 26.76 -42.32
CA ARG C 579 -6.75 25.63 -42.59
C ARG C 579 -5.96 24.43 -43.11
N ARG C 580 -6.50 23.24 -42.87
CA ARG C 580 -6.00 22.05 -43.54
C ARG C 580 -6.44 22.06 -45.00
N THR C 581 -5.53 21.66 -45.89
CA THR C 581 -5.82 21.69 -47.32
C THR C 581 -6.32 20.35 -47.86
N ALA C 582 -6.33 19.30 -47.05
CA ALA C 582 -6.72 17.98 -47.53
C ALA C 582 -7.30 17.16 -46.39
N ASN C 583 -7.93 16.05 -46.76
CA ASN C 583 -8.55 15.11 -45.83
C ASN C 583 -7.67 13.87 -45.81
N VAL C 584 -6.90 13.69 -44.73
CA VAL C 584 -6.20 12.41 -44.57
C VAL C 584 -7.00 11.51 -43.64
N ARG C 585 -6.85 10.21 -43.85
CA ARG C 585 -7.67 9.23 -43.15
C ARG C 585 -6.84 7.97 -42.94
N SER C 586 -6.86 7.47 -41.72
CA SER C 586 -6.08 6.29 -41.39
C SER C 586 -6.76 5.03 -41.95
N VAL C 587 -5.96 4.19 -42.60
CA VAL C 587 -6.47 2.97 -43.20
C VAL C 587 -6.62 1.93 -42.10
N GLY C 588 -5.52 1.59 -41.46
CA GLY C 588 -5.52 0.77 -40.27
C GLY C 588 -5.18 1.58 -39.04
N TYR C 589 -4.61 0.90 -38.06
CA TYR C 589 -4.07 1.61 -36.90
C TYR C 589 -2.78 2.30 -37.27
N THR C 590 -2.60 3.53 -36.81
CA THR C 590 -1.52 4.38 -37.29
C THR C 590 -0.83 5.06 -36.13
N ASP C 591 0.46 4.81 -35.97
CA ASP C 591 1.27 5.60 -35.07
C ASP C 591 1.85 6.79 -35.82
N LEU C 592 1.87 7.95 -35.15
CA LEU C 592 2.30 9.18 -35.80
C LEU C 592 3.22 9.95 -34.87
N PHE C 593 4.28 10.53 -35.46
CA PHE C 593 5.19 11.41 -34.72
C PHE C 593 4.63 12.83 -34.80
N VAL C 594 3.89 13.21 -33.77
CA VAL C 594 3.29 14.54 -33.75
C VAL C 594 4.30 15.57 -33.26
N LEU C 595 4.29 16.73 -33.91
CA LEU C 595 5.21 17.81 -33.59
C LEU C 595 4.43 19.12 -33.64
N SER C 596 4.58 19.93 -32.59
CA SER C 596 3.82 21.15 -32.45
C SER C 596 4.28 22.21 -33.46
N LYS C 597 3.45 23.23 -33.63
CA LYS C 597 3.80 24.36 -34.48
C LYS C 597 4.92 25.18 -33.87
N THR C 598 4.91 25.31 -32.54
CA THR C 598 5.91 26.08 -31.83
C THR C 598 7.29 25.41 -31.87
N ASP C 599 7.34 24.10 -31.66
CA ASP C 599 8.62 23.39 -31.63
C ASP C 599 9.24 23.31 -33.02
N LEU C 600 8.40 23.09 -34.04
CA LEU C 600 8.84 23.13 -35.43
C LEU C 600 9.36 24.52 -35.79
N TRP C 601 8.67 25.58 -35.37
CA TRP C 601 9.14 26.90 -35.77
C TRP C 601 10.33 27.37 -34.96
N ASN C 602 10.54 26.82 -33.75
CA ASN C 602 11.81 26.99 -33.05
C ASN C 602 12.96 26.39 -33.84
N ALA C 603 12.83 25.11 -34.23
CA ALA C 603 13.90 24.46 -34.97
C ALA C 603 14.03 24.97 -36.39
N LEU C 604 13.02 25.62 -36.93
CA LEU C 604 13.11 26.23 -38.26
C LEU C 604 13.66 27.64 -38.22
N ARG C 605 13.44 28.37 -37.13
CA ARG C 605 14.11 29.66 -36.97
C ARG C 605 15.59 29.48 -36.67
N GLU C 606 15.96 28.37 -36.03
CA GLU C 606 17.39 28.15 -35.82
C GLU C 606 18.06 27.55 -37.04
N TYR C 607 17.39 26.66 -37.76
CA TYR C 607 17.97 26.01 -38.94
C TYR C 607 17.27 26.49 -40.20
N PRO C 608 17.93 27.29 -41.05
CA PRO C 608 17.21 27.93 -42.16
C PRO C 608 17.03 27.07 -43.40
N ASP C 609 17.90 26.08 -43.60
CA ASP C 609 17.84 25.29 -44.84
C ASP C 609 16.65 24.33 -44.83
N ALA C 610 16.32 23.78 -43.66
CA ALA C 610 15.10 22.97 -43.54
C ALA C 610 13.86 23.82 -43.72
N ARG C 611 13.90 25.09 -43.29
CA ARG C 611 12.80 26.02 -43.54
C ARG C 611 12.65 26.30 -45.03
N LYS C 612 13.77 26.43 -45.76
CA LYS C 612 13.71 26.68 -47.19
C LYS C 612 13.16 25.47 -47.95
N LEU C 613 13.58 24.26 -47.56
CA LEU C 613 13.04 23.04 -48.20
C LEU C 613 11.57 22.83 -47.87
N LEU C 614 11.16 23.11 -46.62
CA LEU C 614 9.77 22.91 -46.22
C LEU C 614 8.84 23.90 -46.92
N LEU C 615 9.20 25.20 -46.94
CA LEU C 615 8.37 26.17 -47.64
C LEU C 615 8.42 26.00 -49.15
N ALA C 616 9.53 25.48 -49.69
CA ALA C 616 9.62 25.25 -51.12
C ALA C 616 8.69 24.13 -51.57
N LYS C 617 8.73 22.97 -50.90
CA LYS C 617 7.84 21.88 -51.30
C LYS C 617 6.40 22.15 -50.88
N GLY C 618 6.18 22.98 -49.85
CA GLY C 618 4.82 23.34 -49.48
C GLY C 618 4.18 24.28 -50.48
N ARG C 619 4.94 25.26 -50.96
CA ARG C 619 4.41 26.15 -52.00
C ARG C 619 4.29 25.41 -53.33
N GLU C 620 5.14 24.41 -53.57
CA GLU C 620 5.01 23.60 -54.78
C GLU C 620 3.74 22.74 -54.78
N ILE C 621 3.40 22.13 -53.65
CA ILE C 621 2.15 21.35 -53.64
C ILE C 621 0.94 22.25 -53.51
N LEU C 622 1.10 23.46 -52.95
CA LEU C 622 -0.02 24.39 -52.89
C LEU C 622 -0.32 25.02 -54.24
N LYS C 623 0.70 25.23 -55.08
CA LYS C 623 0.47 25.78 -56.40
C LYS C 623 0.15 24.80 -57.53
N LYS C 624 0.38 23.50 -57.35
CA LYS C 624 -0.37 22.59 -58.23
C LYS C 624 -1.75 22.26 -57.67
N ASP C 625 -1.97 22.53 -56.38
CA ASP C 625 -3.28 22.36 -55.78
C ASP C 625 -3.96 23.73 -55.74
N TYR D 106 -19.08 -32.00 -51.46
CA TYR D 106 -18.71 -30.82 -50.69
C TYR D 106 -17.29 -30.93 -50.16
N ALA D 107 -16.61 -32.01 -50.57
CA ALA D 107 -15.23 -32.24 -50.16
C ALA D 107 -14.30 -31.19 -50.78
N VAL D 108 -14.56 -30.81 -52.03
CA VAL D 108 -13.76 -29.76 -52.65
C VAL D 108 -14.10 -28.38 -52.07
N ARG D 109 -15.33 -28.20 -51.58
CA ARG D 109 -15.71 -26.97 -50.89
C ARG D 109 -14.96 -26.81 -49.59
N ILE D 110 -14.94 -27.87 -48.76
CA ILE D 110 -14.21 -27.84 -47.49
C ILE D 110 -12.70 -27.77 -47.74
N ARG D 111 -12.22 -28.45 -48.78
CA ARG D 111 -10.78 -28.50 -49.07
C ARG D 111 -10.26 -27.15 -49.56
N LYS D 112 -10.96 -26.51 -50.49
CA LYS D 112 -10.49 -25.21 -50.96
C LYS D 112 -10.78 -24.09 -49.97
N TYR D 113 -11.82 -24.23 -49.14
CA TYR D 113 -12.05 -23.25 -48.08
C TYR D 113 -10.97 -23.31 -47.02
N LEU D 114 -10.50 -24.50 -46.66
CA LEU D 114 -9.37 -24.58 -45.74
C LEU D 114 -8.04 -24.35 -46.44
N ALA D 115 -8.02 -24.42 -47.78
CA ALA D 115 -6.80 -24.10 -48.49
C ALA D 115 -6.34 -22.64 -48.56
N ASN D 116 -7.27 -21.70 -48.66
CA ASN D 116 -6.94 -20.28 -48.55
C ASN D 116 -7.84 -19.56 -47.43
N TYR D 117 -7.78 -20.21 -46.27
CA TYR D 117 -8.44 -19.69 -45.08
C TYR D 117 -7.25 -18.97 -44.46
N THR D 118 -7.53 -17.84 -43.82
CA THR D 118 -6.53 -17.11 -43.03
C THR D 118 -7.26 -16.42 -41.89
N GLN D 119 -6.80 -16.64 -40.67
CA GLN D 119 -7.49 -16.13 -39.50
C GLN D 119 -7.14 -14.68 -39.21
N ASP D 120 -8.15 -13.88 -38.91
CA ASP D 120 -7.98 -12.54 -38.38
C ASP D 120 -7.95 -12.63 -36.86
N PRO D 121 -6.86 -12.22 -36.20
CA PRO D 121 -6.81 -12.36 -34.74
C PRO D 121 -7.64 -11.33 -33.98
N SER D 122 -8.10 -10.28 -34.65
CA SER D 122 -8.82 -9.20 -33.99
C SER D 122 -10.33 -9.42 -33.93
N THR D 123 -10.84 -10.53 -34.48
CA THR D 123 -12.27 -10.76 -34.56
C THR D 123 -12.81 -11.17 -33.18
N ASP D 124 -14.13 -11.11 -33.02
CA ASP D 124 -14.76 -11.62 -31.81
C ASP D 124 -14.83 -13.15 -31.83
N ASN D 125 -14.97 -13.75 -33.01
CA ASN D 125 -15.02 -15.20 -33.13
C ASN D 125 -13.70 -15.84 -32.75
N PHE D 126 -12.59 -15.16 -33.05
CA PHE D 126 -11.30 -15.65 -32.57
C PHE D 126 -11.17 -15.53 -31.06
N TYR D 127 -11.77 -14.50 -30.46
CA TYR D 127 -11.75 -14.37 -29.01
C TYR D 127 -12.58 -15.47 -28.34
N TYR D 128 -13.69 -15.86 -28.96
CA TYR D 128 -14.46 -17.00 -28.46
C TYR D 128 -13.68 -18.30 -28.65
N TRP D 129 -12.87 -18.39 -29.69
CA TRP D 129 -12.00 -19.56 -29.85
C TRP D 129 -10.90 -19.59 -28.78
N THR D 130 -10.37 -18.43 -28.38
CA THR D 130 -9.40 -18.39 -27.29
C THR D 130 -10.05 -18.79 -25.96
N CYS D 131 -11.34 -18.49 -25.78
CA CYS D 131 -12.06 -19.00 -24.62
C CYS D 131 -12.23 -20.52 -24.67
N VAL D 132 -12.42 -21.09 -25.86
CA VAL D 132 -12.51 -22.55 -26.00
C VAL D 132 -11.17 -23.22 -25.68
N VAL D 133 -10.06 -22.62 -26.12
CA VAL D 133 -8.73 -23.11 -25.80
C VAL D 133 -8.42 -22.96 -24.30
N THR D 134 -8.96 -21.92 -23.66
CA THR D 134 -8.86 -21.76 -22.21
C THR D 134 -9.59 -22.87 -21.46
N VAL D 135 -10.76 -23.27 -21.95
CA VAL D 135 -11.52 -24.37 -21.36
C VAL D 135 -10.75 -25.70 -21.50
N ALA D 136 -10.15 -25.94 -22.67
CA ALA D 136 -9.34 -27.14 -22.89
C ALA D 136 -8.09 -27.17 -22.01
N TYR D 137 -7.48 -26.01 -21.80
CA TYR D 137 -6.30 -25.91 -20.95
C TYR D 137 -6.63 -26.15 -19.48
N ILE D 138 -7.78 -25.65 -19.03
CA ILE D 138 -8.21 -25.87 -17.65
C ILE D 138 -8.52 -27.34 -17.40
N TYR D 139 -9.12 -28.01 -18.41
CA TYR D 139 -9.30 -29.46 -18.39
C TYR D 139 -7.97 -30.19 -18.21
N ASN D 140 -6.98 -29.83 -19.04
CA ASN D 140 -5.68 -30.49 -19.02
C ASN D 140 -4.98 -30.33 -17.67
N LEU D 141 -5.03 -29.11 -17.11
CA LEU D 141 -4.46 -28.78 -15.81
C LEU D 141 -5.01 -29.66 -14.70
N LEU D 142 -6.31 -29.50 -14.43
CA LEU D 142 -6.98 -30.16 -13.31
C LEU D 142 -6.98 -31.68 -13.46
N PHE D 143 -7.45 -32.17 -14.60
CA PHE D 143 -7.70 -33.59 -14.67
C PHE D 143 -6.46 -34.39 -15.05
N VAL D 144 -5.40 -33.75 -15.55
CA VAL D 144 -4.20 -34.53 -15.78
C VAL D 144 -3.41 -34.73 -14.49
N ILE D 145 -3.33 -33.70 -13.64
CA ILE D 145 -2.66 -33.96 -12.36
C ILE D 145 -3.53 -34.84 -11.45
N ALA D 146 -4.86 -34.76 -11.58
CA ALA D 146 -5.74 -35.59 -10.78
C ALA D 146 -5.74 -37.04 -11.26
N ARG D 147 -5.62 -37.27 -12.56
CA ARG D 147 -5.59 -38.64 -13.06
C ARG D 147 -4.24 -39.29 -12.85
N GLN D 148 -3.16 -38.50 -12.76
CA GLN D 148 -1.88 -39.10 -12.40
C GLN D 148 -1.87 -39.51 -10.94
N VAL D 149 -2.27 -38.61 -10.03
CA VAL D 149 -2.17 -38.93 -8.61
C VAL D 149 -3.29 -39.83 -8.14
N PHE D 150 -4.53 -39.40 -8.31
CA PHE D 150 -5.69 -40.19 -7.90
C PHE D 150 -6.07 -41.10 -9.04
N ASN D 151 -5.42 -42.26 -9.12
CA ASN D 151 -5.52 -43.11 -10.30
C ASN D 151 -6.78 -43.97 -10.33
N ASP D 152 -7.69 -43.82 -9.36
CA ASP D 152 -9.00 -44.43 -9.44
C ASP D 152 -9.99 -43.56 -10.21
N LEU D 153 -9.56 -42.44 -10.78
CA LEU D 153 -10.47 -41.61 -11.55
C LEU D 153 -10.79 -42.20 -12.90
N ILE D 154 -10.00 -43.17 -13.36
CA ILE D 154 -10.30 -43.91 -14.58
C ILE D 154 -10.82 -45.30 -14.28
N GLY D 155 -11.07 -45.62 -13.02
CA GLY D 155 -11.27 -46.98 -12.60
C GLY D 155 -10.11 -47.41 -11.73
N PRO D 156 -10.41 -48.16 -10.65
CA PRO D 156 -9.36 -48.50 -9.67
C PRO D 156 -8.20 -49.32 -10.18
N SER D 157 -8.41 -50.22 -11.17
CA SER D 157 -7.37 -51.00 -11.86
C SER D 157 -6.60 -51.96 -10.95
N SER D 158 -7.10 -52.20 -9.73
CA SER D 158 -6.51 -53.08 -8.73
C SER D 158 -7.60 -53.38 -7.73
N GLN D 159 -7.58 -54.60 -7.20
CA GLN D 159 -8.60 -55.04 -6.28
C GLN D 159 -8.11 -54.84 -4.85
N SER D 160 -8.85 -54.05 -4.07
CA SER D 160 -8.51 -53.85 -2.67
C SER D 160 -8.84 -55.10 -1.87
N LEU D 161 -7.90 -55.53 -1.03
CA LEU D 161 -8.01 -56.79 -0.29
C LEU D 161 -7.85 -56.50 1.20
N CYS D 162 -8.96 -56.40 1.91
CA CYS D 162 -8.90 -56.22 3.35
C CYS D 162 -8.92 -57.55 4.07
N ARG D 163 -8.22 -57.62 5.20
CA ARG D 163 -8.29 -58.77 6.08
C ARG D 163 -9.60 -58.72 6.87
N PHE D 164 -10.33 -59.83 6.90
CA PHE D 164 -11.65 -59.85 7.49
C PHE D 164 -11.81 -61.09 8.37
N TYR D 165 -12.04 -60.86 9.66
CA TYR D 165 -12.35 -61.95 10.58
C TYR D 165 -13.78 -62.40 10.31
N ASN D 166 -13.94 -63.59 9.74
CA ASN D 166 -15.25 -64.07 9.35
C ASN D 166 -16.03 -64.58 10.57
N GLY D 167 -17.33 -64.33 10.58
CA GLY D 167 -18.18 -64.76 11.68
C GLY D 167 -18.69 -66.18 11.57
N THR D 168 -18.44 -66.85 10.45
CA THR D 168 -18.86 -68.23 10.24
C THR D 168 -17.70 -69.20 10.36
N LEU D 169 -16.60 -68.94 9.65
CA LEU D 169 -15.44 -69.82 9.69
C LEU D 169 -14.50 -69.52 10.86
N ASN D 170 -14.73 -68.39 11.56
CA ASN D 170 -13.95 -67.95 12.74
C ASN D 170 -12.47 -67.80 12.43
N SER D 171 -12.15 -67.25 11.27
CA SER D 171 -10.76 -67.09 10.84
C SER D 171 -10.67 -65.88 9.93
N THR D 172 -9.46 -65.32 9.82
CA THR D 172 -9.25 -64.17 8.96
C THR D 172 -9.04 -64.61 7.53
N THR D 173 -9.68 -63.90 6.60
CA THR D 173 -9.55 -64.15 5.18
C THR D 173 -9.20 -62.85 4.48
N GLN D 174 -8.50 -62.96 3.34
CA GLN D 174 -8.14 -61.78 2.54
C GLN D 174 -9.13 -61.62 1.39
N VAL D 175 -10.35 -61.25 1.76
CA VAL D 175 -11.41 -61.05 0.79
C VAL D 175 -11.40 -59.61 0.30
N GLU D 176 -12.13 -59.34 -0.78
CA GLU D 176 -12.24 -57.99 -1.32
C GLU D 176 -12.98 -57.07 -0.34
N CYS D 177 -12.50 -55.84 -0.25
CA CYS D 177 -13.03 -54.87 0.71
C CYS D 177 -14.43 -54.41 0.34
N THR D 178 -15.27 -54.31 1.35
CA THR D 178 -16.58 -53.69 1.28
C THR D 178 -16.40 -52.28 1.82
N TYR D 179 -17.44 -51.44 1.72
CA TYR D 179 -17.39 -50.12 2.36
C TYR D 179 -17.43 -50.24 3.88
N ASN D 180 -17.99 -51.33 4.41
CA ASN D 180 -17.95 -51.57 5.84
C ASN D 180 -16.57 -52.03 6.30
N MET D 181 -15.77 -52.58 5.40
CA MET D 181 -14.43 -53.01 5.74
C MET D 181 -13.38 -51.95 5.50
N LEU D 182 -13.72 -50.90 4.75
CA LEU D 182 -12.85 -49.74 4.64
C LEU D 182 -13.12 -48.73 5.73
N THR D 183 -14.12 -49.00 6.58
CA THR D 183 -14.38 -48.19 7.75
C THR D 183 -13.72 -48.83 8.97
N ASN D 184 -13.08 -47.98 9.79
CA ASN D 184 -12.40 -48.35 11.04
C ASN D 184 -11.31 -49.40 10.82
N MET D 185 -10.39 -49.09 9.92
CA MET D 185 -9.39 -50.06 9.53
C MET D 185 -8.27 -50.14 10.56
N LYS D 186 -7.82 -51.35 10.83
CA LYS D 186 -6.62 -51.57 11.62
C LYS D 186 -5.36 -51.59 10.76
N GLU D 187 -5.51 -51.72 9.45
CA GLU D 187 -4.42 -51.67 8.50
C GLU D 187 -4.99 -51.31 7.14
N MET D 188 -4.14 -50.75 6.29
CA MET D 188 -4.58 -50.35 4.96
C MET D 188 -4.68 -51.58 4.06
N PRO D 189 -5.59 -51.61 3.10
CA PRO D 189 -5.73 -52.80 2.25
C PRO D 189 -4.60 -52.94 1.24
N THR D 190 -4.28 -54.19 0.93
CA THR D 190 -3.37 -54.49 -0.15
C THR D 190 -4.13 -54.54 -1.46
N TYR D 191 -3.45 -54.20 -2.54
CA TYR D 191 -4.07 -54.05 -3.86
C TYR D 191 -3.54 -55.13 -4.78
N SER D 192 -4.36 -56.15 -5.02
CA SER D 192 -4.02 -57.15 -6.02
C SER D 192 -4.38 -56.63 -7.39
N GLN D 193 -3.46 -56.79 -8.34
CA GLN D 193 -3.62 -56.22 -9.66
C GLN D 193 -4.64 -57.02 -10.48
N TYR D 194 -5.47 -56.31 -11.24
CA TYR D 194 -6.41 -56.97 -12.12
C TYR D 194 -5.67 -57.61 -13.29
N PRO D 195 -6.18 -58.70 -13.85
CA PRO D 195 -5.52 -59.28 -15.04
C PRO D 195 -5.69 -58.41 -16.28
N ASP D 196 -6.84 -57.76 -16.43
CA ASP D 196 -7.10 -56.88 -17.54
C ASP D 196 -6.93 -55.41 -17.18
N LEU D 197 -6.40 -55.12 -15.98
CA LEU D 197 -6.18 -53.77 -15.44
C LEU D 197 -7.47 -52.96 -15.37
N GLY D 198 -8.57 -53.63 -15.05
CA GLY D 198 -9.84 -52.97 -14.89
C GLY D 198 -10.53 -52.57 -16.17
N TRP D 199 -10.08 -53.07 -17.31
CA TRP D 199 -10.66 -52.69 -18.59
C TRP D 199 -11.97 -53.41 -18.88
N SER D 200 -12.29 -54.48 -18.15
CA SER D 200 -13.53 -55.19 -18.39
C SER D 200 -14.71 -54.59 -17.67
N LYS D 201 -14.48 -53.71 -16.69
CA LYS D 201 -15.57 -53.15 -15.91
C LYS D 201 -15.50 -51.64 -15.73
N TYR D 202 -14.39 -50.98 -16.04
CA TYR D 202 -14.29 -49.53 -16.04
C TYR D 202 -14.02 -48.97 -17.42
N TRP D 203 -14.38 -49.71 -18.47
CA TRP D 203 -14.17 -49.26 -19.84
C TRP D 203 -15.05 -48.06 -20.18
N HIS D 204 -16.22 -47.93 -19.54
CA HIS D 204 -17.07 -46.77 -19.82
C HIS D 204 -16.47 -45.50 -19.26
N PHE D 205 -15.88 -45.57 -18.05
CA PHE D 205 -15.15 -44.43 -17.49
C PHE D 205 -13.92 -44.10 -18.32
N ARG D 206 -13.22 -45.12 -18.80
CA ARG D 206 -12.00 -44.87 -19.58
C ARG D 206 -12.32 -44.35 -20.98
N MET D 207 -13.44 -44.77 -21.57
CA MET D 207 -13.81 -44.22 -22.87
C MET D 207 -14.40 -42.83 -22.75
N LEU D 208 -15.03 -42.50 -21.61
CA LEU D 208 -15.44 -41.12 -21.37
C LEU D 208 -14.22 -40.20 -21.20
N TRP D 209 -13.21 -40.68 -20.47
CA TRP D 209 -11.98 -39.90 -20.30
C TRP D 209 -11.23 -39.74 -21.61
N VAL D 210 -11.14 -40.79 -22.43
CA VAL D 210 -10.42 -40.67 -23.68
C VAL D 210 -11.23 -39.90 -24.72
N PHE D 211 -12.57 -39.85 -24.59
CA PHE D 211 -13.37 -38.97 -25.43
C PHE D 211 -13.11 -37.51 -25.12
N PHE D 212 -13.04 -37.15 -23.84
CA PHE D 212 -12.74 -35.76 -23.51
C PHE D 212 -11.28 -35.40 -23.81
N ASP D 213 -10.37 -36.37 -23.72
CA ASP D 213 -8.99 -36.15 -24.13
C ASP D 213 -8.87 -35.91 -25.63
N LEU D 214 -9.58 -36.71 -26.43
CA LEU D 214 -9.59 -36.51 -27.88
C LEU D 214 -10.31 -35.23 -28.27
N LEU D 215 -11.31 -34.80 -27.49
CA LEU D 215 -12.01 -33.55 -27.76
C LEU D 215 -11.10 -32.34 -27.53
N MET D 216 -10.35 -32.34 -26.42
CA MET D 216 -9.44 -31.22 -26.19
C MET D 216 -8.21 -31.29 -27.09
N ASP D 217 -7.85 -32.48 -27.57
CA ASP D 217 -6.76 -32.56 -28.54
C ASP D 217 -7.21 -32.11 -29.92
N CYS D 218 -8.49 -32.31 -30.25
CA CYS D 218 -9.03 -31.72 -31.47
C CYS D 218 -9.13 -30.21 -31.37
N VAL D 219 -9.43 -29.69 -30.17
CA VAL D 219 -9.37 -28.24 -29.95
C VAL D 219 -7.96 -27.71 -30.14
N TYR D 220 -6.95 -28.46 -29.67
CA TYR D 220 -5.55 -28.08 -29.89
C TYR D 220 -5.15 -28.20 -31.36
N LEU D 221 -5.71 -29.15 -32.10
CA LEU D 221 -5.40 -29.29 -33.53
C LEU D 221 -6.02 -28.17 -34.35
N ILE D 222 -7.26 -27.78 -34.04
CA ILE D 222 -7.86 -26.63 -34.72
C ILE D 222 -7.13 -25.35 -34.33
N ASP D 223 -6.63 -25.28 -33.09
CA ASP D 223 -5.87 -24.11 -32.64
C ASP D 223 -4.52 -23.99 -33.34
N THR D 224 -3.84 -25.11 -33.59
CA THR D 224 -2.58 -24.98 -34.32
C THR D 224 -2.80 -24.86 -35.82
N PHE D 225 -3.96 -25.25 -36.35
CA PHE D 225 -4.28 -24.89 -37.72
C PHE D 225 -4.54 -23.40 -37.85
N LEU D 226 -5.22 -22.80 -36.86
CA LEU D 226 -5.43 -21.36 -36.88
C LEU D 226 -4.13 -20.60 -36.65
N ASN D 227 -3.21 -21.17 -35.88
CA ASN D 227 -1.87 -20.62 -35.77
C ASN D 227 -1.12 -20.70 -37.09
N TYR D 228 -1.33 -21.78 -37.85
CA TYR D 228 -0.70 -21.95 -39.16
C TYR D 228 -1.22 -20.94 -40.17
N ARG D 229 -2.45 -20.48 -40.01
CA ARG D 229 -3.07 -19.50 -40.90
C ARG D 229 -3.41 -18.21 -40.16
N MET D 230 -2.51 -17.75 -39.30
CA MET D 230 -2.79 -16.59 -38.47
C MET D 230 -2.34 -15.31 -39.14
N GLY D 231 -3.28 -14.38 -39.32
CA GLY D 231 -2.94 -13.07 -39.84
C GLY D 231 -2.19 -12.24 -38.82
N TYR D 232 -1.39 -11.32 -39.34
CA TYR D 232 -0.49 -10.54 -38.50
C TYR D 232 -0.49 -9.10 -38.98
N MET D 233 -0.32 -8.18 -38.04
CA MET D 233 -0.30 -6.76 -38.38
C MET D 233 0.99 -6.40 -39.11
N ASP D 234 0.84 -5.71 -40.24
CA ASP D 234 1.99 -5.27 -41.03
C ASP D 234 2.14 -3.76 -40.92
N GLN D 235 1.11 -2.99 -41.28
CA GLN D 235 1.12 -1.54 -41.18
C GLN D 235 -0.20 -1.10 -40.57
N GLY D 236 -0.55 -1.72 -39.46
CA GLY D 236 -1.85 -1.51 -38.84
C GLY D 236 -2.98 -2.30 -39.47
N LEU D 237 -2.69 -3.13 -40.47
CA LEU D 237 -3.68 -3.98 -41.12
C LEU D 237 -3.17 -5.40 -41.08
N VAL D 238 -4.10 -6.35 -41.00
CA VAL D 238 -3.74 -7.76 -40.99
C VAL D 238 -3.42 -8.21 -42.41
N VAL D 239 -2.39 -9.06 -42.53
CA VAL D 239 -2.14 -9.72 -43.81
C VAL D 239 -3.01 -10.96 -43.89
N ARG D 240 -3.76 -11.09 -44.97
CA ARG D 240 -4.74 -12.16 -45.05
C ARG D 240 -4.71 -12.88 -46.39
N GLU D 241 -3.51 -13.17 -46.88
CA GLU D 241 -3.35 -14.20 -47.91
C GLU D 241 -2.36 -15.22 -47.38
N ALA D 242 -2.49 -16.46 -47.88
CA ALA D 242 -1.99 -17.64 -47.19
C ALA D 242 -0.46 -17.74 -47.18
N GLU D 243 0.20 -17.22 -48.22
CA GLU D 243 1.63 -17.42 -48.36
C GLU D 243 2.42 -16.62 -47.33
N LYS D 244 2.05 -15.37 -47.11
CA LYS D 244 2.76 -14.51 -46.17
C LYS D 244 2.53 -14.95 -44.73
N VAL D 245 1.32 -15.39 -44.40
CA VAL D 245 1.06 -15.82 -43.02
C VAL D 245 1.65 -17.18 -42.75
N THR D 246 1.76 -18.06 -43.75
CA THR D 246 2.45 -19.33 -43.53
C THR D 246 3.95 -19.15 -43.40
N LYS D 247 4.55 -18.23 -44.17
CA LYS D 247 5.99 -18.00 -43.99
C LYS D 247 6.29 -17.27 -42.69
N ALA D 248 5.37 -16.39 -42.24
CA ALA D 248 5.55 -15.76 -40.93
C ALA D 248 5.34 -16.74 -39.80
N TYR D 249 4.54 -17.80 -40.03
CA TYR D 249 4.42 -18.87 -39.05
C TYR D 249 5.68 -19.71 -39.00
N TRP D 250 6.29 -19.99 -40.15
CA TRP D 250 7.50 -20.81 -40.16
C TRP D 250 8.72 -20.04 -39.67
N GLN D 251 8.67 -18.70 -39.69
CA GLN D 251 9.79 -17.92 -39.21
C GLN D 251 9.78 -17.69 -37.70
N SER D 252 8.73 -18.09 -36.98
CA SER D 252 8.52 -17.58 -35.63
C SER D 252 8.62 -18.63 -34.52
N LYS D 253 8.94 -19.89 -34.86
CA LYS D 253 9.10 -21.05 -33.94
C LYS D 253 7.82 -21.42 -33.20
N GLN D 254 6.67 -20.91 -33.67
CA GLN D 254 5.39 -21.34 -33.14
C GLN D 254 5.08 -22.77 -33.55
N TYR D 255 5.69 -23.25 -34.64
CA TYR D 255 5.61 -24.66 -34.99
C TYR D 255 6.33 -25.52 -33.96
N ARG D 256 7.41 -25.01 -33.36
CA ARG D 256 8.09 -25.73 -32.28
C ARG D 256 7.23 -25.75 -31.03
N ILE D 257 6.60 -24.63 -30.69
CA ILE D 257 5.73 -24.57 -29.51
C ILE D 257 4.48 -25.43 -29.69
N ASP D 258 3.92 -25.46 -30.89
CA ASP D 258 2.75 -26.29 -31.17
C ASP D 258 3.10 -27.75 -31.35
N GLY D 259 4.33 -28.06 -31.75
CA GLY D 259 4.70 -29.45 -31.98
C GLY D 259 5.16 -30.15 -30.74
N ILE D 260 5.77 -29.42 -29.80
CA ILE D 260 6.03 -30.01 -28.49
C ILE D 260 4.71 -30.25 -27.76
N SER D 261 3.73 -29.38 -27.96
CA SER D 261 2.48 -29.43 -27.21
C SER D 261 1.46 -30.41 -27.74
N LEU D 262 1.76 -31.17 -28.80
CA LEU D 262 0.79 -32.08 -29.37
C LEU D 262 1.36 -33.47 -29.59
N ILE D 263 2.39 -33.82 -28.82
CA ILE D 263 2.98 -35.15 -28.93
C ILE D 263 2.03 -36.15 -28.27
N PRO D 264 1.52 -37.15 -29.01
CA PRO D 264 0.54 -38.07 -28.42
C PRO D 264 1.19 -39.22 -27.66
N LEU D 265 2.07 -38.90 -26.71
CA LEU D 265 2.71 -39.93 -25.90
C LEU D 265 1.78 -40.50 -24.85
N ASP D 266 0.74 -39.77 -24.47
CA ASP D 266 -0.23 -40.26 -23.49
C ASP D 266 -1.24 -41.21 -24.11
N TYR D 267 -1.29 -41.29 -25.43
CA TYR D 267 -2.19 -42.26 -26.04
C TYR D 267 -1.60 -43.64 -26.13
N ILE D 268 -0.29 -43.76 -25.98
CA ILE D 268 0.40 -45.05 -25.96
C ILE D 268 0.87 -45.40 -24.54
N LEU D 269 1.42 -44.43 -23.81
CA LEU D 269 1.98 -44.71 -22.50
C LEU D 269 1.16 -44.14 -21.35
N GLY D 270 0.05 -43.49 -21.62
CA GLY D 270 -0.73 -42.90 -20.55
C GLY D 270 -1.94 -43.67 -20.11
N TRP D 271 -2.09 -44.91 -20.56
CA TRP D 271 -3.27 -45.71 -20.27
C TRP D 271 -2.83 -47.10 -19.80
N PRO D 272 -3.64 -47.77 -18.99
CA PRO D 272 -3.29 -49.12 -18.54
C PRO D 272 -3.35 -50.14 -19.67
N ILE D 273 -2.20 -50.68 -20.04
CA ILE D 273 -2.09 -51.73 -21.04
C ILE D 273 -1.97 -53.06 -20.32
N PRO D 274 -2.93 -53.98 -20.46
CA PRO D 274 -2.88 -55.22 -19.69
C PRO D 274 -1.87 -56.22 -20.22
N TYR D 275 -1.42 -56.06 -21.47
CA TYR D 275 -0.57 -57.07 -22.09
C TYR D 275 0.86 -56.98 -21.58
N ILE D 276 1.45 -55.78 -21.62
CA ILE D 276 2.79 -55.59 -21.07
C ILE D 276 2.77 -55.21 -19.60
N ASN D 277 1.59 -55.24 -18.96
CA ASN D 277 1.35 -54.83 -17.57
C ASN D 277 1.83 -53.41 -17.30
N TRP D 278 1.55 -52.50 -18.22
CA TRP D 278 1.89 -51.09 -18.07
C TRP D 278 0.81 -50.44 -17.22
N ARG D 279 1.23 -49.83 -16.12
CA ARG D 279 0.32 -49.25 -15.15
C ARG D 279 -0.34 -47.97 -15.67
N GLY D 280 0.30 -47.29 -16.60
CA GLY D 280 -0.18 -46.03 -17.12
C GLY D 280 0.55 -44.84 -16.53
N LEU D 281 0.79 -43.84 -17.37
CA LEU D 281 1.42 -42.59 -16.94
C LEU D 281 0.61 -41.41 -17.47
N PRO D 282 -0.41 -40.95 -16.73
CA PRO D 282 -1.18 -39.80 -17.19
C PRO D 282 -0.51 -38.44 -17.03
N ILE D 283 0.75 -38.40 -16.56
CA ILE D 283 1.48 -37.14 -16.41
C ILE D 283 2.09 -36.67 -17.71
N LEU D 284 1.92 -37.42 -18.80
CA LEU D 284 2.48 -37.06 -20.10
C LEU D 284 1.62 -36.10 -20.91
N ARG D 285 0.71 -35.34 -20.28
CA ARG D 285 0.00 -34.25 -20.94
C ARG D 285 0.38 -32.89 -20.38
N LEU D 286 1.50 -32.81 -19.68
CA LEU D 286 2.06 -31.51 -19.34
C LEU D 286 2.62 -30.80 -20.56
N ASN D 287 2.90 -31.55 -21.64
CA ASN D 287 3.13 -30.90 -22.92
C ASN D 287 1.87 -30.21 -23.43
N ARG D 288 0.67 -30.73 -23.13
CA ARG D 288 -0.53 -29.94 -23.40
C ARG D 288 -0.65 -28.77 -22.46
N LEU D 289 -0.03 -28.84 -21.29
CA LEU D 289 0.03 -27.65 -20.44
C LEU D 289 1.06 -26.60 -20.88
N ILE D 290 1.91 -26.92 -21.85
CA ILE D 290 2.89 -25.94 -22.34
C ILE D 290 2.21 -24.74 -23.05
N ARG D 291 1.03 -24.93 -23.65
CA ARG D 291 0.34 -23.85 -24.38
C ARG D 291 -0.37 -22.87 -23.43
N TYR D 292 0.42 -22.06 -22.72
CA TYR D 292 -0.17 -21.12 -21.76
C TYR D 292 -0.44 -19.75 -22.34
N LYS D 293 0.18 -19.42 -23.48
CA LYS D 293 0.18 -18.03 -23.94
C LYS D 293 -1.15 -17.65 -24.55
N ARG D 294 -1.84 -18.61 -25.18
CA ARG D 294 -3.19 -18.39 -25.68
C ARG D 294 -4.17 -18.16 -24.55
N VAL D 295 -3.99 -18.86 -23.43
CA VAL D 295 -4.80 -18.69 -22.24
C VAL D 295 -4.55 -17.34 -21.59
N ARG D 296 -3.30 -16.90 -21.55
CA ARG D 296 -2.97 -15.60 -20.97
C ARG D 296 -3.52 -14.47 -21.82
N ASN D 297 -3.45 -14.59 -23.15
CA ASN D 297 -4.03 -13.59 -24.02
C ASN D 297 -5.55 -13.60 -23.98
N CYS D 298 -6.17 -14.77 -23.75
CA CYS D 298 -7.61 -14.84 -23.57
C CYS D 298 -8.05 -14.15 -22.29
N LEU D 299 -7.31 -14.34 -21.20
CA LEU D 299 -7.66 -13.67 -19.95
C LEU D 299 -7.42 -12.17 -20.02
N GLU D 300 -6.38 -11.73 -20.74
CA GLU D 300 -6.14 -10.30 -20.91
C GLU D 300 -7.20 -9.65 -21.79
N ARG D 301 -7.60 -10.32 -22.88
CA ARG D 301 -8.65 -9.79 -23.73
C ARG D 301 -10.01 -9.87 -23.08
N THR D 302 -10.22 -10.82 -22.16
CA THR D 302 -11.48 -10.88 -21.42
C THR D 302 -11.53 -9.78 -20.37
N GLU D 303 -10.40 -9.45 -19.73
CA GLU D 303 -10.41 -8.35 -18.78
C GLU D 303 -10.51 -7.00 -19.47
N THR D 304 -10.02 -6.91 -20.72
CA THR D 304 -10.17 -5.68 -21.49
C THR D 304 -11.63 -5.43 -21.87
N ARG D 305 -12.29 -6.45 -22.42
CA ARG D 305 -13.63 -6.32 -22.97
C ARG D 305 -14.74 -6.34 -21.93
N SER D 306 -14.42 -6.59 -20.66
CA SER D 306 -15.46 -6.83 -19.67
C SER D 306 -16.09 -5.55 -19.18
N SER D 307 -17.41 -5.58 -19.01
CA SER D 307 -18.13 -4.49 -18.36
C SER D 307 -18.08 -4.59 -16.85
N MET D 308 -17.75 -5.76 -16.31
CA MET D 308 -17.55 -5.96 -14.87
C MET D 308 -16.12 -6.47 -14.69
N PRO D 309 -15.14 -5.57 -14.61
CA PRO D 309 -13.74 -6.02 -14.57
C PRO D 309 -13.33 -6.59 -13.23
N ASN D 310 -13.82 -6.03 -12.12
CA ASN D 310 -13.39 -6.49 -10.80
C ASN D 310 -14.04 -7.82 -10.45
N ALA D 311 -15.26 -8.07 -10.95
CA ALA D 311 -15.88 -9.37 -10.78
C ALA D 311 -15.14 -10.45 -11.55
N PHE D 312 -14.65 -10.11 -12.75
CA PHE D 312 -13.82 -11.03 -13.52
C PHE D 312 -12.48 -11.27 -12.85
N ARG D 313 -11.91 -10.24 -12.23
CA ARG D 313 -10.65 -10.38 -11.52
C ARG D 313 -10.78 -11.28 -10.29
N VAL D 314 -11.89 -11.15 -9.54
CA VAL D 314 -12.03 -12.02 -8.38
C VAL D 314 -12.41 -13.44 -8.79
N VAL D 315 -13.09 -13.62 -9.93
CA VAL D 315 -13.35 -14.97 -10.43
C VAL D 315 -12.06 -15.65 -10.90
N VAL D 316 -11.16 -14.88 -11.53
CA VAL D 316 -9.89 -15.41 -12.00
C VAL D 316 -8.97 -15.76 -10.82
N VAL D 317 -8.97 -14.94 -9.76
CA VAL D 317 -8.08 -15.27 -8.65
C VAL D 317 -8.68 -16.37 -7.76
N VAL D 318 -10.00 -16.54 -7.74
CA VAL D 318 -10.59 -17.70 -7.08
C VAL D 318 -10.28 -18.99 -7.85
N TRP D 319 -10.26 -18.91 -9.18
CA TRP D 319 -9.83 -20.05 -10.00
C TRP D 319 -8.35 -20.36 -9.80
N TYR D 320 -7.51 -19.34 -9.65
CA TYR D 320 -6.09 -19.52 -9.36
C TYR D 320 -5.87 -20.22 -8.02
N ILE D 321 -6.63 -19.78 -7.01
CA ILE D 321 -6.58 -20.38 -5.68
C ILE D 321 -7.01 -21.84 -5.71
N VAL D 322 -8.07 -22.16 -6.45
CA VAL D 322 -8.59 -23.52 -6.51
C VAL D 322 -7.62 -24.43 -7.27
N ILE D 323 -6.99 -23.91 -8.33
CA ILE D 323 -6.01 -24.69 -9.09
C ILE D 323 -4.74 -24.95 -8.26
N ILE D 324 -4.32 -23.95 -7.46
CA ILE D 324 -3.11 -24.12 -6.64
C ILE D 324 -3.36 -25.08 -5.49
N ILE D 325 -4.52 -24.99 -4.83
CA ILE D 325 -4.86 -25.91 -3.74
C ILE D 325 -5.10 -27.33 -4.27
N HIS D 326 -5.61 -27.44 -5.51
CA HIS D 326 -5.82 -28.75 -6.13
C HIS D 326 -4.49 -29.40 -6.50
N TRP D 327 -3.53 -28.62 -7.00
CA TRP D 327 -2.22 -29.16 -7.34
C TRP D 327 -1.43 -29.53 -6.10
N ASN D 328 -1.58 -28.76 -5.02
CA ASN D 328 -0.92 -29.13 -3.77
C ASN D 328 -1.60 -30.33 -3.11
N ALA D 329 -2.90 -30.51 -3.32
CA ALA D 329 -3.61 -31.70 -2.87
C ALA D 329 -3.08 -32.94 -3.57
N CYS D 330 -2.82 -32.82 -4.87
CA CYS D 330 -2.27 -33.93 -5.62
C CYS D 330 -0.82 -34.20 -5.24
N LEU D 331 -0.05 -33.16 -4.91
CA LEU D 331 1.31 -33.38 -4.40
C LEU D 331 1.32 -34.04 -3.03
N TYR D 332 0.41 -33.64 -2.14
CA TYR D 332 0.33 -34.26 -0.81
C TYR D 332 -0.08 -35.72 -0.91
N PHE D 333 -1.05 -36.04 -1.76
CA PHE D 333 -1.45 -37.44 -1.84
C PHE D 333 -0.45 -38.28 -2.62
N TRP D 334 0.31 -37.68 -3.54
CA TRP D 334 1.36 -38.43 -4.21
C TRP D 334 2.50 -38.74 -3.25
N ILE D 335 2.84 -37.80 -2.37
CA ILE D 335 3.89 -38.06 -1.39
C ILE D 335 3.40 -39.02 -0.31
N SER D 336 2.10 -38.97 0.01
CA SER D 336 1.50 -39.91 0.95
C SER D 336 1.48 -41.33 0.41
N GLU D 337 1.14 -41.52 -0.86
CA GLU D 337 1.15 -42.87 -1.41
C GLU D 337 2.53 -43.32 -1.85
N TRP D 338 3.50 -42.40 -2.01
CA TRP D 338 4.87 -42.80 -2.30
C TRP D 338 5.60 -43.25 -1.04
N ILE D 339 5.38 -42.54 0.08
CA ILE D 339 5.85 -43.02 1.37
C ILE D 339 5.14 -44.31 1.77
N GLY D 340 3.85 -44.39 1.49
CA GLY D 340 3.06 -45.56 1.78
C GLY D 340 1.95 -45.18 2.71
N LEU D 341 0.71 -45.49 2.34
CA LEU D 341 -0.44 -44.99 3.08
C LEU D 341 -0.61 -45.74 4.39
N GLY D 342 -0.92 -45.00 5.45
CA GLY D 342 -1.08 -45.59 6.76
C GLY D 342 0.19 -46.01 7.44
N THR D 343 1.35 -45.53 6.99
CA THR D 343 2.60 -45.91 7.62
C THR D 343 2.93 -45.04 8.82
N ASP D 344 2.44 -43.81 8.85
CA ASP D 344 2.59 -42.96 10.03
C ASP D 344 1.40 -42.01 10.10
N ALA D 345 1.47 -41.09 11.05
CA ALA D 345 0.32 -40.25 11.38
C ALA D 345 0.25 -38.98 10.55
N TRP D 346 1.24 -38.71 9.70
CA TRP D 346 1.14 -37.55 8.81
C TRP D 346 0.54 -37.93 7.47
N VAL D 347 0.96 -39.08 6.94
CA VAL D 347 0.45 -39.63 5.69
C VAL D 347 -1.03 -40.00 5.86
N TYR D 348 -1.82 -39.77 4.79
CA TYR D 348 -3.18 -40.29 4.70
C TYR D 348 -3.22 -41.79 5.00
N GLY D 349 -4.20 -42.18 5.80
CA GLY D 349 -4.32 -43.58 6.15
C GLY D 349 -5.05 -43.72 7.46
N HIS D 350 -4.93 -44.91 8.03
CA HIS D 350 -5.66 -45.25 9.25
C HIS D 350 -4.99 -44.70 10.49
N LEU D 351 -3.69 -44.44 10.43
CA LEU D 351 -2.96 -43.89 11.56
C LEU D 351 -3.08 -42.38 11.68
N ASN D 352 -3.66 -41.73 10.68
CA ASN D 352 -3.75 -40.27 10.67
C ASN D 352 -4.79 -39.78 11.67
N LYS D 353 -6.01 -40.34 11.61
CA LYS D 353 -7.18 -40.14 12.47
C LYS D 353 -7.85 -38.78 12.28
N GLN D 354 -7.24 -37.88 11.50
CA GLN D 354 -7.97 -36.75 10.95
C GLN D 354 -8.45 -37.08 9.55
N SER D 355 -7.65 -37.85 8.82
CA SER D 355 -8.02 -38.32 7.49
C SER D 355 -9.11 -39.37 7.57
N LEU D 356 -8.90 -40.41 8.38
CA LEU D 356 -9.88 -41.46 8.58
C LEU D 356 -10.22 -41.54 10.06
N PRO D 357 -11.21 -40.77 10.53
CA PRO D 357 -11.70 -40.94 11.90
C PRO D 357 -12.60 -42.15 12.05
N ASP D 358 -13.22 -42.27 13.22
CA ASP D 358 -14.21 -43.32 13.44
C ASP D 358 -15.45 -43.07 12.59
N ASP D 359 -15.98 -44.17 12.04
CA ASP D 359 -17.18 -44.22 11.17
C ASP D 359 -17.02 -43.38 9.91
N ILE D 360 -15.83 -43.42 9.31
CA ILE D 360 -15.53 -42.72 8.06
C ILE D 360 -14.91 -43.71 7.09
N THR D 361 -15.52 -43.85 5.92
CA THR D 361 -15.07 -44.82 4.93
C THR D 361 -13.95 -44.25 4.07
N ASP D 362 -12.95 -45.08 3.79
CA ASP D 362 -11.84 -44.72 2.91
C ASP D 362 -12.29 -44.87 1.46
N THR D 363 -12.62 -43.77 0.82
CA THR D 363 -13.02 -43.73 -0.57
C THR D 363 -12.11 -42.79 -1.34
N LEU D 364 -12.32 -42.73 -2.66
CA LEU D 364 -11.58 -41.78 -3.50
C LEU D 364 -12.00 -40.35 -3.22
N LEU D 365 -13.28 -40.15 -2.94
CA LEU D 365 -13.79 -38.84 -2.53
C LEU D 365 -13.18 -38.41 -1.20
N ARG D 366 -12.99 -39.35 -0.28
CA ARG D 366 -12.36 -39.05 1.00
C ARG D 366 -10.90 -38.68 0.83
N ARG D 367 -10.21 -39.32 -0.12
CA ARG D 367 -8.81 -39.02 -0.41
C ARG D 367 -8.65 -37.62 -0.98
N TYR D 368 -9.49 -37.26 -1.97
CA TYR D 368 -9.39 -35.92 -2.55
C TYR D 368 -9.87 -34.84 -1.58
N VAL D 369 -10.89 -35.14 -0.77
CA VAL D 369 -11.44 -34.16 0.15
C VAL D 369 -10.46 -33.88 1.29
N TYR D 370 -9.81 -34.92 1.84
CA TYR D 370 -8.81 -34.68 2.86
C TYR D 370 -7.55 -34.03 2.30
N SER D 371 -7.16 -34.35 1.06
CA SER D 371 -5.98 -33.71 0.49
C SER D 371 -6.22 -32.24 0.17
N PHE D 372 -7.44 -31.90 -0.29
CA PHE D 372 -7.81 -30.52 -0.53
C PHE D 372 -7.89 -29.73 0.77
N TYR D 373 -8.39 -30.35 1.84
CA TYR D 373 -8.43 -29.69 3.14
C TYR D 373 -7.04 -29.49 3.73
N TRP D 374 -6.17 -30.49 3.61
CA TRP D 374 -4.79 -30.39 4.07
C TRP D 374 -4.06 -29.28 3.35
N SER D 375 -4.26 -29.17 2.03
CA SER D 375 -3.60 -28.11 1.29
C SER D 375 -4.20 -26.75 1.56
N THR D 376 -5.49 -26.70 1.89
CA THR D 376 -6.10 -25.44 2.31
C THR D 376 -5.54 -24.97 3.64
N LEU D 377 -5.31 -25.89 4.58
CA LEU D 377 -4.73 -25.46 5.85
C LEU D 377 -3.24 -25.18 5.75
N ILE D 378 -2.53 -25.80 4.80
CA ILE D 378 -1.09 -25.59 4.73
C ILE D 378 -0.76 -24.33 3.92
N LEU D 379 -1.42 -24.14 2.77
CA LEU D 379 -1.15 -22.99 1.93
C LEU D 379 -1.64 -21.68 2.54
N THR D 380 -2.72 -21.72 3.32
CA THR D 380 -3.14 -20.54 4.06
C THR D 380 -2.47 -20.44 5.42
N THR D 381 -1.60 -21.40 5.75
CA THR D 381 -0.78 -21.48 6.98
C THR D 381 -1.61 -21.36 8.26
N ILE D 382 -2.75 -22.04 8.26
CA ILE D 382 -3.46 -22.30 9.50
C ILE D 382 -2.81 -23.45 10.24
N GLY D 383 -2.53 -24.54 9.53
CA GLY D 383 -1.67 -25.58 10.04
C GLY D 383 -2.29 -26.51 11.04
N GLU D 384 -3.62 -26.68 11.03
CA GLU D 384 -4.29 -27.58 11.98
C GLU D 384 -4.38 -28.98 11.39
N VAL D 385 -3.21 -29.50 11.03
CA VAL D 385 -3.02 -30.79 10.38
C VAL D 385 -2.02 -31.55 11.24
N PRO D 386 -1.90 -32.88 11.09
CA PRO D 386 -0.90 -33.61 11.85
C PRO D 386 0.53 -33.24 11.48
N SER D 387 1.40 -33.27 12.48
CA SER D 387 2.78 -32.91 12.32
C SER D 387 3.51 -33.97 11.50
N PRO D 388 4.59 -33.61 10.79
CA PRO D 388 5.36 -34.63 10.07
C PRO D 388 6.09 -35.55 11.03
N VAL D 389 6.40 -36.74 10.54
CA VAL D 389 7.12 -37.74 11.30
C VAL D 389 8.52 -37.97 10.72
N ARG D 390 8.58 -38.44 9.48
CA ARG D 390 9.85 -38.69 8.83
C ARG D 390 10.44 -37.38 8.30
N ASN D 391 11.75 -37.42 7.99
CA ASN D 391 12.46 -36.20 7.60
C ASN D 391 12.04 -35.69 6.23
N ILE D 392 11.58 -36.59 5.36
CA ILE D 392 11.14 -36.17 4.04
C ILE D 392 9.79 -35.45 4.13
N GLU D 393 8.97 -35.81 5.12
CA GLU D 393 7.72 -35.11 5.36
C GLU D 393 7.96 -33.76 6.00
N TYR D 394 8.99 -33.65 6.85
CA TYR D 394 9.39 -32.36 7.40
C TYR D 394 9.91 -31.43 6.32
N ALA D 395 10.70 -31.96 5.38
CA ALA D 395 11.21 -31.16 4.28
C ALA D 395 10.10 -30.70 3.34
N PHE D 396 9.15 -31.60 3.04
CA PHE D 396 8.02 -31.24 2.18
C PHE D 396 7.09 -30.24 2.86
N VAL D 397 6.83 -30.41 4.15
CA VAL D 397 5.93 -29.49 4.85
C VAL D 397 6.59 -28.13 5.06
N THR D 398 7.92 -28.09 5.29
CA THR D 398 8.63 -26.81 5.43
C THR D 398 8.66 -26.05 4.11
N LEU D 399 9.00 -26.75 3.02
CA LEU D 399 8.98 -26.14 1.69
C LEU D 399 7.58 -25.72 1.26
N ASP D 400 6.56 -26.52 1.59
CA ASP D 400 5.21 -26.24 1.13
C ASP D 400 4.57 -25.15 1.98
N LEU D 401 4.94 -25.05 3.25
CA LEU D 401 4.46 -23.96 4.09
C LEU D 401 5.12 -22.64 3.71
N MET D 402 6.40 -22.67 3.31
CA MET D 402 7.01 -21.42 2.88
C MET D 402 6.51 -20.99 1.51
N CYS D 403 6.26 -21.94 0.61
CA CYS D 403 5.57 -21.62 -0.65
C CYS D 403 4.16 -21.09 -0.38
N GLY D 404 3.47 -21.63 0.63
CA GLY D 404 2.17 -21.13 0.99
C GLY D 404 2.20 -19.71 1.52
N VAL D 405 3.19 -19.42 2.38
CA VAL D 405 3.42 -18.07 2.93
C VAL D 405 3.65 -17.07 1.82
N LEU D 406 4.58 -17.38 0.90
CA LEU D 406 4.95 -16.41 -0.14
C LEU D 406 3.86 -16.23 -1.19
N ILE D 407 3.38 -17.33 -1.79
CA ILE D 407 2.48 -17.16 -2.92
C ILE D 407 1.06 -16.85 -2.44
N PHE D 408 0.68 -17.25 -1.24
CA PHE D 408 -0.66 -16.87 -0.74
C PHE D 408 -0.63 -15.49 -0.13
N ALA D 409 0.51 -14.98 0.31
CA ALA D 409 0.60 -13.58 0.68
C ALA D 409 0.48 -12.69 -0.54
N THR D 410 1.14 -13.09 -1.65
CA THR D 410 0.99 -12.41 -2.94
C THR D 410 -0.46 -12.43 -3.42
N ILE D 411 -1.11 -13.59 -3.32
CA ILE D 411 -2.46 -13.76 -3.85
C ILE D 411 -3.52 -12.94 -3.10
N VAL D 412 -3.51 -12.96 -1.79
CA VAL D 412 -4.52 -12.24 -0.96
C VAL D 412 -4.17 -10.76 -0.85
N GLY D 413 -2.93 -10.39 -1.14
CA GLY D 413 -2.60 -8.98 -1.30
C GLY D 413 -3.21 -8.47 -2.59
N ASN D 414 -3.18 -9.30 -3.64
CA ASN D 414 -3.87 -8.94 -4.87
C ASN D 414 -5.38 -8.92 -4.70
N VAL D 415 -5.92 -9.83 -3.88
CA VAL D 415 -7.35 -9.87 -3.60
C VAL D 415 -7.79 -8.63 -2.81
N GLY D 416 -7.00 -8.25 -1.80
CA GLY D 416 -7.30 -7.05 -1.03
C GLY D 416 -7.20 -5.78 -1.86
N SER D 417 -6.24 -5.73 -2.79
CA SER D 417 -6.17 -4.60 -3.71
C SER D 417 -7.35 -4.57 -4.68
N MET D 418 -7.83 -5.75 -5.09
CA MET D 418 -8.93 -5.83 -6.05
C MET D 418 -10.26 -5.41 -5.42
N ILE D 419 -10.50 -5.79 -4.18
CA ILE D 419 -11.75 -5.40 -3.53
C ILE D 419 -11.56 -4.04 -2.82
N SER D 420 -10.34 -3.52 -2.81
CA SER D 420 -10.15 -2.12 -2.43
C SER D 420 -10.43 -1.19 -3.59
N ASN D 421 -10.09 -1.58 -4.83
CA ASN D 421 -10.35 -0.71 -5.97
C ASN D 421 -11.77 -0.77 -6.48
N MET D 422 -12.65 -1.56 -5.85
CA MET D 422 -14.07 -1.50 -6.18
C MET D 422 -14.70 -0.22 -5.62
N SER D 423 -14.04 0.40 -4.63
CA SER D 423 -14.50 1.66 -4.06
C SER D 423 -13.39 2.69 -4.02
N ALA D 424 -12.65 2.86 -5.12
CA ALA D 424 -11.54 3.82 -5.13
C ALA D 424 -12.03 5.24 -5.32
N ALA D 425 -13.16 5.42 -6.01
CA ALA D 425 -13.71 6.76 -6.21
C ALA D 425 -14.27 7.33 -4.92
N TRP D 426 -14.99 6.49 -4.15
CA TRP D 426 -15.50 6.91 -2.85
C TRP D 426 -14.38 7.14 -1.86
N THR D 427 -13.28 6.39 -1.97
CA THR D 427 -12.13 6.58 -1.08
C THR D 427 -11.40 7.88 -1.40
N GLU D 428 -11.22 8.20 -2.68
CA GLU D 428 -10.57 9.46 -3.06
C GLU D 428 -11.46 10.65 -2.72
N PHE D 429 -12.78 10.52 -2.93
CA PHE D 429 -13.75 11.53 -2.55
C PHE D 429 -13.76 11.86 -1.06
N GLN D 430 -13.67 10.84 -0.24
CA GLN D 430 -13.73 10.99 1.22
C GLN D 430 -12.35 11.39 1.75
N ASN D 431 -11.26 11.18 1.01
CA ASN D 431 -9.95 11.67 1.40
C ASN D 431 -9.90 13.17 1.15
N LYS D 432 -10.46 13.61 0.00
CA LYS D 432 -10.58 15.04 -0.27
C LYS D 432 -11.48 15.73 0.74
N MET D 433 -12.61 15.11 1.09
CA MET D 433 -13.52 15.75 2.05
C MET D 433 -12.97 15.70 3.47
N ASP D 434 -12.16 14.70 3.80
CA ASP D 434 -11.46 14.69 5.08
C ASP D 434 -10.42 15.80 5.16
N GLY D 435 -9.74 16.08 4.04
CA GLY D 435 -8.84 17.22 4.00
C GLY D 435 -9.56 18.56 4.18
N ILE D 436 -10.69 18.74 3.51
CA ILE D 436 -11.47 19.99 3.62
C ILE D 436 -12.03 20.13 5.04
N LYS D 437 -12.52 19.03 5.61
CA LYS D 437 -13.10 19.09 6.95
C LYS D 437 -12.06 19.30 8.03
N GLN D 438 -10.84 18.77 7.85
CA GLN D 438 -9.79 19.02 8.83
C GLN D 438 -9.26 20.43 8.73
N TYR D 439 -9.20 20.98 7.50
CA TYR D 439 -8.85 22.38 7.32
C TYR D 439 -9.90 23.32 7.92
N MET D 440 -11.17 22.98 7.80
CA MET D 440 -12.22 23.82 8.36
C MET D 440 -12.34 23.65 9.87
N GLU D 441 -11.95 22.50 10.41
CA GLU D 441 -11.97 22.33 11.85
C GLU D 441 -10.79 23.03 12.50
N LEU D 442 -9.64 23.06 11.82
CA LEU D 442 -8.48 23.75 12.37
C LEU D 442 -8.58 25.26 12.30
N ARG D 443 -9.27 25.80 11.29
CA ARG D 443 -9.22 27.23 11.00
C ARG D 443 -10.42 28.01 11.52
N LYS D 444 -11.33 27.35 12.24
CA LYS D 444 -12.52 27.95 12.89
C LYS D 444 -13.43 28.63 11.87
N VAL D 445 -13.67 27.94 10.75
CA VAL D 445 -14.54 28.46 9.70
C VAL D 445 -15.99 28.40 10.18
N SER D 446 -16.82 29.33 9.70
CA SER D 446 -18.22 29.45 10.12
C SER D 446 -19.03 28.22 9.76
N LYS D 447 -20.06 27.96 10.55
CA LYS D 447 -20.84 26.74 10.40
C LYS D 447 -21.75 26.78 9.17
N GLN D 448 -22.21 27.97 8.78
CA GLN D 448 -22.97 28.13 7.53
C GLN D 448 -22.14 27.76 6.32
N LEU D 449 -20.88 28.19 6.30
CA LEU D 449 -20.00 27.86 5.20
C LEU D 449 -19.55 26.40 5.24
N GLU D 450 -19.47 25.82 6.44
CA GLU D 450 -19.15 24.40 6.58
C GLU D 450 -20.27 23.52 6.02
N ILE D 451 -21.52 23.84 6.37
CA ILE D 451 -22.62 23.04 5.82
C ILE D 451 -22.86 23.37 4.35
N ARG D 452 -22.43 24.55 3.86
CA ARG D 452 -22.47 24.82 2.43
C ARG D 452 -21.49 23.94 1.66
N VAL D 453 -20.27 23.76 2.21
CA VAL D 453 -19.29 22.89 1.58
C VAL D 453 -19.71 21.42 1.65
N ILE D 454 -20.31 21.02 2.79
CA ILE D 454 -20.77 19.65 2.97
C ILE D 454 -21.95 19.33 2.05
N LYS D 455 -22.86 20.28 1.86
CA LYS D 455 -23.96 20.08 0.92
C LYS D 455 -23.50 20.11 -0.54
N TRP D 456 -22.43 20.86 -0.84
CA TRP D 456 -21.83 20.81 -2.16
C TRP D 456 -21.22 19.43 -2.46
N PHE D 457 -20.57 18.84 -1.45
CA PHE D 457 -20.03 17.49 -1.62
C PHE D 457 -21.13 16.44 -1.69
N ASP D 458 -22.24 16.64 -0.97
CA ASP D 458 -23.40 15.76 -1.08
C ASP D 458 -24.02 15.82 -2.47
N TYR D 459 -24.05 17.01 -3.08
CA TYR D 459 -24.56 17.11 -4.45
C TYR D 459 -23.59 16.48 -5.45
N LEU D 460 -22.29 16.60 -5.22
CA LEU D 460 -21.36 15.98 -6.16
C LEU D 460 -21.30 14.47 -6.05
N TRP D 461 -21.62 13.91 -4.88
CA TRP D 461 -21.69 12.46 -4.82
C TRP D 461 -23.06 11.92 -5.24
N THR D 462 -24.14 12.66 -4.96
CA THR D 462 -25.47 12.17 -5.31
C THR D 462 -25.69 12.21 -6.82
N ASN D 463 -25.15 13.23 -7.49
CA ASN D 463 -25.34 13.40 -8.92
C ASN D 463 -24.14 12.92 -9.75
N LYS D 464 -23.08 12.47 -9.09
CA LYS D 464 -21.87 11.89 -9.71
C LYS D 464 -21.19 12.85 -10.69
N GLN D 465 -21.22 14.15 -10.36
CA GLN D 465 -20.65 15.18 -11.21
C GLN D 465 -19.23 15.56 -10.78
N SER D 466 -18.48 14.61 -10.25
CA SER D 466 -17.08 14.84 -9.94
C SER D 466 -16.26 14.94 -11.23
N LEU D 467 -15.05 15.47 -11.11
CA LEU D 467 -14.21 15.68 -12.28
C LEU D 467 -13.67 14.35 -12.78
N SER D 468 -14.46 13.70 -13.63
CA SER D 468 -14.11 12.41 -14.20
C SER D 468 -13.46 12.53 -15.57
N ASP D 469 -13.34 13.74 -16.11
CA ASP D 469 -12.69 13.94 -17.40
C ASP D 469 -11.17 13.96 -17.32
N GLN D 470 -10.60 13.80 -16.12
CA GLN D 470 -9.15 13.62 -15.99
C GLN D 470 -8.68 12.33 -16.63
N GLN D 471 -9.54 11.30 -16.58
CA GLN D 471 -9.24 9.97 -17.13
C GLN D 471 -9.09 10.03 -18.65
N VAL D 472 -10.12 10.53 -19.32
CA VAL D 472 -10.07 10.71 -20.77
C VAL D 472 -9.05 11.78 -21.14
N LEU D 473 -8.78 12.74 -20.23
CA LEU D 473 -7.84 13.83 -20.51
C LEU D 473 -6.40 13.35 -20.57
N LYS D 474 -5.99 12.48 -19.65
CA LYS D 474 -4.59 12.08 -19.64
C LYS D 474 -4.39 10.65 -20.12
N VAL D 475 -5.41 10.00 -20.71
CA VAL D 475 -5.21 8.72 -21.38
C VAL D 475 -5.52 8.79 -22.87
N LEU D 476 -6.65 9.38 -23.25
CA LEU D 476 -7.21 9.19 -24.58
C LEU D 476 -6.71 10.24 -25.57
N PRO D 477 -6.71 9.96 -26.87
CA PRO D 477 -6.37 10.98 -27.86
C PRO D 477 -7.48 12.00 -28.01
N ASP D 478 -7.10 13.19 -28.49
CA ASP D 478 -8.00 14.33 -28.51
C ASP D 478 -9.09 14.17 -29.57
N LYS D 479 -8.88 13.27 -30.53
CA LYS D 479 -9.93 12.98 -31.53
C LYS D 479 -10.97 12.08 -30.88
N LEU D 480 -10.56 11.14 -30.03
CA LEU D 480 -11.49 10.32 -29.27
C LEU D 480 -12.09 11.07 -28.09
N GLN D 481 -11.33 11.98 -27.49
CA GLN D 481 -11.86 12.84 -26.43
C GLN D 481 -12.94 13.77 -26.94
N ALA D 482 -12.72 14.38 -28.11
CA ALA D 482 -13.72 15.29 -28.68
C ALA D 482 -14.95 14.53 -29.15
N GLU D 483 -14.78 13.29 -29.63
CA GLU D 483 -15.93 12.50 -30.03
C GLU D 483 -16.75 12.03 -28.83
N ILE D 484 -16.08 11.69 -27.71
CA ILE D 484 -16.81 11.32 -26.50
C ILE D 484 -17.51 12.55 -25.90
N ALA D 485 -16.84 13.70 -25.89
CA ALA D 485 -17.41 14.91 -25.30
C ALA D 485 -18.55 15.48 -26.14
N MET D 486 -18.50 15.30 -27.47
CA MET D 486 -19.63 15.68 -28.30
C MET D 486 -20.71 14.61 -28.31
N GLN D 487 -20.38 13.39 -27.90
CA GLN D 487 -21.40 12.36 -27.71
C GLN D 487 -22.21 12.61 -26.44
N VAL D 488 -21.54 12.95 -25.35
CA VAL D 488 -22.19 13.04 -24.04
C VAL D 488 -23.05 14.30 -23.95
N HIS D 489 -22.49 15.45 -24.36
CA HIS D 489 -23.16 16.73 -24.24
C HIS D 489 -23.87 17.13 -25.52
N PHE D 490 -24.44 16.18 -26.26
CA PHE D 490 -25.04 16.51 -27.56
C PHE D 490 -26.36 17.26 -27.38
N GLU D 491 -27.16 16.86 -26.40
CA GLU D 491 -28.42 17.55 -26.14
C GLU D 491 -28.20 18.92 -25.51
N THR D 492 -27.07 19.12 -24.82
CA THR D 492 -26.76 20.43 -24.26
C THR D 492 -26.19 21.36 -25.33
N LEU D 493 -25.24 20.87 -26.12
CA LEU D 493 -24.59 21.68 -27.13
C LEU D 493 -25.40 21.80 -28.42
N ARG D 494 -26.54 21.12 -28.50
CA ARG D 494 -27.49 21.36 -29.59
C ARG D 494 -28.33 22.60 -29.31
N LYS D 495 -28.39 23.05 -28.05
CA LYS D 495 -29.13 24.25 -27.68
C LYS D 495 -28.29 25.52 -27.72
N VAL D 496 -26.99 25.41 -28.02
CA VAL D 496 -26.08 26.54 -27.94
C VAL D 496 -26.07 27.26 -29.29
N ARG D 497 -26.40 28.55 -29.27
CA ARG D 497 -26.57 29.31 -30.50
C ARG D 497 -25.25 29.73 -31.14
N ILE D 498 -24.16 29.81 -30.37
CA ILE D 498 -22.87 30.11 -30.99
C ILE D 498 -22.27 28.87 -31.64
N PHE D 499 -22.79 27.68 -31.33
CA PHE D 499 -22.30 26.43 -31.90
C PHE D 499 -23.18 25.92 -33.02
N GLN D 500 -24.49 26.14 -32.94
CA GLN D 500 -25.39 25.59 -33.95
C GLN D 500 -25.70 26.56 -35.08
N ASP D 501 -25.29 27.83 -34.98
CA ASP D 501 -25.51 28.80 -36.05
C ASP D 501 -24.21 29.13 -36.76
N CYS D 502 -23.22 28.24 -36.65
CA CYS D 502 -21.88 28.51 -37.15
C CYS D 502 -21.27 27.20 -37.63
N GLU D 503 -19.95 27.19 -37.79
CA GLU D 503 -19.25 26.04 -38.32
C GLU D 503 -18.97 25.00 -37.23
N ALA D 504 -18.84 23.75 -37.65
CA ALA D 504 -18.62 22.66 -36.70
C ALA D 504 -17.19 22.61 -36.18
N GLY D 505 -16.26 23.28 -36.89
CA GLY D 505 -14.89 23.33 -36.43
C GLY D 505 -14.71 24.13 -35.15
N LEU D 506 -15.59 25.10 -34.93
CA LEU D 506 -15.57 25.88 -33.70
C LEU D 506 -15.94 25.04 -32.50
N LEU D 507 -17.00 24.21 -32.63
CA LEU D 507 -17.39 23.32 -31.55
C LEU D 507 -16.35 22.22 -31.34
N ALA D 508 -15.77 21.73 -32.43
CA ALA D 508 -14.72 20.70 -32.32
C ALA D 508 -13.45 21.25 -31.68
N GLU D 509 -13.17 22.54 -31.88
CA GLU D 509 -12.06 23.19 -31.20
C GLU D 509 -12.36 23.42 -29.73
N LEU D 510 -13.57 23.93 -29.44
CA LEU D 510 -13.86 24.43 -28.11
C LEU D 510 -14.36 23.36 -27.14
N VAL D 511 -14.71 22.17 -27.62
CA VAL D 511 -15.40 21.21 -26.76
C VAL D 511 -14.45 20.57 -25.75
N LEU D 512 -13.14 20.66 -25.99
CA LEU D 512 -12.19 20.14 -25.02
C LEU D 512 -11.71 21.20 -24.04
N LYS D 513 -11.90 22.48 -24.36
CA LYS D 513 -11.51 23.56 -23.47
C LYS D 513 -12.62 23.97 -22.52
N LEU D 514 -13.78 23.32 -22.57
CA LEU D 514 -14.85 23.60 -21.63
C LEU D 514 -14.66 22.79 -20.35
N GLN D 515 -14.81 23.45 -19.21
CA GLN D 515 -14.67 22.81 -17.92
C GLN D 515 -15.99 22.88 -17.16
N LEU D 516 -16.36 21.76 -16.55
CA LEU D 516 -17.61 21.68 -15.80
C LEU D 516 -17.38 22.12 -14.37
N GLN D 517 -18.12 23.13 -13.93
CA GLN D 517 -18.03 23.65 -12.58
C GLN D 517 -19.41 23.68 -11.97
N VAL D 518 -19.53 23.19 -10.75
CA VAL D 518 -20.81 23.04 -10.06
C VAL D 518 -20.94 24.16 -9.03
N PHE D 519 -22.05 24.89 -9.09
CA PHE D 519 -22.28 26.02 -8.22
C PHE D 519 -23.44 25.73 -7.28
N SER D 520 -23.35 26.27 -6.06
CA SER D 520 -24.37 26.06 -5.05
C SER D 520 -25.61 26.91 -5.37
N PRO D 521 -26.76 26.63 -4.74
CA PRO D 521 -27.91 27.53 -4.91
C PRO D 521 -27.71 28.85 -4.19
N GLY D 522 -28.10 29.93 -4.86
CA GLY D 522 -27.88 31.25 -4.35
C GLY D 522 -26.51 31.82 -4.61
N ASP D 523 -25.64 31.08 -5.30
CA ASP D 523 -24.31 31.57 -5.61
C ASP D 523 -24.37 32.63 -6.71
N PHE D 524 -23.53 33.64 -6.57
CA PHE D 524 -23.37 34.67 -7.58
C PHE D 524 -22.22 34.24 -8.48
N ILE D 525 -22.54 33.79 -9.68
CA ILE D 525 -21.53 33.44 -10.66
C ILE D 525 -20.87 34.71 -11.20
N CYS D 526 -21.68 35.71 -11.53
CA CYS D 526 -21.20 37.00 -11.99
C CYS D 526 -21.91 38.09 -11.21
N LYS D 527 -21.17 39.12 -10.82
CA LYS D 527 -21.79 40.37 -10.39
C LYS D 527 -20.92 41.53 -10.84
N LYS D 528 -21.53 42.74 -10.85
CA LYS D 528 -21.05 43.87 -11.64
C LYS D 528 -19.69 44.41 -11.20
N GLY D 529 -19.36 44.30 -9.91
CA GLY D 529 -18.07 44.80 -9.46
C GLY D 529 -16.90 43.91 -9.85
N ASP D 530 -17.16 42.63 -10.04
CA ASP D 530 -16.09 41.69 -10.35
C ASP D 530 -15.66 41.84 -11.80
N ILE D 531 -14.42 41.42 -12.08
CA ILE D 531 -13.89 41.39 -13.42
C ILE D 531 -14.09 40.00 -13.97
N GLY D 532 -14.16 39.90 -15.30
CA GLY D 532 -14.47 38.62 -15.92
C GLY D 532 -13.38 38.08 -16.81
N ARG D 533 -12.93 36.87 -16.52
CA ARG D 533 -11.95 36.18 -17.33
C ARG D 533 -12.53 34.97 -18.05
N GLU D 534 -13.83 34.70 -17.90
CA GLU D 534 -14.44 33.46 -18.34
C GLU D 534 -15.83 33.71 -18.90
N MET D 535 -16.28 32.82 -19.78
CA MET D 535 -17.68 32.73 -20.15
C MET D 535 -18.24 31.40 -19.66
N TYR D 536 -19.57 31.31 -19.68
CA TYR D 536 -20.27 30.17 -19.09
C TYR D 536 -21.37 29.71 -20.02
N ILE D 537 -21.44 28.41 -20.26
CA ILE D 537 -22.55 27.78 -20.97
C ILE D 537 -23.22 26.83 -19.99
N VAL D 538 -24.54 26.87 -19.93
CA VAL D 538 -25.27 26.16 -18.89
C VAL D 538 -25.42 24.69 -19.30
N LYS D 539 -24.79 23.79 -18.56
CA LYS D 539 -24.97 22.37 -18.77
C LYS D 539 -26.23 21.86 -18.08
N ARG D 540 -26.40 22.22 -16.81
CA ARG D 540 -27.61 21.90 -16.07
C ARG D 540 -27.93 23.11 -15.20
N GLY D 541 -29.17 23.19 -14.75
CA GLY D 541 -29.52 24.18 -13.78
C GLY D 541 -30.27 25.37 -14.36
N ARG D 542 -30.75 26.21 -13.46
CA ARG D 542 -31.47 27.43 -13.80
C ARG D 542 -30.81 28.60 -13.08
N LEU D 543 -30.70 29.73 -13.79
CA LEU D 543 -30.10 30.93 -13.23
C LEU D 543 -31.05 32.10 -13.41
N GLN D 544 -30.72 33.22 -12.78
CA GLN D 544 -31.54 34.41 -12.83
C GLN D 544 -30.65 35.64 -12.88
N VAL D 545 -30.96 36.55 -13.79
CA VAL D 545 -30.26 37.83 -13.89
C VAL D 545 -30.96 38.83 -12.98
N VAL D 546 -30.31 39.20 -11.88
CA VAL D 546 -30.94 39.98 -10.83
C VAL D 546 -30.28 41.35 -10.71
N ASP D 547 -30.84 42.19 -9.85
CA ASP D 547 -30.25 43.48 -9.54
C ASP D 547 -29.34 43.37 -8.32
N ASP D 548 -28.89 44.52 -7.82
CA ASP D 548 -28.02 44.53 -6.65
C ASP D 548 -28.80 44.26 -5.36
N ASP D 549 -30.11 44.50 -5.37
CA ASP D 549 -30.90 44.12 -4.20
C ASP D 549 -31.17 42.63 -4.15
N GLY D 550 -31.07 41.95 -5.30
CA GLY D 550 -31.32 40.53 -5.39
C GLY D 550 -32.78 40.13 -5.49
N LYS D 551 -33.69 41.10 -5.62
CA LYS D 551 -35.11 40.82 -5.69
C LYS D 551 -35.62 40.85 -7.12
N LYS D 552 -35.37 41.92 -7.87
CA LYS D 552 -35.93 42.05 -9.19
C LYS D 552 -35.16 41.22 -10.21
N VAL D 553 -35.88 40.35 -10.91
CA VAL D 553 -35.30 39.43 -11.88
C VAL D 553 -35.65 39.93 -13.29
N PHE D 554 -34.64 40.01 -14.14
CA PHE D 554 -34.86 40.46 -15.52
C PHE D 554 -35.17 39.31 -16.44
N VAL D 555 -34.26 38.33 -16.52
CA VAL D 555 -34.40 37.20 -17.43
C VAL D 555 -33.76 35.98 -16.76
N THR D 556 -34.40 34.83 -16.93
CA THR D 556 -33.86 33.59 -16.42
C THR D 556 -33.03 32.88 -17.49
N LEU D 557 -32.10 32.05 -17.03
CA LEU D 557 -31.20 31.33 -17.91
C LEU D 557 -31.37 29.84 -17.68
N GLN D 558 -31.64 29.10 -18.76
CA GLN D 558 -31.93 27.69 -18.72
C GLN D 558 -30.77 26.93 -19.34
N GLU D 559 -30.93 25.62 -19.53
CA GLU D 559 -29.90 24.77 -20.11
C GLU D 559 -29.62 25.16 -21.57
N GLY D 560 -28.34 25.35 -21.88
CA GLY D 560 -27.93 25.78 -23.19
C GLY D 560 -27.77 27.28 -23.36
N SER D 561 -28.05 28.06 -22.33
CA SER D 561 -27.90 29.50 -22.42
C SER D 561 -26.43 29.89 -22.34
N VAL D 562 -26.09 30.98 -23.02
CA VAL D 562 -24.74 31.49 -23.07
C VAL D 562 -24.73 32.84 -22.38
N PHE D 563 -23.86 32.98 -21.37
CA PHE D 563 -23.73 34.23 -20.64
C PHE D 563 -22.29 34.36 -20.19
N GLY D 564 -21.94 35.57 -19.75
CA GLY D 564 -20.61 35.85 -19.31
C GLY D 564 -19.64 36.26 -20.39
N GLU D 565 -20.12 36.49 -21.61
CA GLU D 565 -19.22 36.81 -22.72
C GLU D 565 -18.99 38.30 -22.89
N LEU D 566 -19.81 39.16 -22.26
CA LEU D 566 -19.69 40.60 -22.45
C LEU D 566 -18.41 41.16 -21.85
N SER D 567 -17.90 40.53 -20.80
CA SER D 567 -16.68 41.01 -20.17
C SER D 567 -15.44 40.65 -20.97
N ILE D 568 -15.46 39.51 -21.68
CA ILE D 568 -14.25 39.01 -22.31
C ILE D 568 -14.21 39.33 -23.79
N LEU D 569 -15.38 39.57 -24.39
CA LEU D 569 -15.38 40.24 -25.69
C LEU D 569 -15.04 41.71 -25.49
N ASN D 570 -14.27 42.26 -26.41
CA ASN D 570 -13.74 43.60 -26.27
C ASN D 570 -14.54 44.54 -27.16
N ILE D 571 -15.55 45.16 -26.57
CA ILE D 571 -16.35 46.18 -27.25
C ILE D 571 -16.04 47.53 -26.62
N ALA D 572 -15.62 48.48 -27.45
CA ALA D 572 -15.30 49.83 -26.97
C ALA D 572 -16.50 50.77 -26.99
N GLY D 573 -17.71 50.26 -27.21
CA GLY D 573 -18.90 51.07 -27.31
C GLY D 573 -19.60 51.40 -26.01
N SER D 574 -19.22 50.77 -24.90
CA SER D 574 -19.86 51.03 -23.62
C SER D 574 -18.81 51.26 -22.55
N LYS D 575 -19.28 51.64 -21.37
CA LYS D 575 -18.42 52.14 -20.31
C LYS D 575 -17.74 51.03 -19.51
N ASN D 576 -18.20 49.78 -19.62
CA ASN D 576 -17.74 48.73 -18.73
C ASN D 576 -16.39 48.18 -19.13
N GLY D 577 -16.30 47.59 -20.32
CA GLY D 577 -15.07 46.95 -20.75
C GLY D 577 -14.88 45.58 -20.15
N ASN D 578 -13.99 45.48 -19.16
CA ASN D 578 -13.70 44.20 -18.54
C ASN D 578 -14.66 43.89 -17.40
N ARG D 579 -15.54 44.82 -17.04
CA ARG D 579 -16.48 44.60 -15.95
C ARG D 579 -17.64 43.72 -16.38
N ARG D 580 -18.21 43.02 -15.42
CA ARG D 580 -19.49 42.34 -15.65
C ARG D 580 -20.61 43.37 -15.71
N THR D 581 -21.54 43.17 -16.64
CA THR D 581 -22.63 44.13 -16.83
C THR D 581 -23.90 43.75 -16.07
N ALA D 582 -23.95 42.57 -15.46
CA ALA D 582 -25.16 42.14 -14.80
C ALA D 582 -24.82 41.20 -13.66
N ASN D 583 -25.82 40.94 -12.81
CA ASN D 583 -25.71 40.05 -11.66
C ASN D 583 -26.48 38.78 -11.99
N VAL D 584 -25.76 37.69 -12.29
CA VAL D 584 -26.44 36.42 -12.41
C VAL D 584 -26.31 35.64 -11.10
N ARG D 585 -27.30 34.79 -10.84
CA ARG D 585 -27.40 34.11 -9.57
C ARG D 585 -28.03 32.76 -9.79
N SER D 586 -27.41 31.72 -9.23
CA SER D 586 -27.90 30.37 -9.40
C SER D 586 -29.14 30.14 -8.54
N VAL D 587 -30.17 29.58 -9.14
CA VAL D 587 -31.42 29.30 -8.44
C VAL D 587 -31.24 28.04 -7.61
N GLY D 588 -30.94 26.94 -8.28
CA GLY D 588 -30.55 25.70 -7.63
C GLY D 588 -29.09 25.40 -7.83
N TYR D 589 -28.76 24.12 -7.80
CA TYR D 589 -27.41 23.72 -8.18
C TYR D 589 -27.24 23.80 -9.69
N THR D 590 -26.10 24.30 -10.13
CA THR D 590 -25.93 24.65 -11.53
C THR D 590 -24.58 24.14 -12.02
N ASP D 591 -24.60 23.28 -13.03
CA ASP D 591 -23.39 22.94 -13.75
C ASP D 591 -23.20 23.91 -14.91
N LEU D 592 -21.95 24.32 -15.14
CA LEU D 592 -21.66 25.33 -16.14
C LEU D 592 -20.45 24.91 -16.94
N PHE D 593 -20.51 25.14 -18.26
CA PHE D 593 -19.37 24.91 -19.15
C PHE D 593 -18.53 26.19 -19.18
N VAL D 594 -17.50 26.21 -18.35
CA VAL D 594 -16.64 27.39 -18.27
C VAL D 594 -15.60 27.35 -19.38
N LEU D 595 -15.36 28.52 -19.97
CA LEU D 595 -14.41 28.66 -21.07
C LEU D 595 -13.63 29.94 -20.87
N SER D 596 -12.30 29.83 -20.95
CA SER D 596 -11.42 30.95 -20.67
C SER D 596 -11.51 32.03 -21.75
N LYS D 597 -11.00 33.21 -21.42
CA LYS D 597 -10.93 34.29 -22.39
C LYS D 597 -9.92 33.99 -23.49
N THR D 598 -8.82 33.33 -23.11
CA THR D 598 -7.76 33.00 -24.07
C THR D 598 -8.21 31.93 -25.05
N ASP D 599 -8.89 30.89 -24.59
CA ASP D 599 -9.31 29.79 -25.46
C ASP D 599 -10.42 30.22 -26.40
N LEU D 600 -11.35 31.04 -25.89
CA LEU D 600 -12.38 31.65 -26.71
C LEU D 600 -11.78 32.56 -27.77
N TRP D 601 -10.79 33.37 -27.41
CA TRP D 601 -10.25 34.28 -28.41
C TRP D 601 -9.29 33.60 -29.38
N ASN D 602 -8.73 32.44 -29.01
CA ASN D 602 -8.06 31.58 -29.98
C ASN D 602 -9.03 31.07 -31.03
N ALA D 603 -10.15 30.48 -30.58
CA ALA D 603 -11.12 29.95 -31.53
C ALA D 603 -11.90 31.04 -32.25
N LEU D 604 -11.90 32.26 -31.74
CA LEU D 604 -12.53 33.38 -32.44
C LEU D 604 -11.60 34.07 -33.42
N ARG D 605 -10.29 34.06 -33.14
CA ARG D 605 -9.34 34.55 -34.14
C ARG D 605 -9.21 33.57 -35.29
N GLU D 606 -9.42 32.27 -35.05
CA GLU D 606 -9.39 31.33 -36.16
C GLU D 606 -10.70 31.30 -36.93
N TYR D 607 -11.83 31.41 -36.23
CA TYR D 607 -13.15 31.36 -36.87
C TYR D 607 -13.82 32.72 -36.81
N PRO D 608 -13.96 33.43 -37.93
CA PRO D 608 -14.41 34.83 -37.87
C PRO D 608 -15.92 35.03 -37.77
N ASP D 609 -16.70 34.06 -38.25
CA ASP D 609 -18.14 34.23 -38.31
C ASP D 609 -18.77 34.13 -36.92
N ALA D 610 -18.23 33.25 -36.07
CA ALA D 610 -18.65 33.19 -34.67
C ALA D 610 -18.27 34.46 -33.92
N ARG D 611 -17.13 35.06 -34.27
CA ARG D 611 -16.74 36.35 -33.70
C ARG D 611 -17.71 37.44 -34.11
N LYS D 612 -18.16 37.42 -35.37
CA LYS D 612 -19.12 38.43 -35.85
C LYS D 612 -20.47 38.28 -35.17
N LEU D 613 -20.96 37.04 -35.00
CA LEU D 613 -22.22 36.82 -34.28
C LEU D 613 -22.13 37.16 -32.80
N LEU D 614 -20.99 36.84 -32.16
CA LEU D 614 -20.82 37.13 -30.73
C LEU D 614 -20.73 38.63 -30.47
N LEU D 615 -19.93 39.36 -31.26
CA LEU D 615 -19.85 40.81 -31.06
C LEU D 615 -21.12 41.52 -31.52
N ALA D 616 -21.86 40.95 -32.47
CA ALA D 616 -23.11 41.55 -32.92
C ALA D 616 -24.18 41.47 -31.83
N LYS D 617 -24.39 40.28 -31.26
CA LYS D 617 -25.40 40.16 -30.22
C LYS D 617 -24.93 40.79 -28.90
N GLY D 618 -23.61 40.88 -28.68
CA GLY D 618 -23.12 41.55 -27.50
C GLY D 618 -23.29 43.05 -27.56
N ARG D 619 -23.03 43.64 -28.73
CA ARG D 619 -23.26 45.07 -28.89
C ARG D 619 -24.75 45.37 -28.92
N GLU D 620 -25.58 44.43 -29.39
CA GLU D 620 -27.03 44.62 -29.37
C GLU D 620 -27.58 44.62 -27.94
N ILE D 621 -27.11 43.72 -27.08
CA ILE D 621 -27.61 43.75 -25.70
C ILE D 621 -26.94 44.87 -24.89
N LEU D 622 -25.75 45.30 -25.30
CA LEU D 622 -25.12 46.42 -24.61
C LEU D 622 -25.75 47.75 -24.98
N LYS D 623 -26.26 47.89 -26.21
CA LYS D 623 -26.92 49.14 -26.59
C LYS D 623 -28.41 49.24 -26.32
N LYS D 624 -29.11 48.14 -26.00
CA LYS D 624 -30.38 48.36 -25.30
C LYS D 624 -30.18 48.46 -23.79
N ASP D 625 -29.02 48.02 -23.30
CA ASP D 625 -28.68 48.17 -21.88
C ASP D 625 -27.78 49.40 -21.75
#